data_3GLM
#
_entry.id   3GLM
#
_cell.length_a   101.500
_cell.length_b   167.450
_cell.length_c   138.110
_cell.angle_alpha   90.000
_cell.angle_beta   89.980
_cell.angle_gamma   90.000
#
_symmetry.space_group_name_H-M   'C 1 2 1'
#
loop_
_entity.id
_entity.type
_entity.pdbx_description
1 polymer 'Glutaconyl-CoA decarboxylase subunit A'
2 non-polymer 'CHLORIDE ION'
3 non-polymer 'CROTONYL COENZYME A'
4 water water
#
_entity_poly.entity_id   1
_entity_poly.type   'polypeptide(L)'
_entity_poly.pdbx_seq_one_letter_code
;MNMYSMPGYFQNMPTIGKELVNPNPENEQEIKAVESDIHESIKKALDAGITSEEKLNERGQLSAMQRINALIDPGTWCPL
NSLFNPENNKFGTTNIVNGLGRVDGKWVYIVASDNKKMAGAWVPGQAENLIRCSDAAKMMHLPLIYLLNCSGVEFPNQDK
VYPNRRGGGTPFFRNSELNQLGIPVIVGIYGTNPAGGGYHSISPTILIAHQDANMAVGGAGILSGMNPKGYIDDEAAEQI
IAAQIENSKLKVPAPGSVPIHYDETGFFREVYQNDLGVIDGIKKYISYLPAYNLEFFRVDTPKAPQLPAEDLYSIIPMNQ
KRPYDIYEVIARLFDNSEFSEYKKGYGPEMVTGLAKVNGLLVGVIANVQGLLMNYPEYKQNSVGIGGKLYRQGLIKMNEF
VTLCARDRIPLIWLQDTTGIDVGDEAEKAELLGLGQSLIYSIENSKLPSLEITIRKASAAAHYVLGGPQGNNTNVFSIGT
GACEYYVMPGETAANAMYSRKLVKAKKAGEDLQPIIGKMNDMIQMYTDKSRPKYCTEKGMVDEIVDMTEVRPYIQAFTEA
AYQNPQSICPMHQMLTPRSTREFETFGK
;
_entity_poly.pdbx_strand_id   A,B,C,D
#
loop_
_chem_comp.id
_chem_comp.type
_chem_comp.name
_chem_comp.formula
CL non-polymer 'CHLORIDE ION' 'Cl -1'
COO non-polymer 'CROTONYL COENZYME A' 'C25 H40 N7 O17 P3 S'
#
# COMPACT_ATOMS: atom_id res chain seq x y z
N MET A 3 29.87 -12.84 14.63
CA MET A 3 28.60 -13.28 13.97
C MET A 3 27.58 -12.13 13.84
N TYR A 4 27.99 -10.89 14.12
CA TYR A 4 27.07 -9.73 14.00
C TYR A 4 27.65 -8.54 13.25
N SER A 5 26.77 -7.79 12.59
CA SER A 5 27.17 -6.61 11.84
C SER A 5 27.59 -5.46 12.76
N MET A 6 28.65 -4.78 12.35
CA MET A 6 29.01 -3.47 12.92
C MET A 6 29.08 -3.48 14.44
N PRO A 7 29.97 -4.31 15.02
CA PRO A 7 30.06 -4.32 16.49
C PRO A 7 30.53 -2.96 17.01
N GLY A 8 31.25 -2.23 16.16
CA GLY A 8 31.77 -0.93 16.53
C GLY A 8 30.68 0.05 16.86
N TYR A 9 29.50 -0.16 16.27
CA TYR A 9 28.30 0.63 16.57
C TYR A 9 27.39 -0.04 17.59
N PHE A 10 27.25 -1.36 17.46
CA PHE A 10 26.15 -2.07 18.13
C PHE A 10 26.56 -2.87 19.35
N GLN A 11 27.86 -3.17 19.47
CA GLN A 11 28.37 -3.81 20.67
C GLN A 11 29.15 -2.81 21.52
N ASN A 12 29.30 -3.11 22.81
CA ASN A 12 30.03 -2.25 23.73
C ASN A 12 29.57 -0.79 23.63
N MET A 13 28.25 -0.60 23.60
CA MET A 13 27.65 0.73 23.72
C MET A 13 27.99 1.29 25.12
N PRO A 14 27.91 2.60 25.31
CA PRO A 14 28.04 3.09 26.68
C PRO A 14 27.12 2.31 27.62
N THR A 15 27.65 1.95 28.79
CA THR A 15 26.82 1.35 29.83
C THR A 15 26.32 2.46 30.74
N ILE A 16 25.16 2.24 31.32
CA ILE A 16 24.54 3.24 32.17
C ILE A 16 23.98 2.59 33.42
N GLY A 17 23.71 3.41 34.44
CA GLY A 17 23.13 2.93 35.69
C GLY A 17 24.17 2.66 36.77
N LYS A 18 23.81 2.98 38.02
CA LYS A 18 24.63 2.69 39.17
C LYS A 18 24.05 1.49 39.88
N GLU A 19 24.91 0.80 40.64
CA GLU A 19 24.48 -0.15 41.65
C GLU A 19 23.65 0.63 42.69
N LEU A 20 22.50 0.07 43.07
CA LEU A 20 21.60 0.75 44.02
C LEU A 20 22.19 0.74 45.43
N VAL A 21 22.58 1.91 45.90
CA VAL A 21 23.25 2.03 47.18
C VAL A 21 22.25 2.21 48.34
N ASN A 22 21.14 2.89 48.07
CA ASN A 22 20.14 3.16 49.12
C ASN A 22 18.73 2.65 48.82
N PRO A 23 18.45 1.39 49.18
CA PRO A 23 17.13 0.81 48.94
C PRO A 23 16.05 1.60 49.67
N ASN A 24 14.83 1.55 49.18
CA ASN A 24 13.73 2.23 49.83
C ASN A 24 12.60 1.26 50.10
N PRO A 25 12.65 0.59 51.27
CA PRO A 25 11.73 -0.52 51.58
C PRO A 25 10.27 -0.07 51.62
N GLU A 26 10.06 1.17 52.05
CA GLU A 26 8.73 1.73 52.21
C GLU A 26 8.11 2.01 50.85
N ASN A 27 8.92 2.57 49.94
CA ASN A 27 8.54 2.76 48.55
C ASN A 27 8.19 1.43 47.88
N GLU A 28 9.09 0.46 48.02
CA GLU A 28 8.92 -0.91 47.54
C GLU A 28 7.60 -1.50 48.04
N GLN A 29 7.36 -1.34 49.34
CA GLN A 29 6.14 -1.80 49.97
C GLN A 29 4.90 -1.16 49.34
N GLU A 30 4.98 0.14 49.03
CA GLU A 30 3.88 0.86 48.38
C GLU A 30 3.58 0.37 46.97
N ILE A 31 4.62 0.20 46.16
CA ILE A 31 4.51 -0.35 44.80
C ILE A 31 3.97 -1.78 44.84
N LYS A 32 4.57 -2.62 45.67
CA LYS A 32 4.15 -4.01 45.76
C LYS A 32 2.71 -4.17 46.26
N ALA A 33 2.26 -3.21 47.06
CA ALA A 33 0.85 -3.17 47.49
C ALA A 33 -0.10 -2.98 46.32
N VAL A 34 0.27 -2.11 45.38
CA VAL A 34 -0.49 -1.90 44.16
C VAL A 34 -0.47 -3.18 43.31
N GLU A 35 0.73 -3.72 43.11
CA GLU A 35 0.93 -4.97 42.36
C GLU A 35 0.13 -6.12 42.95
N SER A 36 0.17 -6.28 44.27
CA SER A 36 -0.58 -7.33 44.95
C SER A 36 -2.07 -7.20 44.69
N ASP A 37 -2.56 -5.96 44.70
CA ASP A 37 -3.98 -5.70 44.52
C ASP A 37 -4.42 -6.04 43.09
N ILE A 38 -3.56 -5.74 42.12
CA ILE A 38 -3.76 -6.17 40.73
C ILE A 38 -3.86 -7.70 40.62
N HIS A 39 -2.86 -8.40 41.17
CA HIS A 39 -2.81 -9.88 41.12
C HIS A 39 -4.03 -10.55 41.76
N GLU A 40 -4.45 -10.03 42.92
CA GLU A 40 -5.62 -10.54 43.63
C GLU A 40 -6.87 -10.28 42.82
N SER A 41 -6.99 -9.08 42.26
CA SER A 41 -8.11 -8.74 41.40
C SER A 41 -8.12 -9.62 40.14
N ILE A 42 -6.96 -9.80 39.50
CA ILE A 42 -6.85 -10.68 38.35
C ILE A 42 -7.26 -12.10 38.71
N LYS A 43 -6.80 -12.56 39.87
CA LYS A 43 -7.13 -13.90 40.37
C LYS A 43 -8.62 -14.03 40.61
N LYS A 44 -9.18 -13.09 41.36
CA LYS A 44 -10.61 -13.11 41.69
C LYS A 44 -11.46 -13.09 40.41
N ALA A 45 -11.00 -12.34 39.41
CA ALA A 45 -11.70 -12.24 38.12
C ALA A 45 -11.63 -13.52 37.30
N LEU A 46 -10.46 -14.14 37.24
CA LEU A 46 -10.28 -15.38 36.51
C LEU A 46 -11.07 -16.53 37.13
N ASP A 47 -11.32 -16.45 38.43
CA ASP A 47 -11.99 -17.55 39.13
C ASP A 47 -13.50 -17.35 39.21
N ALA A 48 -13.94 -16.12 38.96
CA ALA A 48 -15.35 -15.79 38.94
C ALA A 48 -16.11 -16.53 37.82
N GLY A 49 -17.42 -16.61 37.98
CA GLY A 49 -18.26 -17.31 37.01
C GLY A 49 -19.01 -18.42 37.71
N ILE A 50 -20.09 -18.89 37.08
CA ILE A 50 -20.93 -19.90 37.71
C ILE A 50 -20.29 -21.30 37.68
N THR A 51 -19.58 -21.61 36.59
CA THR A 51 -18.89 -22.89 36.43
C THR A 51 -17.40 -22.74 36.72
N SER A 52 -16.91 -23.46 37.73
CA SER A 52 -15.51 -23.36 38.15
C SER A 52 -14.58 -24.15 37.24
N GLU A 53 -13.29 -23.96 37.41
CA GLU A 53 -12.29 -24.76 36.72
C GLU A 53 -12.46 -26.25 37.09
N GLU A 54 -12.77 -26.49 38.38
CA GLU A 54 -13.08 -27.82 38.88
C GLU A 54 -14.23 -28.49 38.11
N LYS A 55 -15.36 -27.80 38.00
CA LYS A 55 -16.53 -28.35 37.32
C LYS A 55 -16.27 -28.54 35.82
N LEU A 56 -15.52 -27.60 35.23
CA LEU A 56 -15.07 -27.69 33.85
C LEU A 56 -14.29 -28.97 33.63
N ASN A 57 -13.27 -29.18 34.45
CA ASN A 57 -12.44 -30.37 34.39
C ASN A 57 -13.23 -31.69 34.58
N GLU A 58 -14.19 -31.69 35.51
CA GLU A 58 -15.05 -32.87 35.76
C GLU A 58 -15.77 -33.37 34.51
N ARG A 59 -16.30 -32.46 33.71
CA ARG A 59 -16.96 -32.86 32.47
C ARG A 59 -16.10 -32.73 31.23
N GLY A 60 -14.79 -32.72 31.43
CA GLY A 60 -13.82 -32.96 30.36
C GLY A 60 -13.30 -31.74 29.63
N GLN A 61 -13.42 -30.57 30.28
CA GLN A 61 -13.03 -29.33 29.64
C GLN A 61 -12.01 -28.57 30.43
N LEU A 62 -11.20 -27.79 29.72
CA LEU A 62 -10.22 -26.94 30.36
C LEU A 62 -10.70 -25.50 30.39
N SER A 63 -10.27 -24.78 31.41
CA SER A 63 -10.52 -23.37 31.52
C SER A 63 -9.62 -22.64 30.54
N ALA A 64 -9.94 -21.37 30.31
CA ALA A 64 -9.16 -20.51 29.44
C ALA A 64 -7.67 -20.54 29.78
N MET A 65 -7.35 -20.40 31.07
CA MET A 65 -5.95 -20.37 31.51
C MET A 65 -5.26 -21.71 31.38
N GLN A 66 -6.01 -22.79 31.53
CA GLN A 66 -5.44 -24.12 31.34
C GLN A 66 -5.12 -24.32 29.87
N ARG A 67 -5.98 -23.81 28.99
CA ARG A 67 -5.76 -23.95 27.56
C ARG A 67 -4.56 -23.13 27.12
N ILE A 68 -4.45 -21.92 27.65
CA ILE A 68 -3.33 -21.04 27.37
C ILE A 68 -2.03 -21.69 27.87
N ASN A 69 -2.02 -22.05 29.16
CA ASN A 69 -0.83 -22.64 29.75
C ASN A 69 -0.41 -23.90 29.03
N ALA A 70 -1.37 -24.65 28.52
CA ALA A 70 -1.06 -25.82 27.70
C ALA A 70 -0.47 -25.40 26.36
N LEU A 71 -0.86 -24.24 25.86
CA LEU A 71 -0.46 -23.82 24.53
C LEU A 71 0.94 -23.21 24.56
N ILE A 72 1.23 -22.44 25.60
CA ILE A 72 2.43 -21.60 25.62
C ILE A 72 3.65 -22.23 26.29
N ASP A 73 4.83 -21.77 25.87
CA ASP A 73 6.08 -22.06 26.54
C ASP A 73 5.96 -21.45 27.93
N PRO A 74 6.22 -22.24 28.97
CA PRO A 74 6.09 -21.79 30.36
C PRO A 74 6.87 -20.52 30.68
N GLY A 75 6.21 -19.59 31.38
CA GLY A 75 6.81 -18.31 31.75
C GLY A 75 6.81 -17.24 30.68
N THR A 76 6.14 -17.48 29.56
CA THR A 76 6.14 -16.48 28.47
C THR A 76 4.79 -15.77 28.33
N TRP A 77 3.91 -15.97 29.31
CA TRP A 77 2.60 -15.34 29.32
C TRP A 77 2.68 -13.88 29.73
N CYS A 78 2.29 -13.03 28.80
CA CYS A 78 2.14 -11.61 29.00
C CYS A 78 0.68 -11.26 28.81
N PRO A 79 -0.13 -11.35 29.89
CA PRO A 79 -1.54 -11.02 29.76
C PRO A 79 -1.71 -9.53 29.51
N LEU A 80 -2.76 -9.20 28.76
CA LEU A 80 -3.15 -7.84 28.48
C LEU A 80 -4.65 -7.76 28.73
N ASN A 81 -5.08 -6.63 29.28
CA ASN A 81 -6.51 -6.39 29.53
C ASN A 81 -7.09 -7.36 30.55
N SER A 82 -6.22 -7.86 31.44
CA SER A 82 -6.64 -8.80 32.49
C SER A 82 -7.82 -8.25 33.28
N LEU A 83 -7.74 -6.96 33.63
CA LEU A 83 -8.77 -6.30 34.40
C LEU A 83 -9.65 -5.38 33.58
N PHE A 84 -9.54 -5.46 32.24
CA PHE A 84 -10.33 -4.58 31.39
C PHE A 84 -11.80 -4.89 31.62
N ASN A 85 -12.53 -3.87 32.05
CA ASN A 85 -13.94 -4.00 32.39
C ASN A 85 -14.64 -2.65 32.30
N PRO A 86 -14.64 -2.03 31.10
CA PRO A 86 -15.13 -0.65 30.99
C PRO A 86 -16.58 -0.47 31.40
N GLU A 87 -17.39 -1.53 31.26
CA GLU A 87 -18.83 -1.46 31.56
C GLU A 87 -19.24 -1.95 32.96
N ASN A 88 -18.28 -2.34 33.80
CA ASN A 88 -18.54 -2.87 35.13
C ASN A 88 -19.40 -4.13 35.15
N ASN A 89 -18.99 -5.15 34.40
CA ASN A 89 -19.62 -6.47 34.48
C ASN A 89 -19.34 -7.06 35.86
N LYS A 90 -20.33 -7.76 36.42
CA LYS A 90 -20.20 -8.36 37.74
C LYS A 90 -18.95 -9.25 37.86
N PHE A 91 -18.73 -10.12 36.87
CA PHE A 91 -17.60 -11.05 36.93
C PHE A 91 -16.24 -10.35 36.87
N GLY A 92 -16.25 -9.06 36.54
CA GLY A 92 -15.05 -8.24 36.51
C GLY A 92 -14.20 -8.30 35.23
N THR A 93 -14.68 -9.01 34.22
CA THR A 93 -13.92 -9.14 32.98
C THR A 93 -14.80 -8.96 31.74
N THR A 94 -14.17 -9.17 30.59
CA THR A 94 -14.85 -9.11 29.30
C THR A 94 -15.09 -10.52 28.75
N ASN A 95 -14.90 -11.53 29.61
CA ASN A 95 -15.08 -12.94 29.22
C ASN A 95 -14.11 -13.47 28.17
N ILE A 96 -13.02 -12.76 27.96
CA ILE A 96 -11.91 -13.29 27.18
C ILE A 96 -10.64 -13.09 27.98
N VAL A 97 -9.70 -14.01 27.81
CA VAL A 97 -8.37 -13.83 28.35
C VAL A 97 -7.47 -13.61 27.14
N ASN A 98 -6.60 -12.62 27.23
CA ASN A 98 -5.78 -12.30 26.06
C ASN A 98 -4.42 -11.78 26.42
N GLY A 99 -3.48 -11.92 25.49
CA GLY A 99 -2.14 -11.39 25.66
C GLY A 99 -1.17 -12.03 24.70
N LEU A 100 0.11 -11.88 25.01
CA LEU A 100 1.16 -12.48 24.21
C LEU A 100 1.67 -13.73 24.89
N GLY A 101 1.75 -14.82 24.12
CA GLY A 101 2.41 -16.03 24.58
C GLY A 101 3.43 -16.48 23.56
N ARG A 102 4.38 -17.28 23.99
CA ARG A 102 5.34 -17.88 23.06
C ARG A 102 5.04 -19.36 22.90
N VAL A 103 5.08 -19.85 21.67
CA VAL A 103 4.80 -21.26 21.39
C VAL A 103 5.96 -21.87 20.62
N ASP A 104 6.66 -22.79 21.28
CA ASP A 104 7.91 -23.35 20.75
C ASP A 104 8.81 -22.27 20.12
N GLY A 105 8.99 -21.17 20.83
CA GLY A 105 9.84 -20.09 20.35
C GLY A 105 9.13 -19.02 19.51
N LYS A 106 7.95 -19.35 18.96
CA LYS A 106 7.14 -18.38 18.20
C LYS A 106 6.18 -17.58 19.09
N TRP A 107 6.33 -16.26 19.09
CA TRP A 107 5.35 -15.40 19.74
C TRP A 107 4.05 -15.33 18.94
N VAL A 108 2.94 -15.40 19.65
CA VAL A 108 1.63 -15.32 19.03
C VAL A 108 0.69 -14.52 19.93
N TYR A 109 -0.30 -13.87 19.33
CA TYR A 109 -1.30 -13.21 20.13
C TYR A 109 -2.39 -14.23 20.46
N ILE A 110 -2.76 -14.27 21.73
CA ILE A 110 -3.71 -15.28 22.17
C ILE A 110 -5.00 -14.67 22.71
N VAL A 111 -6.13 -15.20 22.26
CA VAL A 111 -7.44 -14.86 22.80
C VAL A 111 -8.13 -16.14 23.22
N ALA A 112 -8.49 -16.25 24.50
CA ALA A 112 -9.23 -17.41 25.01
C ALA A 112 -10.58 -17.00 25.59
N SER A 113 -11.64 -17.65 25.13
CA SER A 113 -12.96 -17.43 25.70
C SER A 113 -12.97 -17.93 27.14
N ASP A 114 -13.50 -17.12 28.04
CA ASP A 114 -13.66 -17.55 29.40
C ASP A 114 -14.94 -18.40 29.51
N ASN A 115 -14.77 -19.72 29.42
CA ASN A 115 -15.91 -20.64 29.53
C ASN A 115 -16.42 -20.89 30.98
N LYS A 116 -15.78 -20.25 31.95
CA LYS A 116 -16.28 -20.23 33.32
C LYS A 116 -17.51 -19.32 33.43
N LYS A 117 -17.62 -18.35 32.53
CA LYS A 117 -18.62 -17.29 32.62
C LYS A 117 -19.58 -17.34 31.44
N MET A 118 -20.83 -17.71 31.71
CA MET A 118 -21.89 -17.76 30.70
C MET A 118 -21.44 -18.41 29.38
N ALA A 119 -20.67 -19.49 29.51
CA ALA A 119 -20.21 -20.30 28.37
C ALA A 119 -19.47 -19.49 27.32
N GLY A 120 -18.68 -18.51 27.77
CA GLY A 120 -17.90 -17.66 26.89
C GLY A 120 -18.69 -16.60 26.12
N ALA A 121 -19.83 -16.19 26.67
CA ALA A 121 -20.73 -15.23 26.01
C ALA A 121 -20.11 -13.86 25.81
N TRP A 122 -20.55 -13.18 24.75
CA TRP A 122 -20.20 -11.79 24.48
C TRP A 122 -20.79 -10.91 25.56
N VAL A 123 -19.93 -10.25 26.32
CA VAL A 123 -20.39 -9.32 27.35
C VAL A 123 -20.00 -7.89 27.01
N PRO A 124 -20.68 -6.90 27.61
CA PRO A 124 -20.26 -5.53 27.36
C PRO A 124 -18.76 -5.33 27.55
N GLY A 125 -18.13 -4.63 26.60
CA GLY A 125 -16.70 -4.38 26.64
C GLY A 125 -15.88 -5.39 25.87
N GLN A 126 -16.42 -6.58 25.65
CA GLN A 126 -15.69 -7.65 24.97
C GLN A 126 -15.27 -7.27 23.55
N ALA A 127 -16.19 -6.67 22.80
CA ALA A 127 -15.91 -6.30 21.42
C ALA A 127 -14.64 -5.45 21.35
N GLU A 128 -14.60 -4.42 22.20
CA GLU A 128 -13.48 -3.50 22.27
C GLU A 128 -12.21 -4.25 22.65
N ASN A 129 -12.34 -5.15 23.64
CA ASN A 129 -11.22 -5.96 24.09
C ASN A 129 -10.68 -6.75 22.90
N LEU A 130 -11.57 -7.37 22.14
CA LEU A 130 -11.21 -8.20 21.00
C LEU A 130 -10.51 -7.43 19.87
N ILE A 131 -10.97 -6.21 19.63
CA ILE A 131 -10.36 -5.36 18.61
C ILE A 131 -8.92 -5.05 18.95
N ARG A 132 -8.65 -4.72 20.22
CA ARG A 132 -7.29 -4.49 20.71
C ARG A 132 -6.36 -5.69 20.46
N CYS A 133 -6.95 -6.88 20.48
CA CYS A 133 -6.23 -8.12 20.16
C CYS A 133 -5.89 -8.22 18.67
N SER A 134 -6.90 -8.07 17.81
CA SER A 134 -6.62 -8.18 16.39
C SER A 134 -5.77 -7.01 15.90
N ASP A 135 -5.93 -5.84 16.52
CA ASP A 135 -5.08 -4.68 16.24
C ASP A 135 -3.61 -4.96 16.55
N ALA A 136 -3.34 -5.49 17.74
CA ALA A 136 -1.98 -5.82 18.13
C ALA A 136 -1.37 -6.78 17.11
N ALA A 137 -2.10 -7.84 16.82
CA ALA A 137 -1.66 -8.81 15.81
C ALA A 137 -1.37 -8.11 14.48
N LYS A 138 -2.30 -7.27 14.03
CA LYS A 138 -2.18 -6.55 12.78
C LYS A 138 -0.92 -5.69 12.68
N MET A 139 -0.71 -4.87 13.70
CA MET A 139 0.43 -3.96 13.76
C MET A 139 1.79 -4.68 13.82
N MET A 140 1.83 -5.82 14.51
CA MET A 140 3.06 -6.59 14.67
C MET A 140 3.22 -7.66 13.61
N HIS A 141 2.18 -7.85 12.80
CA HIS A 141 2.13 -8.94 11.83
C HIS A 141 2.36 -10.30 12.53
N LEU A 142 1.64 -10.45 13.64
CA LEU A 142 1.80 -11.56 14.55
C LEU A 142 0.58 -12.46 14.44
N PRO A 143 0.80 -13.79 14.37
CA PRO A 143 -0.33 -14.71 14.28
C PRO A 143 -1.27 -14.55 15.48
N LEU A 144 -2.57 -14.63 15.20
CA LEU A 144 -3.59 -14.51 16.24
C LEU A 144 -4.25 -15.87 16.48
N ILE A 145 -4.26 -16.30 17.73
CA ILE A 145 -4.76 -17.60 18.13
C ILE A 145 -6.00 -17.42 19.00
N TYR A 146 -7.09 -18.04 18.59
CA TYR A 146 -8.32 -18.06 19.37
C TYR A 146 -8.48 -19.41 20.01
N LEU A 147 -8.58 -19.44 21.33
CA LEU A 147 -9.01 -20.64 22.03
C LEU A 147 -10.49 -20.43 22.31
N LEU A 148 -11.31 -20.82 21.34
CA LEU A 148 -12.71 -20.42 21.31
C LEU A 148 -13.67 -21.38 22.01
N ASN A 149 -14.50 -20.81 22.87
CA ASN A 149 -15.57 -21.52 23.56
C ASN A 149 -16.64 -20.47 23.79
N CYS A 150 -17.35 -20.11 22.73
CA CYS A 150 -18.15 -18.88 22.72
C CYS A 150 -19.62 -19.09 22.43
N SER A 151 -20.47 -18.74 23.40
CA SER A 151 -21.94 -18.90 23.25
C SER A 151 -22.61 -17.69 22.60
N GLY A 152 -21.81 -16.78 22.06
CA GLY A 152 -22.36 -15.61 21.36
C GLY A 152 -22.93 -14.53 22.28
N VAL A 153 -23.80 -13.70 21.70
CA VAL A 153 -24.43 -12.59 22.42
C VAL A 153 -25.06 -12.99 23.75
N GLU A 154 -24.64 -12.31 24.82
CA GLU A 154 -25.33 -12.39 26.10
C GLU A 154 -26.68 -11.68 25.95
N PHE A 155 -27.76 -12.45 25.90
CA PHE A 155 -29.10 -11.94 25.59
C PHE A 155 -29.60 -10.65 26.31
N PRO A 156 -29.49 -10.58 27.66
CA PRO A 156 -29.89 -9.37 28.38
C PRO A 156 -29.11 -8.11 27.96
N ASN A 157 -27.88 -8.29 27.48
CA ASN A 157 -27.03 -7.17 27.11
C ASN A 157 -26.82 -7.06 25.60
N GLN A 158 -27.73 -7.62 24.81
CA GLN A 158 -27.57 -7.67 23.36
C GLN A 158 -27.30 -6.31 22.74
N ASP A 159 -27.99 -5.29 23.26
CA ASP A 159 -27.88 -3.92 22.76
C ASP A 159 -26.46 -3.36 22.90
N LYS A 160 -25.68 -3.95 23.80
CA LYS A 160 -24.33 -3.48 24.09
C LYS A 160 -23.24 -4.36 23.47
N VAL A 161 -23.63 -5.51 22.95
CA VAL A 161 -22.64 -6.47 22.48
C VAL A 161 -22.86 -6.91 21.03
N TYR A 162 -24.06 -6.66 20.52
CA TYR A 162 -24.45 -7.09 19.17
C TYR A 162 -24.24 -6.04 18.05
N PRO A 163 -24.75 -4.81 18.24
CA PRO A 163 -24.72 -3.90 17.10
C PRO A 163 -23.48 -2.96 17.09
N ASN A 164 -23.50 -2.02 16.14
CA ASN A 164 -22.55 -0.90 16.07
C ASN A 164 -21.22 -1.21 15.36
N ARG A 165 -20.52 -0.15 14.96
CA ARG A 165 -19.28 -0.22 14.19
C ARG A 165 -18.23 -1.06 14.89
N ARG A 166 -18.20 -1.00 16.22
CA ARG A 166 -17.22 -1.73 17.00
C ARG A 166 -17.89 -2.64 18.02
N GLY A 167 -18.92 -3.37 17.59
CA GLY A 167 -19.54 -4.39 18.42
C GLY A 167 -19.03 -5.77 18.04
N GLY A 168 -19.82 -6.79 18.36
CA GLY A 168 -19.37 -8.17 18.21
C GLY A 168 -19.15 -8.67 16.79
N GLY A 169 -19.71 -7.97 15.80
CA GLY A 169 -19.51 -8.34 14.41
C GLY A 169 -18.18 -7.90 13.84
N THR A 170 -17.56 -6.93 14.49
CA THR A 170 -16.34 -6.30 13.98
C THR A 170 -15.16 -7.29 13.83
N PRO A 171 -14.84 -8.08 14.90
CA PRO A 171 -13.73 -9.05 14.83
C PRO A 171 -13.74 -9.95 13.60
N PHE A 172 -14.91 -10.22 13.05
CA PHE A 172 -14.99 -11.13 11.89
C PHE A 172 -14.43 -10.41 10.67
N PHE A 173 -14.68 -9.10 10.60
CA PHE A 173 -14.07 -8.28 9.56
C PHE A 173 -12.58 -8.17 9.83
N ARG A 174 -12.23 -7.92 11.08
CA ARG A 174 -10.84 -7.84 11.51
C ARG A 174 -10.03 -9.11 11.22
N ASN A 175 -10.67 -10.28 11.37
CA ASN A 175 -10.04 -11.55 11.01
C ASN A 175 -9.80 -11.64 9.51
N SER A 176 -10.70 -11.08 8.72
CA SER A 176 -10.54 -11.09 7.26
C SER A 176 -9.45 -10.13 6.86
N GLU A 177 -9.32 -9.06 7.61
CA GLU A 177 -8.29 -8.09 7.35
C GLU A 177 -6.91 -8.66 7.68
N LEU A 178 -6.79 -9.33 8.82
CA LEU A 178 -5.56 -10.04 9.16
C LEU A 178 -5.18 -11.00 8.03
N ASN A 179 -6.12 -11.83 7.64
CA ASN A 179 -5.91 -12.76 6.54
C ASN A 179 -5.45 -12.06 5.25
N GLN A 180 -6.14 -11.00 4.87
CA GLN A 180 -5.78 -10.26 3.66
C GLN A 180 -4.42 -9.58 3.76
N LEU A 181 -4.04 -9.17 4.98
CA LEU A 181 -2.72 -8.60 5.24
C LEU A 181 -1.63 -9.68 5.31
N GLY A 182 -2.05 -10.96 5.29
CA GLY A 182 -1.08 -12.06 5.26
C GLY A 182 -0.79 -12.64 6.63
N ILE A 183 -1.61 -12.25 7.61
CA ILE A 183 -1.47 -12.68 8.99
C ILE A 183 -2.51 -13.76 9.29
N PRO A 184 -2.03 -14.97 9.66
CA PRO A 184 -2.90 -16.09 9.88
C PRO A 184 -3.63 -16.05 11.22
N VAL A 185 -4.85 -16.56 11.22
CA VAL A 185 -5.63 -16.69 12.46
C VAL A 185 -5.92 -18.18 12.65
N ILE A 186 -5.61 -18.71 13.82
CA ILE A 186 -5.86 -20.12 14.10
C ILE A 186 -6.86 -20.25 15.25
N VAL A 187 -7.92 -21.02 15.05
CA VAL A 187 -8.90 -21.23 16.10
C VAL A 187 -8.99 -22.69 16.55
N GLY A 188 -8.89 -22.87 17.87
CA GLY A 188 -9.31 -24.11 18.49
C GLY A 188 -10.78 -23.95 18.88
N ILE A 189 -11.64 -24.76 18.28
CA ILE A 189 -13.07 -24.66 18.53
C ILE A 189 -13.47 -25.62 19.65
N TYR A 190 -14.01 -25.08 20.73
CA TYR A 190 -14.46 -25.86 21.86
C TYR A 190 -15.92 -25.58 22.17
N GLY A 191 -16.61 -26.60 22.69
CA GLY A 191 -18.00 -26.48 23.10
C GLY A 191 -18.89 -25.92 22.01
N THR A 192 -19.94 -25.21 22.41
CA THR A 192 -20.99 -24.76 21.49
C THR A 192 -20.72 -23.35 21.01
N ASN A 193 -20.67 -23.18 19.70
CA ASN A 193 -20.39 -21.86 19.13
C ASN A 193 -21.43 -21.48 18.11
N PRO A 194 -22.58 -20.97 18.58
CA PRO A 194 -23.66 -20.59 17.69
C PRO A 194 -23.59 -19.12 17.34
N ALA A 195 -24.09 -18.79 16.14
CA ALA A 195 -24.24 -17.40 15.68
C ALA A 195 -22.93 -16.60 15.87
N GLY A 196 -22.92 -15.69 16.84
CA GLY A 196 -21.72 -14.94 17.18
C GLY A 196 -20.50 -15.82 17.39
N GLY A 197 -20.69 -16.92 18.12
CA GLY A 197 -19.62 -17.91 18.29
C GLY A 197 -19.27 -18.58 16.97
N GLY A 198 -20.28 -18.83 16.14
CA GLY A 198 -20.08 -19.49 14.86
C GLY A 198 -19.14 -18.68 13.97
N TYR A 199 -19.37 -17.37 13.96
CA TYR A 199 -18.59 -16.48 13.12
C TYR A 199 -17.16 -16.34 13.61
N HIS A 200 -16.99 -16.37 14.92
CA HIS A 200 -15.67 -16.42 15.50
C HIS A 200 -14.98 -17.70 15.09
N SER A 201 -15.77 -18.76 14.86
CA SER A 201 -15.21 -20.05 14.49
C SER A 201 -14.83 -20.10 13.03
N ILE A 202 -15.61 -19.41 12.21
CA ILE A 202 -15.47 -19.53 10.76
C ILE A 202 -14.59 -18.45 10.13
N SER A 203 -14.38 -17.35 10.85
CA SER A 203 -13.57 -16.23 10.35
C SER A 203 -12.05 -16.50 10.28
N PRO A 204 -11.50 -17.30 11.22
CA PRO A 204 -10.07 -17.61 11.15
C PRO A 204 -9.65 -18.44 9.94
N THR A 205 -8.34 -18.56 9.78
CA THR A 205 -7.71 -19.25 8.66
C THR A 205 -7.76 -20.76 8.82
N ILE A 206 -7.42 -21.22 10.03
CA ILE A 206 -7.35 -22.65 10.37
C ILE A 206 -8.32 -22.99 11.49
N LEU A 207 -9.13 -24.01 11.26
CA LEU A 207 -10.11 -24.44 12.25
C LEU A 207 -9.79 -25.83 12.81
N ILE A 208 -9.52 -25.89 14.11
CA ILE A 208 -9.25 -27.13 14.82
C ILE A 208 -10.38 -27.34 15.81
N ALA A 209 -11.10 -28.44 15.67
CA ALA A 209 -12.28 -28.65 16.49
C ALA A 209 -12.11 -29.77 17.55
N HIS A 210 -12.71 -29.55 18.70
CA HIS A 210 -12.93 -30.58 19.71
C HIS A 210 -14.05 -31.50 19.17
N GLN A 211 -13.98 -32.79 19.47
CA GLN A 211 -14.90 -33.74 18.85
C GLN A 211 -16.37 -33.47 19.20
N ASP A 212 -16.59 -32.77 20.32
CA ASP A 212 -17.96 -32.48 20.78
C ASP A 212 -18.38 -31.06 20.44
N ALA A 213 -17.47 -30.31 19.83
CA ALA A 213 -17.68 -28.89 19.56
C ALA A 213 -18.62 -28.69 18.40
N ASN A 214 -19.10 -27.46 18.25
CA ASN A 214 -19.92 -27.10 17.09
C ASN A 214 -19.73 -25.65 16.75
N MET A 215 -19.93 -25.33 15.48
CA MET A 215 -20.06 -23.94 15.03
C MET A 215 -21.26 -23.86 14.10
N ALA A 216 -22.07 -22.83 14.26
CA ALA A 216 -23.34 -22.76 13.55
C ALA A 216 -23.83 -21.33 13.42
N VAL A 217 -24.53 -21.07 12.31
CA VAL A 217 -25.26 -19.83 12.10
C VAL A 217 -26.25 -19.60 13.26
N GLY A 218 -26.92 -20.66 13.69
CA GLY A 218 -27.79 -20.62 14.87
C GLY A 218 -27.73 -21.95 15.59
N GLY A 219 -27.80 -21.93 16.92
CA GLY A 219 -27.74 -23.17 17.71
C GLY A 219 -29.11 -23.80 17.99
N ALA A 220 -29.13 -24.69 18.97
CA ALA A 220 -30.39 -25.26 19.48
C ALA A 220 -31.31 -24.21 20.12
N GLY A 221 -30.72 -23.18 20.74
CA GLY A 221 -31.46 -22.04 21.32
C GLY A 221 -32.49 -21.38 20.41
N ALA A 237 -46.38 -20.78 27.30
CA ALA A 237 -45.57 -20.58 28.51
C ALA A 237 -45.12 -21.92 29.12
N GLU A 238 -46.08 -22.74 29.54
CA GLU A 238 -45.80 -24.11 29.99
C GLU A 238 -45.50 -24.97 28.76
N GLN A 239 -46.18 -24.64 27.65
CA GLN A 239 -45.94 -25.26 26.35
C GLN A 239 -44.48 -25.15 25.90
N ILE A 240 -43.85 -24.03 26.24
CA ILE A 240 -42.46 -23.78 25.89
C ILE A 240 -41.54 -24.79 26.59
N ILE A 241 -41.85 -25.11 27.85
CA ILE A 241 -41.12 -26.16 28.58
C ILE A 241 -41.44 -27.55 28.02
N ALA A 242 -42.69 -27.76 27.60
CA ALA A 242 -43.14 -29.02 27.00
C ALA A 242 -42.44 -29.30 25.68
N ALA A 243 -42.47 -28.30 24.79
CA ALA A 243 -41.82 -28.36 23.48
C ALA A 243 -40.31 -28.66 23.60
N GLN A 244 -39.72 -28.21 24.71
CA GLN A 244 -38.29 -28.39 24.99
C GLN A 244 -37.92 -29.86 25.22
N ILE A 245 -38.62 -30.52 26.14
CA ILE A 245 -38.40 -31.94 26.43
C ILE A 245 -38.85 -32.83 25.26
N GLU A 246 -39.92 -32.40 24.58
CA GLU A 246 -40.41 -33.10 23.37
C GLU A 246 -39.49 -32.88 22.16
N ASN A 247 -38.68 -31.82 22.21
CA ASN A 247 -37.66 -31.56 21.18
C ASN A 247 -36.25 -31.98 21.61
N SER A 248 -36.16 -32.51 22.83
CA SER A 248 -34.90 -33.01 23.37
C SER A 248 -34.87 -34.55 23.39
N LYS A 249 -36.05 -35.16 23.38
CA LYS A 249 -36.19 -36.61 23.36
C LYS A 249 -35.69 -37.21 22.03
N LEU A 250 -35.83 -36.43 20.94
CA LEU A 250 -35.26 -36.80 19.63
C LEU A 250 -33.73 -36.96 19.65
N LYS A 251 -33.09 -36.44 20.70
CA LYS A 251 -31.63 -36.33 20.78
C LYS A 251 -31.05 -35.71 19.50
N VAL A 252 -31.78 -34.75 18.95
CA VAL A 252 -31.38 -33.99 17.77
C VAL A 252 -30.05 -33.26 18.05
N PRO A 253 -29.03 -33.45 17.17
CA PRO A 253 -27.69 -32.95 17.50
C PRO A 253 -27.57 -31.43 17.41
N ALA A 254 -26.74 -30.87 18.29
CA ALA A 254 -26.41 -29.44 18.27
C ALA A 254 -25.96 -29.09 16.87
N PRO A 255 -26.59 -28.05 16.26
CA PRO A 255 -26.33 -27.71 14.87
C PRO A 255 -24.84 -27.43 14.62
N GLY A 256 -24.36 -27.89 13.46
CA GLY A 256 -22.97 -27.70 13.07
C GLY A 256 -21.93 -28.44 13.90
N SER A 257 -22.28 -29.63 14.40
CA SER A 257 -21.33 -30.49 15.11
C SER A 257 -20.37 -31.16 14.12
N VAL A 258 -19.37 -31.86 14.64
CA VAL A 258 -18.34 -32.53 13.83
C VAL A 258 -18.88 -33.31 12.61
N PRO A 259 -19.93 -34.15 12.78
CA PRO A 259 -20.42 -34.86 11.59
C PRO A 259 -20.81 -33.94 10.44
N ILE A 260 -21.14 -32.69 10.77
CA ILE A 260 -21.47 -31.67 9.76
C ILE A 260 -20.22 -30.93 9.26
N HIS A 261 -19.46 -30.32 10.17
CA HIS A 261 -18.37 -29.43 9.74
C HIS A 261 -17.04 -30.11 9.50
N TYR A 262 -16.95 -31.38 9.85
CA TYR A 262 -15.83 -32.19 9.42
C TYR A 262 -16.24 -33.06 8.25
N ASP A 263 -17.23 -33.91 8.49
CA ASP A 263 -17.63 -34.93 7.53
C ASP A 263 -18.34 -34.38 6.30
N GLU A 264 -19.05 -33.27 6.42
CA GLU A 264 -19.82 -32.72 5.28
C GLU A 264 -19.17 -31.51 4.62
N THR A 265 -19.01 -30.42 5.37
CA THR A 265 -18.47 -29.17 4.84
C THR A 265 -16.93 -29.14 4.78
N GLY A 266 -16.29 -29.90 5.66
CA GLY A 266 -14.85 -29.85 5.75
C GLY A 266 -14.33 -28.50 6.22
N PHE A 267 -15.16 -27.75 6.95
CA PHE A 267 -14.74 -26.46 7.48
C PHE A 267 -13.80 -26.67 8.65
N PHE A 268 -14.13 -27.61 9.53
CA PHE A 268 -13.16 -28.06 10.51
C PHE A 268 -12.08 -28.80 9.73
N ARG A 269 -10.86 -28.30 9.77
CA ARG A 269 -9.78 -28.98 9.08
C ARG A 269 -9.35 -30.23 9.84
N GLU A 270 -9.33 -30.14 11.17
CA GLU A 270 -8.91 -31.26 12.02
C GLU A 270 -9.79 -31.35 13.26
N VAL A 271 -9.86 -32.56 13.82
CA VAL A 271 -10.72 -32.84 14.95
C VAL A 271 -9.96 -33.66 15.97
N TYR A 272 -10.00 -33.22 17.23
CA TYR A 272 -9.30 -33.94 18.29
C TYR A 272 -10.25 -34.43 19.38
N GLN A 273 -9.79 -35.40 20.16
CA GLN A 273 -10.64 -36.05 21.15
C GLN A 273 -10.87 -35.20 22.38
N ASN A 274 -9.84 -34.47 22.79
CA ASN A 274 -9.91 -33.68 24.00
C ASN A 274 -9.21 -32.33 23.84
N ASP A 275 -9.35 -31.47 24.84
CA ASP A 275 -8.83 -30.11 24.81
C ASP A 275 -7.35 -30.02 24.47
N LEU A 276 -6.55 -30.91 25.04
CA LEU A 276 -5.11 -30.93 24.82
C LEU A 276 -4.74 -31.35 23.40
N GLY A 277 -5.56 -32.20 22.80
CA GLY A 277 -5.47 -32.57 21.39
C GLY A 277 -5.62 -31.32 20.55
N VAL A 278 -6.74 -30.61 20.75
CA VAL A 278 -6.94 -29.34 20.06
C VAL A 278 -5.70 -28.45 20.19
N ILE A 279 -5.18 -28.31 21.42
CA ILE A 279 -3.99 -27.49 21.69
C ILE A 279 -2.80 -27.99 20.85
N ASP A 280 -2.62 -29.30 20.78
CA ASP A 280 -1.55 -29.87 19.97
C ASP A 280 -1.75 -29.55 18.50
N GLY A 281 -2.98 -29.67 18.00
CA GLY A 281 -3.30 -29.29 16.63
C GLY A 281 -2.89 -27.85 16.37
N ILE A 282 -3.23 -26.97 17.30
CA ILE A 282 -2.91 -25.57 17.18
C ILE A 282 -1.39 -25.43 17.12
N LYS A 283 -0.69 -26.12 18.01
CA LYS A 283 0.78 -26.09 18.06
C LYS A 283 1.40 -26.47 16.73
N LYS A 284 0.83 -27.49 16.10
CA LYS A 284 1.32 -27.99 14.84
C LYS A 284 1.20 -26.89 13.80
N TYR A 285 0.01 -26.29 13.69
CA TYR A 285 -0.22 -25.21 12.76
C TYR A 285 0.59 -23.97 13.06
N ILE A 286 0.74 -23.63 14.34
CA ILE A 286 1.71 -22.60 14.74
C ILE A 286 3.12 -22.93 14.21
N SER A 287 3.52 -24.19 14.27
CA SER A 287 4.84 -24.60 13.81
C SER A 287 4.99 -24.45 12.31
N TYR A 288 3.87 -24.41 11.61
CA TYR A 288 3.87 -24.17 10.15
C TYR A 288 4.13 -22.72 9.77
N LEU A 289 3.81 -21.80 10.68
CA LEU A 289 3.81 -20.37 10.41
C LEU A 289 5.23 -19.82 10.16
N PRO A 290 5.35 -18.83 9.26
CA PRO A 290 6.65 -18.26 8.92
C PRO A 290 7.16 -17.39 10.07
N ALA A 291 8.41 -17.57 10.45
CA ALA A 291 8.99 -16.78 11.53
C ALA A 291 10.50 -16.78 11.41
N TYR A 292 11.09 -15.59 11.47
CA TYR A 292 12.53 -15.51 11.47
C TYR A 292 13.08 -16.21 12.70
N ASN A 293 14.24 -16.83 12.56
CA ASN A 293 15.08 -17.06 13.71
C ASN A 293 15.58 -15.68 14.05
N LEU A 294 15.28 -15.22 15.26
CA LEU A 294 15.61 -13.84 15.68
C LEU A 294 17.10 -13.52 15.55
N GLU A 295 17.93 -14.55 15.55
CA GLU A 295 19.36 -14.40 15.31
C GLU A 295 19.63 -13.53 14.06
N PHE A 296 18.76 -13.64 13.04
CA PHE A 296 18.88 -12.87 11.82
C PHE A 296 18.94 -11.37 12.07
N PHE A 297 18.14 -10.86 13.00
CA PHE A 297 18.08 -9.42 13.26
C PHE A 297 18.92 -8.93 14.45
N ARG A 298 19.68 -9.84 15.06
CA ARG A 298 20.46 -9.50 16.24
C ARG A 298 21.74 -8.77 15.85
N VAL A 299 22.19 -7.90 16.75
CA VAL A 299 23.42 -7.13 16.57
C VAL A 299 24.34 -7.50 17.73
N ASP A 300 23.84 -8.39 18.57
CA ASP A 300 24.55 -8.85 19.73
C ASP A 300 23.86 -10.10 20.24
N THR A 301 24.58 -10.89 21.00
CA THR A 301 24.01 -12.05 21.70
C THR A 301 23.14 -11.55 22.88
N PRO A 302 21.98 -12.19 23.12
CA PRO A 302 21.13 -11.68 24.19
C PRO A 302 21.85 -11.63 25.52
N LYS A 303 21.82 -10.47 26.18
CA LYS A 303 22.41 -10.31 27.51
C LYS A 303 21.41 -9.67 28.47
N ALA A 304 21.34 -10.20 29.69
CA ALA A 304 20.55 -9.57 30.77
C ALA A 304 21.07 -8.17 31.06
N PRO A 305 20.23 -7.31 31.67
CA PRO A 305 20.79 -6.06 32.16
C PRO A 305 21.84 -6.31 33.24
N GLN A 306 22.76 -5.37 33.42
CA GLN A 306 23.78 -5.50 34.44
C GLN A 306 23.27 -5.13 35.82
N LEU A 307 22.11 -4.50 35.89
CA LEU A 307 21.51 -4.12 37.15
C LEU A 307 20.15 -4.80 37.33
N PRO A 308 19.86 -5.29 38.55
CA PRO A 308 18.61 -6.03 38.78
C PRO A 308 17.37 -5.15 38.69
N ALA A 309 16.29 -5.73 38.18
CA ALA A 309 15.00 -5.05 38.06
C ALA A 309 14.32 -4.76 39.41
N GLU A 310 14.61 -5.58 40.42
CA GLU A 310 14.05 -5.39 41.76
C GLU A 310 14.34 -3.98 42.27
N ASP A 311 15.51 -3.43 41.93
CA ASP A 311 15.88 -2.07 42.29
C ASP A 311 14.84 -1.04 41.88
N LEU A 312 14.10 -1.33 40.81
CA LEU A 312 13.06 -0.43 40.32
C LEU A 312 12.07 -0.08 41.42
N TYR A 313 11.90 -1.00 42.37
CA TYR A 313 11.03 -0.79 43.51
C TYR A 313 11.51 0.32 44.44
N SER A 314 12.81 0.64 44.39
CA SER A 314 13.38 1.75 45.15
C SER A 314 13.59 2.97 44.24
N ILE A 315 13.93 2.71 42.98
CA ILE A 315 14.29 3.78 42.04
C ILE A 315 13.10 4.65 41.65
N ILE A 316 12.02 4.02 41.20
CA ILE A 316 10.82 4.73 40.76
C ILE A 316 9.95 5.09 41.97
N PRO A 317 9.91 6.38 42.36
CA PRO A 317 9.22 6.81 43.58
C PRO A 317 7.70 6.89 43.43
N MET A 318 6.98 6.31 44.38
CA MET A 318 5.52 6.44 44.46
C MET A 318 5.11 7.85 44.86
N ASN A 319 6.01 8.57 45.54
CA ASN A 319 5.80 9.97 45.85
C ASN A 319 6.01 10.73 44.55
N GLN A 320 4.90 11.16 43.96
CA GLN A 320 4.88 11.71 42.61
C GLN A 320 5.60 13.05 42.50
N LYS A 321 5.92 13.64 43.64
CA LYS A 321 6.65 14.91 43.70
C LYS A 321 8.14 14.69 43.58
N ARG A 322 8.57 13.45 43.78
CA ARG A 322 9.97 13.11 43.74
C ARG A 322 10.43 12.76 42.32
N PRO A 323 11.57 13.33 41.89
CA PRO A 323 12.21 12.86 40.67
C PRO A 323 12.96 11.56 40.91
N TYR A 324 13.67 11.11 39.88
CA TYR A 324 14.45 9.89 39.87
C TYR A 324 15.26 9.93 38.59
N ASP A 325 16.33 9.15 38.53
CA ASP A 325 17.14 9.12 37.32
C ASP A 325 16.62 8.07 36.33
N ILE A 326 16.05 8.54 35.23
CA ILE A 326 15.52 7.64 34.21
C ILE A 326 16.56 6.63 33.72
N TYR A 327 17.81 7.07 33.61
CA TYR A 327 18.86 6.18 33.17
C TYR A 327 18.92 4.90 34.00
N GLU A 328 18.55 5.00 35.29
CA GLU A 328 18.56 3.84 36.18
C GLU A 328 17.48 2.85 35.78
N VAL A 329 16.41 3.35 35.19
CA VAL A 329 15.33 2.50 34.70
C VAL A 329 15.80 1.84 33.41
N ILE A 330 16.37 2.63 32.51
CA ILE A 330 16.80 2.15 31.22
C ILE A 330 17.91 1.10 31.37
N ALA A 331 18.75 1.30 32.38
CA ALA A 331 19.84 0.37 32.67
C ALA A 331 19.33 -1.00 33.11
N ARG A 332 18.08 -1.05 33.54
CA ARG A 332 17.53 -2.28 34.10
C ARG A 332 16.54 -2.95 33.16
N LEU A 333 16.23 -2.32 32.02
CA LEU A 333 15.24 -2.87 31.12
C LEU A 333 15.85 -3.44 29.86
N PHE A 334 17.07 -2.99 29.56
CA PHE A 334 17.70 -3.30 28.29
C PHE A 334 19.00 -4.07 28.43
N ASP A 335 19.30 -4.88 27.41
CA ASP A 335 20.46 -5.76 27.41
C ASP A 335 21.73 -5.08 27.85
N ASN A 336 22.37 -5.68 28.85
CA ASN A 336 23.69 -5.29 29.35
C ASN A 336 23.77 -3.89 29.93
N SER A 337 22.62 -3.29 30.22
CA SER A 337 22.55 -1.88 30.61
C SER A 337 23.29 -1.00 29.60
N GLU A 338 23.31 -1.45 28.35
CA GLU A 338 23.92 -0.66 27.29
C GLU A 338 22.90 0.28 26.67
N PHE A 339 23.38 1.45 26.24
CA PHE A 339 22.54 2.47 25.65
C PHE A 339 23.35 3.40 24.76
N SER A 340 22.80 3.64 23.58
CA SER A 340 23.44 4.51 22.63
C SER A 340 22.55 5.73 22.41
N GLU A 341 22.80 6.77 23.20
CA GLU A 341 21.95 7.94 23.21
C GLU A 341 22.11 8.76 21.94
N TYR A 342 20.98 9.12 21.35
CA TYR A 342 20.93 10.06 20.26
C TYR A 342 20.85 11.46 20.83
N LYS A 343 21.81 12.30 20.44
CA LYS A 343 21.84 13.73 20.77
C LYS A 343 21.76 14.02 22.27
N LYS A 344 22.57 13.32 23.05
CA LYS A 344 22.75 13.63 24.46
C LYS A 344 23.17 15.10 24.61
N GLY A 345 22.46 15.84 25.46
CA GLY A 345 22.78 17.25 25.69
C GLY A 345 21.85 18.19 24.95
N TYR A 346 21.31 17.72 23.84
CA TYR A 346 20.25 18.43 23.12
C TYR A 346 18.91 17.83 23.57
N GLY A 347 17.97 18.70 23.92
CA GLY A 347 16.68 18.24 24.44
C GLY A 347 16.86 17.43 25.72
N PRO A 348 17.47 18.05 26.76
CA PRO A 348 17.85 17.33 27.98
C PRO A 348 16.66 16.80 28.76
N GLU A 349 15.45 17.22 28.42
CA GLU A 349 14.24 16.75 29.10
C GLU A 349 13.81 15.37 28.64
N MET A 350 14.37 14.92 27.51
CA MET A 350 14.11 13.58 26.99
C MET A 350 15.40 12.81 26.82
N VAL A 351 15.32 11.50 27.00
CA VAL A 351 16.36 10.60 26.56
C VAL A 351 15.82 9.87 25.35
N THR A 352 16.54 9.96 24.24
CA THR A 352 16.22 9.20 23.04
C THR A 352 17.46 8.47 22.60
N GLY A 353 17.37 7.16 22.45
CA GLY A 353 18.52 6.41 22.00
C GLY A 353 18.21 4.96 21.69
N LEU A 354 19.18 4.30 21.07
CA LEU A 354 19.05 2.90 20.68
C LEU A 354 19.51 2.01 21.80
N ALA A 355 18.76 0.93 22.01
CA ALA A 355 19.12 -0.09 22.99
C ALA A 355 18.90 -1.47 22.38
N LYS A 356 19.16 -2.51 23.18
CA LYS A 356 19.01 -3.88 22.73
C LYS A 356 18.11 -4.64 23.70
N VAL A 357 17.25 -5.47 23.11
CA VAL A 357 16.32 -6.33 23.83
C VAL A 357 16.54 -7.73 23.25
N ASN A 358 17.14 -8.63 24.05
CA ASN A 358 17.55 -9.95 23.57
C ASN A 358 18.32 -9.88 22.25
N GLY A 359 19.28 -8.96 22.20
CA GLY A 359 20.15 -8.80 21.03
C GLY A 359 19.59 -7.95 19.90
N LEU A 360 18.32 -7.58 20.01
CA LEU A 360 17.62 -6.83 18.96
C LEU A 360 17.58 -5.33 19.23
N LEU A 361 17.80 -4.52 18.19
CA LEU A 361 17.73 -3.06 18.30
C LEU A 361 16.31 -2.55 18.55
N VAL A 362 16.18 -1.70 19.57
CA VAL A 362 14.98 -0.90 19.74
C VAL A 362 15.38 0.55 19.93
N GLY A 363 14.48 1.48 19.59
CA GLY A 363 14.61 2.88 19.93
C GLY A 363 13.86 3.14 21.21
N VAL A 364 14.53 3.80 22.15
CA VAL A 364 13.92 4.14 23.44
C VAL A 364 13.78 5.64 23.55
N ILE A 365 12.60 6.07 23.98
CA ILE A 365 12.30 7.46 24.19
C ILE A 365 11.70 7.57 25.57
N ALA A 366 12.32 8.36 26.44
CA ALA A 366 11.94 8.39 27.84
C ALA A 366 12.10 9.78 28.43
N ASN A 367 11.19 10.16 29.32
CA ASN A 367 11.26 11.44 30.01
C ASN A 367 12.39 11.48 31.00
N VAL A 368 13.08 12.61 31.07
CA VAL A 368 14.08 12.86 32.10
C VAL A 368 13.38 13.60 33.22
N GLN A 369 13.64 13.22 34.46
CA GLN A 369 13.04 13.90 35.62
C GLN A 369 14.03 14.82 36.32
N GLY A 370 13.49 15.72 37.14
CA GLY A 370 14.29 16.61 37.94
C GLY A 370 14.39 17.95 37.28
N LEU A 371 15.01 18.90 37.96
CA LEU A 371 15.15 20.25 37.43
C LEU A 371 16.25 20.28 36.39
N LEU A 372 16.05 21.13 35.39
CA LEU A 372 17.01 21.33 34.33
C LEU A 372 17.51 22.76 34.34
N MET A 373 18.69 22.96 34.92
CA MET A 373 19.24 24.31 35.11
C MET A 373 19.45 25.02 33.76
N ASN A 374 19.10 26.30 33.71
CA ASN A 374 19.36 27.18 32.58
C ASN A 374 18.74 26.66 31.28
N TYR A 375 17.44 26.41 31.33
CA TYR A 375 16.71 25.76 30.25
C TYR A 375 15.23 26.05 30.47
N PRO A 376 14.42 26.10 29.39
CA PRO A 376 14.75 25.98 27.99
C PRO A 376 15.38 27.24 27.43
N GLU A 377 16.07 27.09 26.31
CA GLU A 377 16.83 28.16 25.67
C GLU A 377 16.00 29.37 25.23
N TYR A 378 14.68 29.20 25.12
CA TYR A 378 13.81 30.29 24.67
C TYR A 378 13.27 31.16 25.83
N LYS A 379 13.74 30.85 27.05
CA LYS A 379 13.40 31.64 28.21
C LYS A 379 14.66 32.15 28.87
N GLN A 380 14.59 33.40 29.34
CA GLN A 380 15.66 34.02 30.10
C GLN A 380 15.57 33.52 31.54
N ASN A 381 16.74 33.23 32.14
CA ASN A 381 16.82 32.84 33.55
C ASN A 381 15.69 31.90 33.95
N SER A 382 15.69 30.72 33.34
CA SER A 382 14.61 29.78 33.51
C SER A 382 15.15 28.45 33.99
N VAL A 383 14.29 27.69 34.66
CA VAL A 383 14.58 26.31 35.03
C VAL A 383 13.50 25.41 34.44
N GLY A 384 13.96 24.44 33.65
CA GLY A 384 13.07 23.45 33.05
C GLY A 384 12.68 22.35 34.00
N ILE A 385 11.42 21.93 33.92
CA ILE A 385 10.91 20.84 34.74
C ILE A 385 11.04 19.55 33.96
N GLY A 386 11.82 18.60 34.49
CA GLY A 386 11.82 17.24 33.96
C GLY A 386 10.41 16.69 33.97
N GLY A 387 10.07 15.91 32.95
CA GLY A 387 8.71 15.41 32.78
C GLY A 387 7.89 16.28 31.84
N LYS A 388 8.40 17.48 31.57
CA LYS A 388 7.76 18.37 30.61
C LYS A 388 8.48 18.31 29.25
N LEU A 389 7.82 18.83 28.22
CA LEU A 389 8.37 18.80 26.86
C LEU A 389 8.61 20.18 26.32
N TYR A 390 9.81 20.38 25.76
CA TYR A 390 10.24 21.67 25.27
C TYR A 390 10.63 21.58 23.79
N ARG A 391 11.15 22.67 23.23
CA ARG A 391 11.45 22.71 21.80
C ARG A 391 12.46 21.64 21.41
N GLN A 392 13.58 21.59 22.10
CA GLN A 392 14.65 20.65 21.74
C GLN A 392 14.20 19.21 21.94
N GLY A 393 13.55 18.93 23.06
CA GLY A 393 12.99 17.61 23.30
C GLY A 393 12.10 17.18 22.15
N LEU A 394 11.15 18.04 21.77
CA LEU A 394 10.18 17.70 20.72
C LEU A 394 10.83 17.48 19.36
N ILE A 395 11.73 18.38 18.96
CA ILE A 395 12.45 18.24 17.70
C ILE A 395 13.32 16.99 17.75
N LYS A 396 14.00 16.77 18.87
CA LYS A 396 14.87 15.60 18.97
C LYS A 396 14.08 14.33 18.75
N MET A 397 12.98 14.18 19.49
CA MET A 397 12.09 13.02 19.35
C MET A 397 11.56 12.89 17.92
N ASN A 398 11.12 13.99 17.33
CA ASN A 398 10.74 14.00 15.93
C ASN A 398 11.77 13.37 15.03
N GLU A 399 13.02 13.82 15.19
CA GLU A 399 14.13 13.34 14.37
C GLU A 399 14.37 11.87 14.66
N PHE A 400 14.38 11.53 15.93
CA PHE A 400 14.69 10.17 16.36
C PHE A 400 13.65 9.17 15.86
N VAL A 401 12.38 9.54 15.91
CA VAL A 401 11.29 8.67 15.47
C VAL A 401 11.43 8.44 13.97
N THR A 402 11.80 9.52 13.28
CA THR A 402 11.89 9.54 11.84
C THR A 402 13.08 8.70 11.44
N LEU A 403 14.15 8.82 12.19
CA LEU A 403 15.34 8.02 11.94
C LEU A 403 15.06 6.55 12.17
N CYS A 404 14.38 6.24 13.28
CA CYS A 404 14.06 4.85 13.61
C CYS A 404 13.10 4.24 12.59
N ALA A 405 12.15 5.03 12.12
CA ALA A 405 11.23 4.62 11.09
C ALA A 405 11.97 4.18 9.82
N ARG A 406 12.84 5.06 9.33
CA ARG A 406 13.69 4.76 8.20
C ARG A 406 14.46 3.45 8.40
N ASP A 407 15.01 3.28 9.60
CA ASP A 407 15.82 2.12 9.94
C ASP A 407 15.01 0.88 10.33
N ARG A 408 13.68 0.99 10.35
CA ARG A 408 12.82 -0.13 10.75
C ARG A 408 13.10 -0.61 12.18
N ILE A 409 13.38 0.35 13.06
CA ILE A 409 13.69 0.06 14.47
C ILE A 409 12.46 0.38 15.34
N PRO A 410 11.88 -0.63 15.99
CA PRO A 410 10.69 -0.38 16.82
C PRO A 410 10.99 0.58 17.96
N LEU A 411 9.99 1.36 18.35
CA LEU A 411 10.15 2.36 19.38
C LEU A 411 9.46 1.94 20.65
N ILE A 412 10.17 2.09 21.76
CA ILE A 412 9.58 1.86 23.05
C ILE A 412 9.58 3.18 23.81
N TRP A 413 8.39 3.63 24.18
CA TRP A 413 8.25 4.90 24.85
C TRP A 413 8.06 4.62 26.31
N LEU A 414 8.91 5.23 27.13
CA LEU A 414 8.73 5.18 28.58
C LEU A 414 8.18 6.53 28.99
N GLN A 415 6.89 6.59 29.29
CA GLN A 415 6.23 7.85 29.63
C GLN A 415 6.28 8.13 31.13
N ASP A 416 6.70 9.34 31.46
CA ASP A 416 6.49 9.93 32.79
C ASP A 416 6.38 11.44 32.61
N THR A 417 5.19 11.90 32.27
CA THR A 417 5.05 13.24 31.71
C THR A 417 3.95 14.11 32.33
N THR A 418 4.23 15.42 32.40
CA THR A 418 3.27 16.40 32.92
C THR A 418 2.97 17.45 31.86
N GLY A 419 3.35 17.17 30.62
CA GLY A 419 2.93 18.00 29.52
C GLY A 419 4.00 18.81 28.82
N ILE A 420 3.60 19.40 27.69
CA ILE A 420 4.44 20.31 26.96
C ILE A 420 4.37 21.63 27.72
N ASP A 421 5.46 22.40 27.65
CA ASP A 421 5.55 23.70 28.29
C ASP A 421 4.46 24.64 27.76
N VAL A 422 3.85 25.42 28.66
CA VAL A 422 2.77 26.33 28.29
C VAL A 422 3.24 27.79 28.32
N GLY A 423 2.43 28.70 27.79
CA GLY A 423 2.79 30.12 27.77
C GLY A 423 3.18 30.60 26.40
N ASP A 424 3.02 31.89 26.15
CA ASP A 424 3.35 32.47 24.86
C ASP A 424 4.82 32.34 24.46
N GLU A 425 5.72 32.31 25.43
CA GLU A 425 7.13 32.08 25.09
C GLU A 425 7.27 30.70 24.44
N ALA A 426 6.63 29.70 25.05
CA ALA A 426 6.58 28.33 24.56
C ALA A 426 5.87 28.27 23.21
N GLU A 427 4.77 29.03 23.08
CA GLU A 427 4.03 29.13 21.82
C GLU A 427 4.90 29.68 20.69
N LYS A 428 5.62 30.76 20.95
CA LYS A 428 6.57 31.31 19.98
C LYS A 428 7.71 30.35 19.64
N ALA A 429 8.01 29.43 20.55
CA ALA A 429 9.03 28.41 20.34
C ALA A 429 8.51 27.25 19.45
N GLU A 430 7.27 27.38 19.00
CA GLU A 430 6.61 26.43 18.09
C GLU A 430 6.06 25.18 18.77
N LEU A 431 5.96 25.21 20.09
CA LEU A 431 5.71 23.97 20.84
C LEU A 431 4.47 23.20 20.42
N LEU A 432 3.38 23.89 20.16
CA LEU A 432 2.16 23.25 19.70
C LEU A 432 2.41 22.51 18.38
N GLY A 433 3.07 23.21 17.46
CA GLY A 433 3.38 22.68 16.15
C GLY A 433 4.32 21.51 16.24
N LEU A 434 5.27 21.58 17.17
CA LEU A 434 6.27 20.54 17.34
C LEU A 434 5.72 19.26 17.98
N GLY A 435 4.78 19.40 18.90
CA GLY A 435 4.09 18.27 19.49
C GLY A 435 3.28 17.55 18.44
N GLN A 436 2.49 18.31 17.68
CA GLN A 436 1.77 17.75 16.54
C GLN A 436 2.71 17.16 15.46
N SER A 437 3.85 17.82 15.20
CA SER A 437 4.85 17.31 14.27
C SER A 437 5.29 15.92 14.73
N LEU A 438 5.40 15.74 16.05
CA LEU A 438 5.74 14.43 16.59
C LEU A 438 4.65 13.43 16.28
N ILE A 439 3.39 13.83 16.49
CA ILE A 439 2.27 12.98 16.14
C ILE A 439 2.39 12.57 14.66
N TYR A 440 2.66 13.54 13.80
CA TYR A 440 2.87 13.27 12.38
C TYR A 440 4.00 12.25 12.19
N SER A 441 5.14 12.47 12.82
CA SER A 441 6.29 11.56 12.74
C SER A 441 5.96 10.12 13.15
N ILE A 442 5.21 10.00 14.25
CA ILE A 442 4.81 8.69 14.73
C ILE A 442 3.93 7.99 13.69
N GLU A 443 2.93 8.71 13.19
CA GLU A 443 2.01 8.16 12.21
C GLU A 443 2.76 7.79 10.90
N ASN A 444 3.75 8.60 10.53
CA ASN A 444 4.62 8.29 9.40
C ASN A 444 5.50 7.06 9.63
N SER A 445 5.78 6.74 10.89
CA SER A 445 6.73 5.66 11.22
C SER A 445 6.25 4.30 10.77
N LYS A 446 4.94 4.07 10.84
CA LYS A 446 4.33 2.82 10.40
C LYS A 446 4.77 1.54 11.13
N LEU A 447 5.72 1.64 12.07
CA LEU A 447 6.18 0.46 12.81
C LEU A 447 5.41 0.26 14.11
N PRO A 448 5.35 -1.00 14.59
CA PRO A 448 4.73 -1.30 15.86
C PRO A 448 5.56 -0.71 17.00
N SER A 449 4.88 -0.20 18.01
CA SER A 449 5.52 0.56 19.07
C SER A 449 4.95 0.13 20.42
N LEU A 450 5.79 0.13 21.44
CA LEU A 450 5.33 -0.20 22.78
C LEU A 450 5.37 1.06 23.61
N GLU A 451 4.33 1.25 24.42
CA GLU A 451 4.30 2.38 25.33
C GLU A 451 4.20 1.90 26.76
N ILE A 452 5.17 2.33 27.56
CA ILE A 452 5.22 1.97 28.98
C ILE A 452 5.06 3.22 29.84
N THR A 453 4.00 3.27 30.62
CA THR A 453 3.81 4.41 31.52
C THR A 453 4.53 4.08 32.81
N ILE A 454 5.66 4.75 33.02
CA ILE A 454 6.46 4.55 34.23
C ILE A 454 5.70 5.16 35.42
N ARG A 455 5.33 6.43 35.32
CA ARG A 455 4.48 7.06 36.31
C ARG A 455 3.36 7.87 35.67
N LYS A 456 3.65 9.12 35.30
CA LYS A 456 2.60 10.04 34.89
C LYS A 456 2.27 9.95 33.39
N ALA A 457 1.01 9.64 33.10
CA ALA A 457 0.48 9.85 31.77
C ALA A 457 -0.53 10.99 31.87
N SER A 458 -0.09 12.19 31.48
CA SER A 458 -0.95 13.34 31.61
C SER A 458 -0.71 14.34 30.47
N ALA A 459 -1.68 15.25 30.29
CA ALA A 459 -1.68 16.25 29.22
C ALA A 459 -1.61 15.64 27.82
N ALA A 460 -1.53 16.51 26.81
CA ALA A 460 -1.37 16.08 25.44
C ALA A 460 -0.03 15.37 25.24
N ALA A 461 0.89 15.55 26.19
CA ALA A 461 2.17 14.87 26.15
C ALA A 461 1.99 13.35 26.13
N HIS A 462 1.01 12.87 26.89
CA HIS A 462 0.66 11.45 26.86
C HIS A 462 0.40 10.97 25.42
N TYR A 463 -0.27 11.80 24.63
CA TYR A 463 -0.60 11.46 23.25
C TYR A 463 0.64 11.45 22.38
N VAL A 464 1.45 12.50 22.46
CA VAL A 464 2.54 12.68 21.51
C VAL A 464 3.72 11.76 21.80
N LEU A 465 3.85 11.33 23.06
CA LEU A 465 4.94 10.44 23.46
C LEU A 465 4.62 8.99 23.13
N GLY A 466 4.30 8.75 21.85
CA GLY A 466 3.95 7.42 21.37
C GLY A 466 2.77 6.88 22.15
N GLY A 467 1.83 7.78 22.49
CA GLY A 467 0.62 7.38 23.20
C GLY A 467 -0.20 6.33 22.45
N PRO A 468 -1.11 5.63 23.17
CA PRO A 468 -1.97 4.60 22.59
C PRO A 468 -3.03 5.20 21.65
N GLN A 469 -3.04 6.53 21.55
CA GLN A 469 -3.92 7.25 20.61
C GLN A 469 -3.45 7.12 19.15
N GLY A 470 -2.23 6.61 18.97
CA GLY A 470 -1.70 6.30 17.66
C GLY A 470 -2.12 4.90 17.34
N ASN A 471 -3.36 4.75 16.88
CA ASN A 471 -3.96 3.44 16.66
C ASN A 471 -3.30 2.58 15.57
N ASN A 472 -2.48 3.21 14.73
CA ASN A 472 -1.72 2.48 13.71
C ASN A 472 -0.34 2.04 14.16
N THR A 473 0.13 2.55 15.30
CA THR A 473 1.51 2.28 15.72
C THR A 473 1.63 1.63 17.10
N ASN A 474 0.84 2.11 18.05
CA ASN A 474 0.90 1.55 19.38
C ASN A 474 0.16 0.23 19.43
N VAL A 475 0.91 -0.84 19.72
CA VAL A 475 0.35 -2.17 19.71
C VAL A 475 -0.55 -2.31 20.92
N PHE A 476 -0.04 -1.82 22.05
CA PHE A 476 -0.76 -1.73 23.31
C PHE A 476 0.13 -0.92 24.23
N SER A 477 -0.34 -0.70 25.46
CA SER A 477 0.42 0.06 26.45
C SER A 477 0.33 -0.62 27.80
N ILE A 478 1.41 -0.57 28.55
CA ILE A 478 1.42 -1.12 29.90
C ILE A 478 1.92 -0.09 30.91
N GLY A 479 1.59 -0.30 32.18
CA GLY A 479 2.02 0.63 33.22
C GLY A 479 2.53 -0.08 34.45
N THR A 480 3.41 0.59 35.20
CA THR A 480 3.85 0.09 36.48
C THR A 480 2.85 0.49 37.56
N GLY A 481 3.05 -0.02 38.76
CA GLY A 481 2.19 0.32 39.90
C GLY A 481 2.30 1.78 40.33
N ALA A 482 3.36 2.45 39.88
CA ALA A 482 3.59 3.86 40.17
C ALA A 482 2.92 4.79 39.16
N CYS A 483 2.09 4.22 38.28
CA CYS A 483 1.55 4.99 37.18
C CYS A 483 0.24 5.64 37.57
N GLU A 484 -0.12 6.68 36.84
CA GLU A 484 -1.41 7.36 37.00
C GLU A 484 -1.74 8.14 35.76
N TYR A 485 -3.03 8.16 35.43
CA TYR A 485 -3.53 8.82 34.21
C TYR A 485 -4.53 9.90 34.58
N TYR A 486 -4.30 11.11 34.09
CA TYR A 486 -5.26 12.19 34.23
C TYR A 486 -4.94 13.29 33.20
N VAL A 487 -5.95 14.10 32.88
CA VAL A 487 -5.75 15.26 32.02
C VAL A 487 -4.64 16.16 32.60
N MET A 488 -4.77 16.43 33.91
CA MET A 488 -3.83 17.25 34.70
C MET A 488 -4.16 16.94 36.16
N PRO A 489 -3.28 17.35 37.10
CA PRO A 489 -3.59 17.02 38.49
C PRO A 489 -4.91 17.66 38.90
N GLY A 490 -5.65 16.96 39.75
CA GLY A 490 -6.95 17.43 40.23
C GLY A 490 -6.96 18.86 40.73
N GLU A 491 -5.89 19.26 41.43
CA GLU A 491 -5.80 20.63 41.97
C GLU A 491 -5.68 21.67 40.86
N THR A 492 -4.83 21.41 39.86
CA THR A 492 -4.73 22.26 38.69
C THR A 492 -6.06 22.30 37.93
N ALA A 493 -6.70 21.15 37.78
CA ALA A 493 -7.99 21.06 37.08
C ALA A 493 -9.09 21.82 37.82
N ALA A 494 -9.07 21.75 39.15
CA ALA A 494 -10.05 22.44 39.99
C ALA A 494 -9.96 23.96 39.79
N ASN A 495 -8.74 24.50 39.82
CA ASN A 495 -8.52 25.92 39.48
C ASN A 495 -8.98 26.22 38.05
N ALA A 496 -8.52 25.43 37.08
CA ALA A 496 -8.87 25.64 35.67
C ALA A 496 -10.38 25.62 35.45
N MET A 497 -11.08 24.76 36.18
CA MET A 497 -12.52 24.59 35.99
C MET A 497 -13.34 25.67 36.68
N TYR A 498 -12.97 26.00 37.92
CA TYR A 498 -13.83 26.79 38.80
C TYR A 498 -13.34 28.19 39.21
N SER A 499 -12.11 28.55 38.82
CA SER A 499 -11.53 29.85 39.21
C SER A 499 -12.37 31.05 38.80
N ARG A 500 -12.77 31.07 37.51
CA ARG A 500 -13.57 32.17 36.96
C ARG A 500 -14.99 32.21 37.52
N LYS A 501 -15.55 31.05 37.85
CA LYS A 501 -16.85 30.96 38.51
C LYS A 501 -16.76 31.43 39.99
N LEU A 502 -15.56 31.39 40.56
CA LEU A 502 -15.31 32.00 41.87
C LEU A 502 -15.44 33.53 41.81
N VAL A 503 -15.04 34.12 40.68
CA VAL A 503 -15.14 35.59 40.51
C VAL A 503 -16.48 36.07 39.94
N LYS A 504 -17.26 35.16 39.36
CA LYS A 504 -18.65 35.45 38.99
C LYS A 504 -19.47 35.70 40.26
N ALA A 505 -19.38 34.78 41.22
CA ALA A 505 -20.06 34.92 42.52
C ALA A 505 -19.09 35.36 43.61
N GLN A 513 -19.01 28.72 48.16
CA GLN A 513 -18.98 27.57 49.07
C GLN A 513 -19.50 26.25 48.46
N PRO A 514 -20.65 26.28 47.74
CA PRO A 514 -20.98 25.14 46.88
C PRO A 514 -19.95 24.95 45.75
N ILE A 515 -19.25 26.03 45.40
CA ILE A 515 -18.23 26.00 44.36
C ILE A 515 -16.89 25.44 44.87
N ILE A 516 -16.56 25.69 46.14
CA ILE A 516 -15.39 25.04 46.71
C ILE A 516 -15.66 23.57 47.06
N GLY A 517 -16.93 23.25 47.32
CA GLY A 517 -17.35 21.87 47.45
C GLY A 517 -16.99 21.12 46.18
N LYS A 518 -17.51 21.62 45.07
CA LYS A 518 -17.22 21.05 43.74
C LYS A 518 -15.72 20.87 43.44
N MET A 519 -14.89 21.81 43.90
CA MET A 519 -13.42 21.75 43.71
C MET A 519 -12.77 20.60 44.46
N ASN A 520 -13.20 20.36 45.69
CA ASN A 520 -12.73 19.20 46.45
C ASN A 520 -13.32 17.90 45.90
N ASP A 521 -14.57 17.94 45.43
CA ASP A 521 -15.16 16.81 44.72
C ASP A 521 -14.27 16.41 43.55
N MET A 522 -13.77 17.42 42.84
CA MET A 522 -12.93 17.21 41.67
C MET A 522 -11.55 16.65 42.02
N ILE A 523 -10.86 17.26 42.99
CA ILE A 523 -9.54 16.80 43.42
C ILE A 523 -9.60 15.33 43.85
N GLN A 524 -10.66 14.99 44.58
CA GLN A 524 -10.88 13.62 45.05
C GLN A 524 -11.15 12.69 43.88
N MET A 525 -12.05 13.13 42.99
CA MET A 525 -12.49 12.32 41.87
C MET A 525 -11.35 12.03 40.89
N TYR A 526 -10.44 12.99 40.74
CA TYR A 526 -9.25 12.81 39.91
C TYR A 526 -8.29 11.80 40.53
N THR A 527 -8.16 11.82 41.86
CA THR A 527 -7.34 10.83 42.53
C THR A 527 -7.93 9.44 42.30
N ASP A 528 -9.24 9.31 42.57
CA ASP A 528 -9.96 8.03 42.48
C ASP A 528 -9.87 7.39 41.11
N LYS A 529 -10.12 8.20 40.08
CA LYS A 529 -10.21 7.76 38.70
C LYS A 529 -8.87 7.81 37.96
N SER A 530 -7.75 7.91 38.70
CA SER A 530 -6.41 7.89 38.12
C SER A 530 -5.49 6.84 38.74
N ARG A 531 -6.05 5.98 39.58
CA ARG A 531 -5.31 4.88 40.22
C ARG A 531 -5.06 3.78 39.20
N PRO A 532 -3.86 3.18 39.22
CA PRO A 532 -3.50 2.15 38.25
C PRO A 532 -4.64 1.19 37.93
N LYS A 533 -5.30 0.65 38.95
CA LYS A 533 -6.30 -0.39 38.72
C LYS A 533 -7.48 0.13 37.91
N TYR A 534 -7.99 1.29 38.31
CA TYR A 534 -9.08 1.96 37.59
C TYR A 534 -8.69 2.20 36.12
N CYS A 535 -7.51 2.76 35.92
CA CYS A 535 -6.96 3.04 34.59
C CYS A 535 -6.96 1.83 33.65
N THR A 536 -6.49 0.69 34.15
CA THR A 536 -6.52 -0.52 33.35
C THR A 536 -7.91 -1.13 33.23
N GLU A 537 -8.72 -0.98 34.29
CA GLU A 537 -10.14 -1.38 34.22
C GLU A 537 -10.87 -0.67 33.08
N LYS A 538 -10.58 0.62 32.89
CA LYS A 538 -11.14 1.40 31.79
C LYS A 538 -10.37 1.21 30.49
N GLY A 539 -9.19 0.60 30.60
CA GLY A 539 -8.35 0.33 29.45
C GLY A 539 -7.47 1.47 29.00
N MET A 540 -7.38 2.52 29.81
CA MET A 540 -6.49 3.65 29.54
C MET A 540 -5.07 3.12 29.35
N VAL A 541 -4.77 2.09 30.13
CA VAL A 541 -3.54 1.34 30.01
C VAL A 541 -3.98 -0.13 29.93
N ASP A 542 -3.32 -0.90 29.10
CA ASP A 542 -3.82 -2.26 28.86
C ASP A 542 -3.56 -3.23 30.01
N GLU A 543 -2.44 -3.02 30.69
CA GLU A 543 -2.03 -3.89 31.78
C GLU A 543 -1.14 -3.14 32.76
N ILE A 544 -1.43 -3.29 34.05
CA ILE A 544 -0.47 -2.96 35.08
C ILE A 544 0.42 -4.19 35.27
N VAL A 545 1.73 -3.97 35.14
CA VAL A 545 2.70 -5.05 35.22
C VAL A 545 3.68 -4.75 36.36
N ASP A 546 4.18 -5.81 36.99
CA ASP A 546 5.17 -5.71 38.07
C ASP A 546 6.44 -5.09 37.54
N MET A 547 7.14 -4.38 38.40
CA MET A 547 8.41 -3.80 38.01
C MET A 547 9.33 -4.83 37.38
N THR A 548 9.23 -6.08 37.83
CA THR A 548 10.07 -7.16 37.33
C THR A 548 9.47 -7.82 36.09
N GLU A 549 8.32 -7.29 35.65
CA GLU A 549 7.64 -7.80 34.46
C GLU A 549 7.75 -6.84 33.27
N VAL A 550 8.28 -5.64 33.52
CA VAL A 550 8.43 -4.65 32.46
C VAL A 550 9.34 -5.16 31.33
N ARG A 551 10.55 -5.61 31.68
CA ARG A 551 11.46 -6.17 30.69
C ARG A 551 10.89 -7.39 29.94
N PRO A 552 10.37 -8.41 30.68
CA PRO A 552 9.65 -9.49 29.99
C PRO A 552 8.68 -9.01 28.90
N TYR A 553 7.91 -7.95 29.16
CA TYR A 553 6.97 -7.43 28.14
C TYR A 553 7.70 -6.79 26.99
N ILE A 554 8.76 -6.06 27.32
CA ILE A 554 9.61 -5.44 26.31
C ILE A 554 10.13 -6.55 25.43
N GLN A 555 10.60 -7.63 26.07
CA GLN A 555 11.15 -8.78 25.35
C GLN A 555 10.10 -9.47 24.49
N ALA A 556 8.90 -9.65 25.03
CA ALA A 556 7.81 -10.23 24.25
C ALA A 556 7.48 -9.33 23.04
N PHE A 557 7.32 -8.02 23.29
CA PHE A 557 7.02 -7.09 22.21
C PHE A 557 8.11 -7.11 21.12
N THR A 558 9.38 -6.92 21.52
CA THR A 558 10.47 -6.79 20.56
C THR A 558 10.63 -8.03 19.69
N GLU A 559 10.59 -9.20 20.32
CA GLU A 559 10.73 -10.46 19.62
C GLU A 559 9.54 -10.74 18.71
N ALA A 560 8.34 -10.35 19.15
CA ALA A 560 7.15 -10.42 18.30
C ALA A 560 7.30 -9.49 17.10
N ALA A 561 7.84 -8.29 17.34
CA ALA A 561 7.99 -7.28 16.29
C ALA A 561 9.03 -7.66 15.25
N TYR A 562 9.99 -8.48 15.66
CA TYR A 562 11.08 -8.89 14.76
C TYR A 562 10.87 -10.28 14.17
N GLN A 563 9.75 -10.92 14.55
CA GLN A 563 9.45 -12.27 14.15
C GLN A 563 9.22 -12.38 12.66
N ASN A 564 8.44 -11.43 12.14
CA ASN A 564 8.01 -11.46 10.77
C ASN A 564 7.76 -10.03 10.32
N PRO A 565 8.78 -9.16 10.40
CA PRO A 565 8.52 -7.76 10.13
C PRO A 565 8.23 -7.58 8.66
N GLN A 566 7.44 -6.58 8.33
CA GLN A 566 7.00 -6.40 6.96
C GLN A 566 7.96 -5.57 6.14
N SER A 567 9.02 -5.12 6.80
CA SER A 567 10.00 -4.22 6.20
C SER A 567 11.35 -4.35 6.90
N ILE A 568 12.43 -4.24 6.12
CA ILE A 568 13.77 -4.44 6.64
C ILE A 568 14.67 -3.27 6.26
N CYS A 569 15.46 -2.79 7.22
CA CYS A 569 16.68 -2.02 6.91
C CYS A 569 17.95 -2.79 7.32
N PRO A 570 18.76 -3.18 6.33
CA PRO A 570 20.06 -3.80 6.61
C PRO A 570 20.88 -2.93 7.57
N MET A 571 21.56 -3.53 8.54
CA MET A 571 22.25 -2.74 9.58
C MET A 571 23.21 -1.74 8.96
N HIS A 572 23.98 -2.18 7.97
CA HIS A 572 24.96 -1.30 7.32
C HIS A 572 24.34 -0.15 6.53
N GLN A 573 23.02 -0.18 6.39
CA GLN A 573 22.26 0.86 5.70
C GLN A 573 21.41 1.69 6.67
N MET A 574 21.61 1.48 7.97
CA MET A 574 20.84 2.20 9.00
C MET A 574 21.42 3.58 9.23
N LEU A 575 20.55 4.57 9.36
CA LEU A 575 20.99 5.94 9.52
C LEU A 575 21.13 6.33 10.99
N THR A 576 20.22 5.87 11.84
CA THR A 576 20.23 6.28 13.25
C THR A 576 21.62 6.18 13.88
N PRO A 577 22.30 5.03 13.74
CA PRO A 577 23.61 4.91 14.35
C PRO A 577 24.61 5.90 13.79
N ARG A 578 24.52 6.18 12.49
CA ARG A 578 25.46 7.09 11.85
C ARG A 578 25.27 8.52 12.33
N SER A 579 24.02 8.99 12.31
CA SER A 579 23.69 10.33 12.76
C SER A 579 24.04 10.51 14.23
N THR A 580 23.81 9.47 15.03
CA THR A 580 24.18 9.46 16.44
C THR A 580 25.68 9.71 16.58
N ARG A 581 26.48 8.88 15.93
CA ARG A 581 27.95 8.99 15.94
C ARG A 581 28.40 10.40 15.57
N GLU A 582 27.87 10.91 14.46
CA GLU A 582 28.23 12.23 13.95
C GLU A 582 27.93 13.34 14.94
N PHE A 583 26.78 13.29 15.61
CA PHE A 583 26.47 14.26 16.66
C PHE A 583 27.49 14.20 17.80
N GLU A 584 27.98 12.99 18.08
CA GLU A 584 28.98 12.82 19.11
C GLU A 584 30.32 13.43 18.71
N THR A 585 30.74 13.25 17.46
CA THR A 585 32.08 13.65 17.04
C THR A 585 32.19 15.04 16.41
N PHE A 586 31.19 15.44 15.62
CA PHE A 586 31.28 16.68 14.83
C PHE A 586 31.12 17.95 15.68
N MET B 3 -0.98 35.41 3.55
CA MET B 3 -1.70 34.26 2.94
C MET B 3 -0.87 32.97 2.94
N TYR B 4 0.31 32.97 3.59
CA TYR B 4 1.15 31.75 3.68
C TYR B 4 1.59 31.37 5.09
N SER B 5 1.78 30.07 5.30
CA SER B 5 2.26 29.54 6.56
C SER B 5 3.72 29.87 6.83
N MET B 6 4.01 30.26 8.07
CA MET B 6 5.37 30.30 8.58
C MET B 6 6.33 31.09 7.71
N PRO B 7 6.04 32.39 7.50
CA PRO B 7 6.93 33.18 6.65
C PRO B 7 8.32 33.26 7.26
N GLY B 8 8.36 33.13 8.59
CA GLY B 8 9.60 33.19 9.34
C GLY B 8 10.58 32.11 8.92
N TYR B 9 10.06 31.00 8.42
CA TYR B 9 10.87 29.91 7.90
C TYR B 9 10.98 29.96 6.39
N PHE B 10 9.87 30.27 5.72
CA PHE B 10 9.73 30.03 4.29
C PHE B 10 9.88 31.26 3.42
N GLN B 11 9.73 32.43 4.01
CA GLN B 11 9.96 33.68 3.26
C GLN B 11 11.25 34.34 3.70
N ASN B 12 11.83 35.16 2.82
CA ASN B 12 13.07 35.86 3.13
C ASN B 12 14.15 34.90 3.60
N MET B 13 14.26 33.77 2.90
CA MET B 13 15.36 32.84 3.12
C MET B 13 16.65 33.58 2.75
N PRO B 14 17.81 33.09 3.21
CA PRO B 14 19.05 33.67 2.70
C PRO B 14 19.03 33.68 1.17
N THR B 15 19.47 34.79 0.59
CA THR B 15 19.64 34.87 -0.86
C THR B 15 21.07 34.49 -1.17
N ILE B 16 21.28 33.95 -2.36
CA ILE B 16 22.61 33.50 -2.77
C ILE B 16 22.88 33.94 -4.19
N GLY B 17 24.15 33.89 -4.59
CA GLY B 17 24.58 34.21 -5.95
C GLY B 17 25.01 35.65 -6.12
N LYS B 18 26.02 35.86 -6.98
CA LYS B 18 26.50 37.19 -7.33
C LYS B 18 26.01 37.55 -8.72
N GLU B 19 25.96 38.86 -8.96
CA GLU B 19 25.83 39.38 -10.31
C GLU B 19 27.08 38.93 -11.08
N LEU B 20 26.89 38.44 -12.30
CA LEU B 20 27.99 37.92 -13.11
C LEU B 20 28.85 39.08 -13.60
N VAL B 21 30.07 39.15 -13.08
CA VAL B 21 30.97 40.25 -13.41
C VAL B 21 31.82 39.98 -14.66
N ASN B 22 32.20 38.72 -14.87
CA ASN B 22 33.07 38.35 -16.00
C ASN B 22 32.47 37.29 -16.93
N PRO B 23 31.71 37.74 -17.94
CA PRO B 23 31.10 36.80 -18.89
C PRO B 23 32.16 35.99 -19.63
N ASN B 24 31.80 34.81 -20.10
CA ASN B 24 32.73 33.99 -20.86
C ASN B 24 32.10 33.62 -22.20
N PRO B 25 32.30 34.48 -23.22
CA PRO B 25 31.63 34.36 -24.52
C PRO B 25 32.01 33.06 -25.23
N GLU B 26 33.26 32.65 -25.05
CA GLU B 26 33.78 31.46 -25.70
C GLU B 26 33.15 30.19 -25.10
N ASN B 27 33.03 30.17 -23.76
CA ASN B 27 32.32 29.12 -23.05
C ASN B 27 30.85 29.05 -23.49
N GLU B 28 30.19 30.20 -23.48
CA GLU B 28 28.82 30.37 -23.96
C GLU B 28 28.68 29.80 -25.36
N GLN B 29 29.59 30.20 -26.25
CA GLN B 29 29.60 29.72 -27.63
C GLN B 29 29.72 28.18 -27.68
N GLU B 30 30.54 27.59 -26.82
CA GLU B 30 30.71 26.14 -26.78
C GLU B 30 29.44 25.41 -26.33
N ILE B 31 28.81 25.90 -25.26
CA ILE B 31 27.54 25.35 -24.77
C ILE B 31 26.45 25.49 -25.82
N LYS B 32 26.32 26.69 -26.36
CA LYS B 32 25.26 26.97 -27.34
C LYS B 32 25.44 26.14 -28.61
N ALA B 33 26.68 25.80 -28.94
CA ALA B 33 26.97 24.90 -30.06
C ALA B 33 26.33 23.53 -29.84
N VAL B 34 26.50 22.99 -28.62
CA VAL B 34 25.88 21.72 -28.25
C VAL B 34 24.34 21.85 -28.32
N GLU B 35 23.82 22.91 -27.72
CA GLU B 35 22.37 23.17 -27.73
C GLU B 35 21.82 23.27 -29.13
N SER B 36 22.51 23.99 -30.00
CA SER B 36 22.10 24.15 -31.40
C SER B 36 22.05 22.82 -32.13
N ASP B 37 23.05 21.97 -31.87
CA ASP B 37 23.10 20.64 -32.47
C ASP B 37 21.94 19.76 -32.00
N ILE B 38 21.57 19.89 -30.74
CA ILE B 38 20.41 19.19 -30.21
C ILE B 38 19.14 19.66 -30.95
N HIS B 39 18.93 20.97 -30.99
CA HIS B 39 17.74 21.55 -31.65
C HIS B 39 17.62 21.16 -33.14
N GLU B 40 18.75 21.20 -33.84
CA GLU B 40 18.81 20.82 -35.25
C GLU B 40 18.48 19.35 -35.41
N SER B 41 19.05 18.51 -34.56
CA SER B 41 18.79 17.09 -34.58
C SER B 41 17.34 16.80 -34.25
N ILE B 42 16.79 17.47 -33.22
CA ILE B 42 15.38 17.33 -32.86
C ILE B 42 14.48 17.76 -34.02
N LYS B 43 14.84 18.88 -34.66
CA LYS B 43 14.10 19.37 -35.83
C LYS B 43 14.15 18.35 -36.98
N LYS B 44 15.35 17.89 -37.30
CA LYS B 44 15.55 16.97 -38.41
C LYS B 44 14.78 15.66 -38.17
N ALA B 45 14.71 15.26 -36.90
CA ALA B 45 14.01 14.05 -36.49
C ALA B 45 12.50 14.20 -36.57
N LEU B 46 11.98 15.34 -36.10
CA LEU B 46 10.55 15.59 -36.13
C LEU B 46 10.03 15.72 -37.56
N ASP B 47 10.89 16.15 -38.48
CA ASP B 47 10.48 16.37 -39.87
C ASP B 47 10.67 15.14 -40.76
N ALA B 48 11.47 14.19 -40.28
CA ALA B 48 11.71 12.94 -40.98
C ALA B 48 10.45 12.09 -41.10
N GLY B 49 10.46 11.17 -42.05
CA GLY B 49 9.30 10.33 -42.33
C GLY B 49 8.86 10.52 -43.77
N ILE B 50 8.14 9.54 -44.30
CA ILE B 50 7.71 9.60 -45.70
C ILE B 50 6.61 10.64 -45.93
N THR B 51 5.69 10.78 -44.98
CA THR B 51 4.59 11.73 -45.08
C THR B 51 4.89 12.99 -44.26
N SER B 52 4.99 14.14 -44.92
CA SER B 52 5.31 15.40 -44.27
C SER B 52 4.10 15.99 -43.53
N GLU B 53 4.37 16.99 -42.69
CA GLU B 53 3.30 17.75 -42.06
C GLU B 53 2.38 18.39 -43.11
N GLU B 54 2.98 18.87 -44.20
CA GLU B 54 2.25 19.40 -45.36
C GLU B 54 1.27 18.38 -45.94
N LYS B 55 1.74 17.17 -46.22
CA LYS B 55 0.88 16.12 -46.79
C LYS B 55 -0.19 15.65 -45.82
N LEU B 56 0.17 15.57 -44.55
CA LEU B 56 -0.78 15.31 -43.46
C LEU B 56 -1.91 16.34 -43.45
N ASN B 57 -1.56 17.62 -43.41
CA ASN B 57 -2.55 18.69 -43.44
C ASN B 57 -3.46 18.66 -44.67
N GLU B 58 -2.89 18.36 -45.85
CA GLU B 58 -3.64 18.29 -47.11
C GLU B 58 -4.81 17.33 -47.04
N ARG B 59 -4.59 16.17 -46.43
CA ARG B 59 -5.68 15.20 -46.29
C ARG B 59 -6.34 15.21 -44.91
N GLY B 60 -6.22 16.35 -44.24
CA GLY B 60 -7.07 16.66 -43.09
C GLY B 60 -6.56 16.27 -41.73
N GLN B 61 -5.25 16.03 -41.63
CA GLN B 61 -4.67 15.52 -40.40
C GLN B 61 -3.57 16.41 -39.86
N LEU B 62 -3.41 16.39 -38.54
CA LEU B 62 -2.34 17.13 -37.91
C LEU B 62 -1.18 16.20 -37.57
N SER B 63 0.02 16.75 -37.62
CA SER B 63 1.19 16.08 -37.11
C SER B 63 1.13 16.00 -35.59
N ALA B 64 1.99 15.15 -35.02
CA ALA B 64 2.12 15.02 -33.58
C ALA B 64 2.32 16.37 -32.90
N MET B 65 3.22 17.19 -33.42
CA MET B 65 3.54 18.48 -32.81
C MET B 65 2.40 19.47 -32.92
N GLN B 66 1.66 19.38 -34.01
CA GLN B 66 0.50 20.24 -34.17
C GLN B 66 -0.57 19.87 -33.16
N ARG B 67 -0.72 18.59 -32.90
CA ARG B 67 -1.72 18.12 -31.96
C ARG B 67 -1.34 18.51 -30.54
N ILE B 68 -0.05 18.41 -30.22
CA ILE B 68 0.46 18.80 -28.92
C ILE B 68 0.29 20.28 -28.72
N ASN B 69 0.82 21.06 -29.67
CA ASN B 69 0.73 22.52 -29.60
C ASN B 69 -0.72 22.96 -29.48
N ALA B 70 -1.61 22.25 -30.16
CA ALA B 70 -3.03 22.54 -30.04
C ALA B 70 -3.51 22.25 -28.65
N LEU B 71 -2.97 21.19 -28.07
CA LEU B 71 -3.44 20.73 -26.76
C LEU B 71 -2.95 21.63 -25.62
N ILE B 72 -1.71 22.08 -25.72
CA ILE B 72 -1.04 22.70 -24.58
C ILE B 72 -1.11 24.24 -24.54
N ASP B 73 -1.02 24.76 -23.32
CA ASP B 73 -0.80 26.16 -23.08
C ASP B 73 0.54 26.53 -23.71
N PRO B 74 0.55 27.57 -24.55
CA PRO B 74 1.77 27.97 -25.26
C PRO B 74 2.95 28.19 -24.34
N GLY B 75 4.11 27.68 -24.77
CA GLY B 75 5.36 27.83 -24.02
C GLY B 75 5.51 26.91 -22.81
N THR B 76 4.64 25.92 -22.68
CA THR B 76 4.73 24.99 -21.56
C THR B 76 5.19 23.60 -21.98
N TRP B 77 5.67 23.48 -23.21
CA TRP B 77 6.16 22.20 -23.72
C TRP B 77 7.54 21.86 -23.20
N CYS B 78 7.61 20.74 -22.48
CA CYS B 78 8.87 20.19 -22.00
C CYS B 78 9.02 18.84 -22.62
N PRO B 79 9.62 18.77 -23.83
CA PRO B 79 9.81 17.48 -24.47
C PRO B 79 10.80 16.64 -23.69
N LEU B 80 10.56 15.34 -23.69
CA LEU B 80 11.48 14.38 -23.12
C LEU B 80 11.71 13.31 -24.17
N ASN B 81 12.92 12.77 -24.19
CA ASN B 81 13.27 11.70 -25.13
C ASN B 81 13.14 12.10 -26.60
N SER B 82 13.34 13.39 -26.86
CA SER B 82 13.23 13.93 -28.22
C SER B 82 14.14 13.14 -29.15
N LEU B 83 15.36 12.90 -28.69
CA LEU B 83 16.38 12.22 -29.49
C LEU B 83 16.57 10.77 -29.09
N PHE B 84 15.69 10.25 -28.25
CA PHE B 84 15.81 8.86 -27.79
C PHE B 84 15.71 7.95 -29.00
N ASN B 85 16.77 7.18 -29.23
CA ASN B 85 16.87 6.28 -30.37
C ASN B 85 17.90 5.18 -30.08
N PRO B 86 17.64 4.36 -29.05
CA PRO B 86 18.64 3.39 -28.62
C PRO B 86 19.05 2.38 -29.69
N GLU B 87 18.13 2.08 -30.61
CA GLU B 87 18.35 1.08 -31.66
C GLU B 87 18.82 1.62 -33.03
N ASN B 88 19.04 2.93 -33.13
CA ASN B 88 19.45 3.60 -34.37
C ASN B 88 18.48 3.42 -35.52
N ASN B 89 17.22 3.80 -35.28
CA ASN B 89 16.23 3.86 -36.35
C ASN B 89 16.61 4.97 -37.32
N LYS B 90 16.42 4.72 -38.62
CA LYS B 90 16.77 5.70 -39.66
C LYS B 90 16.15 7.07 -39.39
N PHE B 91 14.87 7.11 -39.05
CA PHE B 91 14.18 8.38 -38.85
C PHE B 91 14.69 9.16 -37.65
N GLY B 92 15.50 8.51 -36.82
CA GLY B 92 16.11 9.15 -35.66
C GLY B 92 15.32 9.14 -34.35
N THR B 93 14.13 8.56 -34.37
CA THR B 93 13.24 8.60 -33.19
C THR B 93 12.61 7.25 -32.91
N THR B 94 11.73 7.24 -31.92
CA THR B 94 10.97 6.06 -31.52
C THR B 94 9.52 6.15 -31.99
N ASN B 95 9.24 7.10 -32.88
CA ASN B 95 7.90 7.31 -33.44
C ASN B 95 6.83 7.79 -32.45
N ILE B 96 7.27 8.29 -31.31
CA ILE B 96 6.37 8.98 -30.40
C ILE B 96 7.04 10.27 -30.00
N VAL B 97 6.24 11.31 -29.79
CA VAL B 97 6.73 12.53 -29.18
C VAL B 97 6.14 12.56 -27.78
N ASN B 98 6.97 12.87 -26.79
CA ASN B 98 6.50 12.83 -25.43
C ASN B 98 7.14 13.89 -24.55
N GLY B 99 6.44 14.24 -23.47
CA GLY B 99 6.98 15.15 -22.47
C GLY B 99 5.89 15.72 -21.60
N LEU B 100 6.21 16.78 -20.89
CA LEU B 100 5.23 17.46 -20.06
C LEU B 100 4.69 18.67 -20.77
N GLY B 101 3.37 18.82 -20.76
CA GLY B 101 2.72 20.04 -21.23
C GLY B 101 1.68 20.47 -20.23
N ARG B 102 1.32 21.74 -20.26
CA ARG B 102 0.30 22.27 -19.38
C ARG B 102 -0.96 22.55 -20.19
N VAL B 103 -2.11 22.22 -19.61
CA VAL B 103 -3.39 22.38 -20.30
C VAL B 103 -4.34 23.16 -19.38
N ASP B 104 -4.64 24.39 -19.78
CA ASP B 104 -5.42 25.32 -18.98
C ASP B 104 -4.98 25.30 -17.51
N GLY B 105 -3.67 25.34 -17.29
CA GLY B 105 -3.12 25.35 -15.95
C GLY B 105 -2.79 23.99 -15.38
N LYS B 106 -3.38 22.92 -15.94
CA LYS B 106 -3.10 21.54 -15.51
C LYS B 106 -1.95 20.89 -16.27
N TRP B 107 -0.91 20.50 -15.53
CA TRP B 107 0.16 19.72 -16.13
C TRP B 107 -0.30 18.29 -16.41
N VAL B 108 0.07 17.80 -17.58
CA VAL B 108 -0.25 16.44 -17.97
C VAL B 108 0.95 15.83 -18.70
N TYR B 109 1.11 14.51 -18.60
CA TYR B 109 2.10 13.86 -19.43
C TYR B 109 1.50 13.55 -20.79
N ILE B 110 2.25 13.87 -21.83
CA ILE B 110 1.74 13.75 -23.19
C ILE B 110 2.55 12.77 -24.03
N VAL B 111 1.84 11.88 -24.71
CA VAL B 111 2.44 10.97 -25.68
C VAL B 111 1.68 11.10 -26.99
N ALA B 112 2.39 11.47 -28.06
CA ALA B 112 1.79 11.57 -29.39
C ALA B 112 2.50 10.67 -30.38
N SER B 113 1.72 9.86 -31.07
CA SER B 113 2.22 9.03 -32.16
C SER B 113 2.72 9.91 -33.28
N ASP B 114 3.92 9.61 -33.78
CA ASP B 114 4.43 10.32 -34.93
C ASP B 114 3.83 9.72 -36.20
N ASN B 115 2.73 10.30 -36.67
CA ASN B 115 2.07 9.83 -37.89
C ASN B 115 2.78 10.21 -39.20
N LYS B 116 3.89 10.95 -39.10
CA LYS B 116 4.74 11.22 -40.25
C LYS B 116 5.49 9.96 -40.66
N LYS B 117 5.68 9.05 -39.71
CA LYS B 117 6.58 7.92 -39.86
C LYS B 117 5.82 6.61 -39.75
N MET B 118 5.70 5.91 -40.88
CA MET B 118 5.01 4.62 -40.94
C MET B 118 3.71 4.60 -40.15
N ALA B 119 2.92 5.66 -40.30
CA ALA B 119 1.60 5.79 -39.69
C ALA B 119 1.59 5.52 -38.17
N GLY B 120 2.64 5.99 -37.50
CA GLY B 120 2.76 5.83 -36.05
C GLY B 120 3.07 4.42 -35.57
N ALA B 121 3.75 3.64 -36.42
CA ALA B 121 4.08 2.26 -36.12
C ALA B 121 5.03 2.12 -34.92
N TRP B 122 4.92 0.99 -34.23
CA TRP B 122 5.83 0.60 -33.17
C TRP B 122 7.18 0.32 -33.78
N VAL B 123 8.17 1.10 -33.37
CA VAL B 123 9.55 0.89 -33.85
C VAL B 123 10.48 0.50 -32.71
N PRO B 124 11.64 -0.13 -33.03
CA PRO B 124 12.55 -0.49 -31.95
C PRO B 124 12.85 0.71 -31.01
N GLY B 125 12.81 0.46 -29.72
CA GLY B 125 13.02 1.49 -28.73
C GLY B 125 11.73 2.14 -28.25
N GLN B 126 10.66 2.03 -29.03
CA GLN B 126 9.42 2.71 -28.67
C GLN B 126 8.85 2.23 -27.35
N ALA B 127 8.85 0.91 -27.15
CA ALA B 127 8.27 0.32 -25.96
C ALA B 127 8.88 0.95 -24.73
N GLU B 128 10.21 1.03 -24.72
CA GLU B 128 10.97 1.57 -23.61
C GLU B 128 10.60 3.02 -23.42
N ASN B 129 10.51 3.76 -24.53
CA ASN B 129 10.17 5.18 -24.52
C ASN B 129 8.83 5.34 -23.83
N LEU B 130 7.89 4.48 -24.20
CA LEU B 130 6.51 4.54 -23.70
C LEU B 130 6.41 4.25 -22.21
N ILE B 131 7.23 3.31 -21.76
CA ILE B 131 7.27 2.96 -20.34
C ILE B 131 7.75 4.14 -19.50
N ARG B 132 8.80 4.81 -19.96
CA ARG B 132 9.28 6.03 -19.30
C ARG B 132 8.17 7.08 -19.14
N CYS B 133 7.24 7.10 -20.10
CA CYS B 133 6.09 8.00 -20.06
C CYS B 133 5.09 7.59 -18.97
N SER B 134 4.68 6.33 -18.98
CA SER B 134 3.70 5.89 -18.00
C SER B 134 4.31 5.88 -16.60
N ASP B 135 5.60 5.59 -16.52
CA ASP B 135 6.35 5.67 -15.26
C ASP B 135 6.33 7.08 -14.67
N ALA B 136 6.72 8.08 -15.47
CA ALA B 136 6.65 9.47 -15.05
C ALA B 136 5.27 9.80 -14.51
N ALA B 137 4.24 9.49 -15.28
CA ALA B 137 2.87 9.77 -14.86
C ALA B 137 2.55 9.09 -13.54
N LYS B 138 3.00 7.83 -13.40
CA LYS B 138 2.75 7.00 -12.22
C LYS B 138 3.36 7.61 -10.97
N MET B 139 4.63 7.98 -11.09
CA MET B 139 5.38 8.49 -9.95
C MET B 139 4.90 9.87 -9.50
N MET B 140 4.39 10.66 -10.44
CA MET B 140 3.91 12.02 -10.15
C MET B 140 2.44 12.05 -9.92
N HIS B 141 1.78 10.93 -10.18
CA HIS B 141 0.32 10.86 -10.13
C HIS B 141 -0.29 11.89 -11.06
N LEU B 142 0.24 11.89 -12.29
CA LEU B 142 -0.06 12.89 -13.28
C LEU B 142 -0.84 12.25 -14.40
N PRO B 143 -1.91 12.91 -14.85
CA PRO B 143 -2.70 12.35 -15.94
C PRO B 143 -1.85 12.12 -17.16
N LEU B 144 -2.09 11.00 -17.83
CA LEU B 144 -1.37 10.65 -19.07
C LEU B 144 -2.28 10.82 -20.29
N ILE B 145 -1.79 11.59 -21.26
CA ILE B 145 -2.55 11.90 -22.46
C ILE B 145 -1.90 11.27 -23.69
N TYR B 146 -2.68 10.48 -24.42
CA TYR B 146 -2.21 9.87 -25.67
C TYR B 146 -2.87 10.55 -26.86
N LEU B 147 -2.06 11.14 -27.73
CA LEU B 147 -2.57 11.62 -29.01
C LEU B 147 -2.22 10.51 -30.01
N LEU B 148 -3.14 9.54 -30.10
CA LEU B 148 -2.85 8.28 -30.75
C LEU B 148 -3.19 8.25 -32.24
N ASN B 149 -2.21 7.79 -33.02
CA ASN B 149 -2.34 7.57 -34.45
C ASN B 149 -1.38 6.42 -34.77
N CYS B 150 -1.78 5.19 -34.43
CA CYS B 150 -0.82 4.10 -34.29
C CYS B 150 -1.16 2.86 -35.11
N SER B 151 -0.29 2.54 -36.07
CA SER B 151 -0.49 1.38 -36.95
C SER B 151 0.04 0.06 -36.37
N GLY B 152 0.45 0.09 -35.09
CA GLY B 152 0.94 -1.09 -34.41
C GLY B 152 2.33 -1.54 -34.84
N VAL B 153 2.62 -2.82 -34.61
CA VAL B 153 3.93 -3.40 -34.92
C VAL B 153 4.43 -3.10 -36.34
N GLU B 154 5.62 -2.49 -36.41
CA GLU B 154 6.37 -2.42 -37.66
C GLU B 154 6.83 -3.82 -38.05
N PHE B 155 6.18 -4.37 -39.08
CA PHE B 155 6.38 -5.77 -39.49
C PHE B 155 7.83 -6.29 -39.60
N PRO B 156 8.72 -5.59 -40.33
CA PRO B 156 10.13 -6.03 -40.43
C PRO B 156 10.85 -6.11 -39.08
N ASN B 157 10.41 -5.32 -38.10
CA ASN B 157 11.04 -5.27 -36.80
C ASN B 157 10.21 -5.86 -35.66
N GLN B 158 9.28 -6.75 -36.00
CA GLN B 158 8.34 -7.32 -35.03
C GLN B 158 9.05 -7.94 -33.82
N ASP B 159 10.16 -8.63 -34.08
CA ASP B 159 10.91 -9.32 -33.04
C ASP B 159 11.45 -8.34 -31.98
N LYS B 160 11.56 -7.08 -32.35
CA LYS B 160 12.12 -6.07 -31.46
C LYS B 160 11.04 -5.17 -30.84
N VAL B 161 9.80 -5.27 -31.31
CA VAL B 161 8.76 -4.36 -30.88
C VAL B 161 7.53 -5.07 -30.32
N TYR B 162 7.39 -6.34 -30.66
CA TYR B 162 6.21 -7.13 -30.26
C TYR B 162 6.35 -7.91 -28.93
N PRO B 163 7.42 -8.71 -28.77
CA PRO B 163 7.44 -9.60 -27.61
C PRO B 163 8.14 -9.01 -26.38
N ASN B 164 8.28 -9.85 -25.35
CA ASN B 164 9.12 -9.57 -24.19
C ASN B 164 8.45 -8.74 -23.07
N ARG B 165 9.07 -8.77 -21.89
CA ARG B 165 8.55 -8.17 -20.67
C ARG B 165 8.31 -6.68 -20.83
N ARG B 166 9.19 -6.04 -21.60
CA ARG B 166 9.09 -4.63 -21.83
C ARG B 166 9.00 -4.29 -23.32
N GLY B 167 8.14 -5.01 -24.03
CA GLY B 167 7.86 -4.72 -25.43
C GLY B 167 6.55 -3.96 -25.56
N GLY B 168 5.96 -4.02 -26.75
CA GLY B 168 4.78 -3.22 -27.07
C GLY B 168 3.52 -3.54 -26.30
N GLY B 169 3.45 -4.70 -25.66
CA GLY B 169 2.28 -5.08 -24.87
C GLY B 169 2.28 -4.49 -23.47
N THR B 170 3.45 -4.07 -23.01
CA THR B 170 3.63 -3.60 -21.64
C THR B 170 2.80 -2.34 -21.30
N PRO B 171 2.81 -1.31 -22.17
CA PRO B 171 2.03 -0.09 -21.89
C PRO B 171 0.56 -0.34 -21.55
N PHE B 172 -0.01 -1.42 -22.09
CA PHE B 172 -1.43 -1.69 -21.88
C PHE B 172 -1.63 -2.11 -20.43
N PHE B 173 -0.67 -2.88 -19.91
CA PHE B 173 -0.67 -3.23 -18.49
C PHE B 173 -0.39 -1.96 -17.68
N ARG B 174 0.59 -1.18 -18.11
CA ARG B 174 0.91 0.09 -17.46
C ARG B 174 -0.27 1.07 -17.39
N ASN B 175 -1.06 1.13 -18.47
CA ASN B 175 -2.28 1.93 -18.46
C ASN B 175 -3.30 1.44 -17.45
N SER B 176 -3.37 0.12 -17.24
CA SER B 176 -4.28 -0.45 -16.24
C SER B 176 -3.78 -0.16 -14.85
N GLU B 177 -2.46 -0.09 -14.71
CA GLU B 177 -1.86 0.17 -13.42
C GLU B 177 -2.11 1.63 -13.03
N LEU B 178 -1.90 2.54 -13.98
CA LEU B 178 -2.22 3.96 -13.76
C LEU B 178 -3.68 4.08 -13.31
N ASN B 179 -4.60 3.46 -14.05
CA ASN B 179 -6.00 3.46 -13.71
C ASN B 179 -6.26 2.94 -12.32
N GLN B 180 -5.65 1.80 -11.99
CA GLN B 180 -5.83 1.21 -10.66
C GLN B 180 -5.22 2.05 -9.54
N LEU B 181 -4.15 2.77 -9.87
CA LEU B 181 -3.53 3.71 -8.94
C LEU B 181 -4.33 5.01 -8.81
N GLY B 182 -5.36 5.16 -9.65
CA GLY B 182 -6.23 6.34 -9.58
C GLY B 182 -5.86 7.44 -10.56
N ILE B 183 -4.94 7.13 -11.46
CA ILE B 183 -4.40 8.07 -12.44
C ILE B 183 -5.07 7.84 -13.78
N PRO B 184 -5.79 8.87 -14.28
CA PRO B 184 -6.55 8.72 -15.51
C PRO B 184 -5.68 8.80 -16.76
N VAL B 185 -6.03 8.02 -17.77
CA VAL B 185 -5.40 8.06 -19.08
C VAL B 185 -6.47 8.50 -20.10
N ILE B 186 -6.14 9.51 -20.91
CA ILE B 186 -7.06 10.02 -21.91
C ILE B 186 -6.46 9.83 -23.30
N VAL B 187 -7.20 9.23 -24.21
CA VAL B 187 -6.71 9.07 -25.57
C VAL B 187 -7.56 9.76 -26.62
N GLY B 188 -6.89 10.57 -27.44
CA GLY B 188 -7.46 11.00 -28.69
C GLY B 188 -7.13 9.99 -29.77
N ILE B 189 -8.14 9.31 -30.30
CA ILE B 189 -7.90 8.30 -31.30
C ILE B 189 -7.98 8.91 -32.70
N TYR B 190 -6.87 8.80 -33.44
CA TYR B 190 -6.79 9.32 -34.81
C TYR B 190 -6.38 8.21 -35.77
N GLY B 191 -6.86 8.30 -37.01
CA GLY B 191 -6.52 7.36 -38.07
C GLY B 191 -6.77 5.91 -37.68
N THR B 192 -5.98 5.00 -38.26
CA THR B 192 -6.19 3.57 -38.12
C THR B 192 -5.37 3.02 -36.96
N ASN B 193 -6.06 2.36 -36.03
CA ASN B 193 -5.39 1.78 -34.87
C ASN B 193 -5.72 0.30 -34.72
N PRO B 194 -5.01 -0.55 -35.47
CA PRO B 194 -5.26 -1.99 -35.42
C PRO B 194 -4.31 -2.70 -34.44
N ALA B 195 -4.80 -3.80 -33.86
CA ALA B 195 -4.03 -4.66 -32.97
C ALA B 195 -3.27 -3.88 -31.89
N GLY B 196 -1.97 -3.68 -32.07
CA GLY B 196 -1.16 -2.90 -31.14
C GLY B 196 -1.71 -1.51 -30.93
N GLY B 197 -2.13 -0.88 -32.02
CA GLY B 197 -2.79 0.42 -31.95
C GLY B 197 -4.12 0.31 -31.23
N GLY B 198 -4.88 -0.75 -31.52
CA GLY B 198 -6.18 -0.98 -30.91
C GLY B 198 -6.11 -1.00 -29.40
N TYR B 199 -5.07 -1.67 -28.89
CA TYR B 199 -4.89 -1.82 -27.47
C TYR B 199 -4.47 -0.55 -26.81
N HIS B 200 -3.67 0.23 -27.51
CA HIS B 200 -3.35 1.57 -27.07
C HIS B 200 -4.59 2.44 -27.00
N SER B 201 -5.55 2.14 -27.88
CA SER B 201 -6.81 2.90 -27.91
C SER B 201 -7.76 2.50 -26.80
N ILE B 202 -7.73 1.21 -26.44
CA ILE B 202 -8.73 0.66 -25.56
C ILE B 202 -8.27 0.64 -24.09
N SER B 203 -6.97 0.71 -23.87
CA SER B 203 -6.41 0.67 -22.51
C SER B 203 -6.65 1.93 -21.67
N PRO B 204 -6.69 3.13 -22.30
CA PRO B 204 -6.99 4.33 -21.52
C PRO B 204 -8.37 4.39 -20.90
N THR B 205 -8.55 5.37 -20.02
CA THR B 205 -9.78 5.60 -19.28
C THR B 205 -10.86 6.23 -20.17
N ILE B 206 -10.48 7.28 -20.90
CA ILE B 206 -11.37 8.06 -21.76
C ILE B 206 -10.95 7.96 -23.21
N LEU B 207 -11.90 7.61 -24.08
CA LEU B 207 -11.61 7.50 -25.52
C LEU B 207 -12.38 8.55 -26.32
N ILE B 208 -11.61 9.40 -26.99
CA ILE B 208 -12.14 10.45 -27.85
C ILE B 208 -11.68 10.15 -29.26
N ALA B 209 -12.63 9.93 -30.17
CA ALA B 209 -12.28 9.48 -31.51
C ALA B 209 -12.50 10.55 -32.56
N HIS B 210 -11.63 10.53 -33.57
CA HIS B 210 -11.83 11.25 -34.81
C HIS B 210 -12.88 10.48 -35.60
N GLN B 211 -13.71 11.18 -36.35
CA GLN B 211 -14.82 10.54 -37.05
C GLN B 211 -14.38 9.47 -38.05
N ASP B 212 -13.16 9.60 -38.56
CA ASP B 212 -12.62 8.64 -39.53
C ASP B 212 -11.74 7.57 -38.90
N ALA B 213 -11.54 7.68 -37.58
CA ALA B 213 -10.61 6.83 -36.86
C ALA B 213 -11.18 5.44 -36.65
N ASN B 214 -10.32 4.52 -36.25
CA ASN B 214 -10.76 3.19 -35.88
C ASN B 214 -9.82 2.60 -34.83
N MET B 215 -10.36 1.69 -34.03
CA MET B 215 -9.56 0.84 -33.16
C MET B 215 -10.10 -0.57 -33.28
N ALA B 216 -9.19 -1.54 -33.35
CA ALA B 216 -9.57 -2.90 -33.66
C ALA B 216 -8.52 -3.88 -33.22
N VAL B 217 -8.98 -5.08 -32.89
CA VAL B 217 -8.13 -6.22 -32.60
C VAL B 217 -7.25 -6.50 -33.81
N GLY B 218 -7.83 -6.38 -35.00
CA GLY B 218 -7.11 -6.56 -36.27
C GLY B 218 -7.71 -5.64 -37.31
N GLY B 219 -6.87 -5.08 -38.17
CA GLY B 219 -7.35 -4.17 -39.21
C GLY B 219 -7.67 -4.85 -40.52
N ALA B 220 -7.74 -4.06 -41.60
CA ALA B 220 -7.87 -4.58 -42.96
C ALA B 220 -6.64 -5.42 -43.38
N GLY B 221 -5.46 -5.04 -42.89
CA GLY B 221 -4.21 -5.77 -43.18
C GLY B 221 -4.28 -7.28 -42.95
N ALA B 237 0.46 -15.04 -55.53
CA ALA B 237 1.37 -13.91 -55.72
C ALA B 237 0.70 -12.75 -56.44
N GLU B 238 0.30 -12.99 -57.70
CA GLU B 238 -0.50 -12.02 -58.45
C GLU B 238 -1.93 -12.04 -57.92
N GLN B 239 -2.35 -13.22 -57.45
CA GLN B 239 -3.67 -13.41 -56.86
C GLN B 239 -3.86 -12.55 -55.62
N ILE B 240 -2.77 -12.34 -54.89
CA ILE B 240 -2.78 -11.50 -53.68
C ILE B 240 -3.13 -10.04 -54.03
N ILE B 241 -2.60 -9.55 -55.14
CA ILE B 241 -2.96 -8.22 -55.65
C ILE B 241 -4.40 -8.20 -56.18
N ALA B 242 -4.82 -9.30 -56.81
CA ALA B 242 -6.18 -9.44 -57.34
C ALA B 242 -7.23 -9.44 -56.23
N ALA B 243 -6.99 -10.29 -55.21
CA ALA B 243 -7.84 -10.38 -54.01
C ALA B 243 -7.98 -9.03 -53.30
N GLN B 244 -6.96 -8.20 -53.42
CA GLN B 244 -6.93 -6.88 -52.79
C GLN B 244 -7.93 -5.90 -53.42
N ILE B 245 -7.87 -5.75 -54.74
CA ILE B 245 -8.82 -4.88 -55.46
C ILE B 245 -10.24 -5.47 -55.45
N GLU B 246 -10.34 -6.80 -55.49
CA GLU B 246 -11.62 -7.49 -55.40
C GLU B 246 -12.20 -7.46 -53.98
N ASN B 247 -11.34 -7.20 -52.98
CA ASN B 247 -11.75 -7.01 -51.58
C ASN B 247 -11.81 -5.52 -51.18
N SER B 248 -11.48 -4.65 -52.12
CA SER B 248 -11.54 -3.20 -51.90
C SER B 248 -12.73 -2.57 -52.64
N LYS B 249 -13.22 -3.28 -53.65
CA LYS B 249 -14.37 -2.82 -54.45
C LYS B 249 -15.67 -2.86 -53.63
N LEU B 250 -15.74 -3.79 -52.68
CA LEU B 250 -16.82 -3.83 -51.68
C LEU B 250 -16.92 -2.57 -50.80
N LYS B 251 -15.86 -1.76 -50.81
CA LYS B 251 -15.73 -0.61 -49.89
C LYS B 251 -16.05 -1.03 -48.43
N VAL B 252 -15.63 -2.25 -48.09
CA VAL B 252 -15.77 -2.79 -46.74
C VAL B 252 -15.01 -1.90 -45.74
N PRO B 253 -15.71 -1.44 -44.68
CA PRO B 253 -15.09 -0.42 -43.81
C PRO B 253 -13.94 -0.96 -42.95
N ALA B 254 -12.93 -0.11 -42.72
CA ALA B 254 -11.85 -0.43 -41.79
C ALA B 254 -12.45 -0.90 -40.47
N PRO B 255 -12.02 -2.08 -39.99
CA PRO B 255 -12.61 -2.67 -38.78
C PRO B 255 -12.56 -1.71 -37.58
N GLY B 256 -13.62 -1.73 -36.79
CA GLY B 256 -13.74 -0.92 -35.58
C GLY B 256 -13.79 0.58 -35.80
N SER B 257 -14.42 1.01 -36.89
CA SER B 257 -14.63 2.44 -37.15
C SER B 257 -15.78 2.97 -36.27
N VAL B 258 -15.97 4.28 -36.31
CA VAL B 258 -17.01 4.96 -35.52
C VAL B 258 -18.38 4.26 -35.48
N PRO B 259 -18.94 3.85 -36.64
CA PRO B 259 -20.24 3.15 -36.57
C PRO B 259 -20.22 1.93 -35.64
N ILE B 260 -19.03 1.37 -35.42
CA ILE B 260 -18.86 0.21 -34.55
C ILE B 260 -18.59 0.63 -33.11
N HIS B 261 -17.56 1.45 -32.90
CA HIS B 261 -17.13 1.73 -31.53
C HIS B 261 -17.80 2.93 -30.88
N TYR B 262 -18.59 3.65 -31.65
CA TYR B 262 -19.48 4.63 -31.07
C TYR B 262 -20.90 4.09 -31.05
N ASP B 263 -21.42 3.77 -32.23
CA ASP B 263 -22.82 3.38 -32.40
C ASP B 263 -23.14 2.01 -31.81
N GLU B 264 -22.19 1.09 -31.76
CA GLU B 264 -22.49 -0.26 -31.28
C GLU B 264 -21.94 -0.55 -29.88
N THR B 265 -20.61 -0.49 -29.73
CA THR B 265 -19.96 -0.83 -28.46
C THR B 265 -19.99 0.32 -27.45
N GLY B 266 -20.03 1.55 -27.93
CA GLY B 266 -19.94 2.70 -27.06
C GLY B 266 -18.59 2.80 -26.36
N PHE B 267 -17.56 2.22 -26.98
CA PHE B 267 -16.20 2.32 -26.43
C PHE B 267 -15.62 3.72 -26.65
N PHE B 268 -15.81 4.27 -27.85
CA PHE B 268 -15.54 5.68 -28.08
C PHE B 268 -16.59 6.43 -27.30
N ARG B 269 -16.18 7.25 -26.34
CA ARG B 269 -17.15 7.99 -25.56
C ARG B 269 -17.65 9.19 -26.34
N GLU B 270 -16.74 9.81 -27.10
CA GLU B 270 -17.07 10.97 -27.93
C GLU B 270 -16.39 10.91 -29.28
N VAL B 271 -17.01 11.58 -30.26
CA VAL B 271 -16.54 11.56 -31.64
C VAL B 271 -16.55 12.98 -32.18
N TYR B 272 -15.46 13.37 -32.83
CA TYR B 272 -15.35 14.74 -33.36
C TYR B 272 -15.03 14.73 -34.84
N GLN B 273 -15.31 15.84 -35.50
CA GLN B 273 -15.20 15.92 -36.95
C GLN B 273 -13.77 15.98 -37.43
N ASN B 274 -12.94 16.74 -36.70
CA ASN B 274 -11.57 16.95 -37.09
C ASN B 274 -10.61 16.88 -35.88
N ASP B 275 -9.31 16.91 -36.18
CA ASP B 275 -8.25 16.77 -35.17
C ASP B 275 -8.40 17.73 -34.01
N LEU B 276 -8.78 18.98 -34.29
CA LEU B 276 -8.88 20.01 -33.25
C LEU B 276 -10.07 19.79 -32.36
N GLY B 277 -11.13 19.21 -32.94
CA GLY B 277 -12.28 18.73 -32.17
C GLY B 277 -11.83 17.71 -31.14
N VAL B 278 -11.13 16.66 -31.59
CA VAL B 278 -10.57 15.66 -30.70
C VAL B 278 -9.78 16.34 -29.56
N ILE B 279 -8.91 17.29 -29.92
CA ILE B 279 -8.12 18.04 -28.95
C ILE B 279 -9.01 18.78 -27.94
N ASP B 280 -10.12 19.36 -28.42
CA ASP B 280 -11.09 20.03 -27.55
C ASP B 280 -11.79 19.06 -26.61
N GLY B 281 -12.16 17.89 -27.15
CA GLY B 281 -12.67 16.80 -26.32
C GLY B 281 -11.68 16.45 -25.21
N ILE B 282 -10.43 16.28 -25.58
CA ILE B 282 -9.40 15.94 -24.61
C ILE B 282 -9.32 17.04 -23.57
N LYS B 283 -9.36 18.30 -24.01
CA LYS B 283 -9.27 19.46 -23.11
C LYS B 283 -10.41 19.48 -22.08
N LYS B 284 -11.60 19.10 -22.54
CA LYS B 284 -12.77 19.06 -21.70
C LYS B 284 -12.56 18.04 -20.59
N TYR B 285 -12.10 16.85 -20.99
CA TYR B 285 -11.87 15.78 -20.03
C TYR B 285 -10.71 16.08 -19.10
N ILE B 286 -9.63 16.67 -19.62
CA ILE B 286 -8.60 17.22 -18.76
C ILE B 286 -9.18 18.22 -17.72
N SER B 287 -10.11 19.07 -18.15
CA SER B 287 -10.72 20.03 -17.24
C SER B 287 -11.51 19.34 -16.14
N TYR B 288 -11.93 18.10 -16.39
CA TYR B 288 -12.65 17.32 -15.38
C TYR B 288 -11.73 16.76 -14.29
N LEU B 289 -10.45 16.61 -14.61
CA LEU B 289 -9.48 15.94 -13.73
C LEU B 289 -9.20 16.71 -12.43
N PRO B 290 -9.01 15.97 -11.32
CA PRO B 290 -8.79 16.60 -10.03
C PRO B 290 -7.41 17.22 -10.00
N ALA B 291 -7.30 18.45 -9.54
CA ALA B 291 -6.01 19.12 -9.48
C ALA B 291 -6.07 20.21 -8.43
N TYR B 292 -5.10 20.25 -7.53
CA TYR B 292 -5.00 21.37 -6.61
C TYR B 292 -4.79 22.66 -7.36
N ASN B 293 -5.36 23.74 -6.85
CA ASN B 293 -4.83 25.04 -7.15
C ASN B 293 -3.52 25.07 -6.37
N LEU B 294 -2.41 25.23 -7.08
CA LEU B 294 -1.09 25.17 -6.48
C LEU B 294 -0.89 26.16 -5.32
N GLU B 295 -1.70 27.21 -5.30
CA GLU B 295 -1.74 28.13 -4.17
C GLU B 295 -1.83 27.38 -2.83
N PHE B 296 -2.58 26.27 -2.79
CA PHE B 296 -2.72 25.46 -1.59
C PHE B 296 -1.38 25.06 -0.98
N PHE B 297 -0.42 24.70 -1.84
CA PHE B 297 0.89 24.22 -1.35
C PHE B 297 2.01 25.26 -1.33
N ARG B 298 1.70 26.49 -1.70
CA ARG B 298 2.69 27.55 -1.72
C ARG B 298 3.01 28.09 -0.33
N VAL B 299 4.26 28.52 -0.16
CA VAL B 299 4.75 29.09 1.07
C VAL B 299 5.20 30.51 0.75
N ASP B 300 5.03 30.88 -0.51
CA ASP B 300 5.39 32.19 -1.00
C ASP B 300 4.74 32.39 -2.35
N THR B 301 4.61 33.65 -2.75
CA THR B 301 4.12 33.98 -4.08
C THR B 301 5.24 33.64 -5.10
N PRO B 302 4.88 33.12 -6.29
CA PRO B 302 5.93 32.77 -7.24
C PRO B 302 6.80 33.97 -7.59
N LYS B 303 8.12 33.80 -7.48
CA LYS B 303 9.07 34.85 -7.84
C LYS B 303 10.16 34.30 -8.72
N ALA B 304 10.51 35.03 -9.77
CA ALA B 304 11.64 34.69 -10.63
C ALA B 304 12.93 34.70 -9.80
N PRO B 305 13.98 34.00 -10.27
CA PRO B 305 15.28 34.19 -9.61
C PRO B 305 15.75 35.65 -9.73
N GLN B 306 16.63 36.08 -8.84
CA GLN B 306 17.17 37.44 -8.90
C GLN B 306 18.32 37.56 -9.89
N LEU B 307 18.83 36.43 -10.35
CA LEU B 307 19.92 36.43 -11.32
C LEU B 307 19.49 35.70 -12.59
N PRO B 308 19.84 36.25 -13.77
CA PRO B 308 19.42 35.68 -15.05
C PRO B 308 20.06 34.32 -15.36
N ALA B 309 19.27 33.44 -15.96
CA ALA B 309 19.73 32.10 -16.35
C ALA B 309 20.78 32.12 -17.45
N GLU B 310 20.76 33.16 -18.30
CA GLU B 310 21.74 33.29 -19.40
C GLU B 310 23.16 33.22 -18.85
N ASP B 311 23.36 33.76 -17.64
CA ASP B 311 24.66 33.70 -16.98
C ASP B 311 25.18 32.29 -16.87
N LEU B 312 24.29 31.31 -16.80
CA LEU B 312 24.71 29.92 -16.72
C LEU B 312 25.68 29.54 -17.84
N TYR B 313 25.56 30.22 -18.98
CA TYR B 313 26.44 29.98 -20.13
C TYR B 313 27.88 30.40 -19.86
N SER B 314 28.09 31.24 -18.85
CA SER B 314 29.43 31.65 -18.41
C SER B 314 29.82 30.89 -17.15
N ILE B 315 28.85 30.63 -16.29
CA ILE B 315 29.10 30.05 -14.98
C ILE B 315 29.53 28.58 -15.07
N ILE B 316 28.77 27.77 -15.79
CA ILE B 316 29.03 26.34 -15.90
C ILE B 316 30.06 26.11 -17.02
N PRO B 317 31.32 25.77 -16.64
CA PRO B 317 32.39 25.67 -17.61
C PRO B 317 32.38 24.37 -18.41
N MET B 318 32.54 24.49 -19.73
CA MET B 318 32.66 23.34 -20.63
C MET B 318 34.01 22.66 -20.46
N ASN B 319 35.01 23.41 -19.98
CA ASN B 319 36.29 22.85 -19.59
C ASN B 319 36.06 22.08 -18.29
N GLN B 320 35.99 20.76 -18.43
CA GLN B 320 35.61 19.88 -17.34
C GLN B 320 36.60 19.88 -16.18
N LYS B 321 37.78 20.45 -16.40
CA LYS B 321 38.82 20.55 -15.36
C LYS B 321 38.57 21.75 -14.45
N ARG B 322 37.74 22.67 -14.92
CA ARG B 322 37.43 23.88 -14.18
C ARG B 322 36.29 23.69 -13.18
N PRO B 323 36.48 24.17 -11.96
CA PRO B 323 35.37 24.25 -11.03
C PRO B 323 34.47 25.45 -11.33
N TYR B 324 33.47 25.66 -10.48
CA TYR B 324 32.53 26.75 -10.58
C TYR B 324 31.77 26.75 -9.25
N ASP B 325 31.15 27.86 -8.91
CA ASP B 325 30.35 27.93 -7.71
C ASP B 325 28.92 27.44 -7.95
N ILE B 326 28.59 26.26 -7.41
CA ILE B 326 27.24 25.71 -7.53
C ILE B 326 26.16 26.68 -7.06
N TYR B 327 26.45 27.45 -6.02
CA TYR B 327 25.49 28.44 -5.54
C TYR B 327 25.00 29.37 -6.64
N GLU B 328 25.87 29.65 -7.61
CA GLU B 328 25.52 30.55 -8.70
C GLU B 328 24.49 29.89 -9.61
N VAL B 329 24.53 28.57 -9.69
CA VAL B 329 23.55 27.82 -10.44
C VAL B 329 22.21 27.82 -9.69
N ILE B 330 22.27 27.47 -8.39
CA ILE B 330 21.08 27.39 -7.56
C ILE B 330 20.36 28.75 -7.45
N ALA B 331 21.13 29.83 -7.48
CA ALA B 331 20.59 31.18 -7.42
C ALA B 331 19.81 31.55 -8.69
N ARG B 332 20.04 30.80 -9.75
CA ARG B 332 19.43 31.12 -11.03
C ARG B 332 18.29 30.18 -11.39
N LEU B 333 18.08 29.15 -10.57
CA LEU B 333 17.10 28.10 -10.89
C LEU B 333 15.88 28.19 -10.02
N PHE B 334 16.02 28.82 -8.86
CA PHE B 334 14.99 28.81 -7.86
C PHE B 334 14.48 30.20 -7.51
N ASP B 335 13.25 30.24 -7.00
CA ASP B 335 12.55 31.49 -6.73
C ASP B 335 13.36 32.46 -5.91
N ASN B 336 13.49 33.67 -6.44
CA ASN B 336 14.11 34.80 -5.74
C ASN B 336 15.57 34.61 -5.35
N SER B 337 16.21 33.60 -5.93
CA SER B 337 17.57 33.19 -5.55
C SER B 337 17.68 32.93 -4.04
N GLU B 338 16.56 32.50 -3.45
CA GLU B 338 16.52 32.17 -2.04
C GLU B 338 16.86 30.73 -1.84
N PHE B 339 17.49 30.44 -0.72
CA PHE B 339 17.91 29.09 -0.41
C PHE B 339 18.09 28.93 1.10
N SER B 340 17.55 27.83 1.62
CA SER B 340 17.64 27.50 3.03
C SER B 340 18.45 26.23 3.21
N GLU B 341 19.75 26.40 3.41
CA GLU B 341 20.68 25.30 3.41
C GLU B 341 20.55 24.48 4.69
N TYR B 342 20.42 23.18 4.50
CA TYR B 342 20.49 22.25 5.58
C TYR B 342 21.96 21.91 5.86
N LYS B 343 22.35 22.12 7.12
CA LYS B 343 23.70 21.77 7.62
C LYS B 343 24.87 22.33 6.80
N LYS B 344 24.80 23.62 6.48
CA LYS B 344 25.92 24.33 5.85
C LYS B 344 27.16 24.17 6.74
N GLY B 345 28.27 23.74 6.14
CA GLY B 345 29.52 23.54 6.88
C GLY B 345 29.80 22.08 7.21
N TYR B 346 28.73 21.29 7.37
CA TYR B 346 28.83 19.86 7.48
C TYR B 346 28.66 19.25 6.08
N GLY B 347 29.56 18.36 5.67
CA GLY B 347 29.51 17.78 4.33
C GLY B 347 29.67 18.86 3.27
N PRO B 348 30.79 19.61 3.32
CA PRO B 348 30.99 20.76 2.46
C PRO B 348 31.08 20.42 0.97
N GLU B 349 31.20 19.14 0.64
CA GLU B 349 31.23 18.70 -0.76
C GLU B 349 29.84 18.69 -1.40
N MET B 350 28.80 18.75 -0.56
CA MET B 350 27.43 18.80 -1.07
C MET B 350 26.72 20.03 -0.52
N VAL B 351 25.78 20.54 -1.30
CA VAL B 351 24.82 21.52 -0.82
C VAL B 351 23.51 20.78 -0.77
N THR B 352 22.87 20.78 0.40
CA THR B 352 21.53 20.24 0.54
C THR B 352 20.69 21.27 1.24
N GLY B 353 19.56 21.63 0.66
CA GLY B 353 18.70 22.63 1.28
C GLY B 353 17.37 22.78 0.59
N LEU B 354 16.47 23.53 1.22
CA LEU B 354 15.14 23.76 0.70
C LEU B 354 15.14 25.01 -0.16
N ALA B 355 14.38 24.96 -1.25
CA ALA B 355 14.23 26.10 -2.13
C ALA B 355 12.79 26.17 -2.57
N LYS B 356 12.47 27.19 -3.37
CA LYS B 356 11.11 27.38 -3.85
C LYS B 356 11.09 27.42 -5.38
N VAL B 357 10.08 26.80 -5.95
CA VAL B 357 9.86 26.77 -7.39
C VAL B 357 8.41 27.19 -7.60
N ASN B 358 8.21 28.40 -8.13
CA ASN B 358 6.88 28.99 -8.25
C ASN B 358 6.13 28.93 -6.93
N GLY B 359 6.82 29.27 -5.85
CA GLY B 359 6.20 29.36 -4.53
C GLY B 359 6.15 28.05 -3.76
N LEU B 360 6.56 26.96 -4.41
CA LEU B 360 6.45 25.61 -3.84
C LEU B 360 7.78 25.09 -3.31
N LEU B 361 7.75 24.46 -2.14
CA LEU B 361 8.96 23.87 -1.54
C LEU B 361 9.53 22.68 -2.33
N VAL B 362 10.83 22.76 -2.65
CA VAL B 362 11.58 21.59 -3.11
C VAL B 362 12.85 21.44 -2.29
N GLY B 363 13.34 20.22 -2.18
CA GLY B 363 14.65 19.92 -1.61
C GLY B 363 15.68 19.84 -2.72
N VAL B 364 16.77 20.59 -2.58
CA VAL B 364 17.83 20.62 -3.57
C VAL B 364 19.07 19.97 -3.00
N ILE B 365 19.64 19.08 -3.80
CA ILE B 365 20.87 18.40 -3.46
C ILE B 365 21.82 18.55 -4.64
N ALA B 366 22.98 19.16 -4.39
CA ALA B 366 23.89 19.53 -5.46
C ALA B 366 25.34 19.40 -5.04
N ASN B 367 26.18 18.96 -5.99
CA ASN B 367 27.61 18.86 -5.76
C ASN B 367 28.26 20.22 -5.65
N VAL B 368 29.17 20.37 -4.69
CA VAL B 368 30.03 21.54 -4.60
C VAL B 368 31.30 21.26 -5.38
N GLN B 369 31.78 22.24 -6.14
CA GLN B 369 33.02 22.07 -6.89
C GLN B 369 34.18 22.83 -6.27
N GLY B 370 35.39 22.45 -6.66
CA GLY B 370 36.58 23.13 -6.21
C GLY B 370 37.23 22.34 -5.10
N LEU B 371 38.40 22.80 -4.67
CA LEU B 371 39.13 22.12 -3.62
C LEU B 371 38.54 22.48 -2.28
N LEU B 372 38.55 21.50 -1.38
CA LEU B 372 38.03 21.67 -0.03
C LEU B 372 39.18 21.49 0.93
N MET B 373 39.72 22.61 1.41
CA MET B 373 40.88 22.61 2.30
C MET B 373 40.60 21.86 3.62
N ASN B 374 41.58 21.04 4.04
CA ASN B 374 41.56 20.36 5.34
C ASN B 374 40.34 19.43 5.51
N TYR B 375 40.19 18.53 4.54
CA TYR B 375 38.99 17.69 4.44
C TYR B 375 39.34 16.55 3.50
N PRO B 376 38.71 15.36 3.68
CA PRO B 376 37.74 14.98 4.70
C PRO B 376 38.38 14.68 6.05
N GLU B 377 37.56 14.72 7.10
CA GLU B 377 38.02 14.61 8.48
C GLU B 377 38.68 13.29 8.83
N TYR B 378 38.49 12.27 7.99
CA TYR B 378 39.08 10.94 8.25
C TYR B 378 40.46 10.76 7.62
N LYS B 379 40.99 11.83 7.03
CA LYS B 379 42.33 11.81 6.48
C LYS B 379 43.15 12.93 7.10
N GLN B 380 44.42 12.61 7.37
CA GLN B 380 45.38 13.57 7.87
C GLN B 380 45.90 14.40 6.70
N ASN B 381 46.03 15.71 6.90
CA ASN B 381 46.61 16.63 5.90
C ASN B 381 46.11 16.33 4.50
N SER B 382 44.80 16.49 4.32
CA SER B 382 44.15 16.08 3.10
C SER B 382 43.41 17.25 2.47
N VAL B 383 43.24 17.18 1.16
CA VAL B 383 42.39 18.13 0.44
C VAL B 383 41.31 17.37 -0.32
N GLY B 384 40.06 17.69 -0.01
CA GLY B 384 38.91 17.09 -0.67
C GLY B 384 38.64 17.69 -2.03
N ILE B 385 38.28 16.83 -2.98
CA ILE B 385 37.92 17.25 -4.32
C ILE B 385 36.41 17.48 -4.39
N GLY B 386 36.00 18.70 -4.70
CA GLY B 386 34.59 18.96 -5.00
C GLY B 386 34.18 18.09 -6.18
N GLY B 387 32.92 17.62 -6.14
CA GLY B 387 32.41 16.68 -7.13
C GLY B 387 32.49 15.25 -6.61
N LYS B 388 33.30 15.04 -5.57
CA LYS B 388 33.39 13.71 -4.93
C LYS B 388 32.51 13.64 -3.69
N LEU B 389 32.30 12.41 -3.21
CA LEU B 389 31.43 12.21 -2.06
C LEU B 389 32.20 11.60 -0.88
N TYR B 390 32.02 12.22 0.28
CA TYR B 390 32.70 11.79 1.50
C TYR B 390 31.72 11.44 2.60
N ARG B 391 32.23 11.11 3.78
CA ARG B 391 31.38 10.65 4.87
C ARG B 391 30.28 11.66 5.22
N GLN B 392 30.66 12.90 5.45
CA GLN B 392 29.70 13.92 5.90
C GLN B 392 28.68 14.24 4.83
N GLY B 393 29.15 14.38 3.60
CA GLY B 393 28.25 14.59 2.46
C GLY B 393 27.21 13.49 2.41
N LEU B 394 27.66 12.24 2.44
CA LEU B 394 26.74 11.10 2.33
C LEU B 394 25.73 11.02 3.49
N ILE B 395 26.21 11.20 4.72
CA ILE B 395 25.33 11.20 5.86
C ILE B 395 24.35 12.37 5.78
N LYS B 396 24.87 13.54 5.40
CA LYS B 396 24.03 14.74 5.30
C LYS B 396 22.88 14.50 4.33
N MET B 397 23.22 14.05 3.12
CA MET B 397 22.23 13.72 2.09
C MET B 397 21.21 12.69 2.61
N ASN B 398 21.70 11.60 3.19
CA ASN B 398 20.83 10.62 3.83
C ASN B 398 19.80 11.26 4.74
N GLU B 399 20.26 12.13 5.64
CA GLU B 399 19.39 12.81 6.58
C GLU B 399 18.42 13.70 5.84
N PHE B 400 18.96 14.44 4.88
CA PHE B 400 18.17 15.41 4.14
C PHE B 400 17.06 14.77 3.33
N VAL B 401 17.36 13.63 2.70
CA VAL B 401 16.41 12.90 1.87
C VAL B 401 15.30 12.37 2.75
N THR B 402 15.70 11.90 3.93
CA THR B 402 14.82 11.29 4.89
C THR B 402 13.90 12.36 5.47
N LEU B 403 14.48 13.52 5.75
CA LEU B 403 13.71 14.66 6.22
C LEU B 403 12.69 15.13 5.18
N CYS B 404 13.13 15.26 3.94
CA CYS B 404 12.24 15.73 2.89
C CYS B 404 11.13 14.72 2.60
N ALA B 405 11.47 13.42 2.69
CA ALA B 405 10.49 12.35 2.53
C ALA B 405 9.39 12.48 3.58
N ARG B 406 9.77 12.56 4.85
CA ARG B 406 8.83 12.78 5.94
C ARG B 406 7.92 13.96 5.63
N ASP B 407 8.53 15.07 5.21
CA ASP B 407 7.84 16.32 4.92
C ASP B 407 7.13 16.37 3.57
N ARG B 408 7.23 15.31 2.77
CA ARG B 408 6.59 15.27 1.44
C ARG B 408 7.09 16.40 0.51
N ILE B 409 8.39 16.67 0.57
CA ILE B 409 9.01 17.70 -0.23
C ILE B 409 9.82 17.03 -1.34
N PRO B 410 9.43 17.25 -2.61
CA PRO B 410 10.13 16.62 -3.72
C PRO B 410 11.60 17.06 -3.78
N LEU B 411 12.45 16.16 -4.26
CA LEU B 411 13.87 16.39 -4.28
C LEU B 411 14.34 16.62 -5.70
N ILE B 412 15.14 17.66 -5.87
CA ILE B 412 15.77 17.90 -7.13
C ILE B 412 17.27 17.75 -6.93
N TRP B 413 17.85 16.83 -7.69
CA TRP B 413 19.28 16.57 -7.60
C TRP B 413 20.00 17.24 -8.76
N LEU B 414 20.99 18.06 -8.43
CA LEU B 414 21.84 18.64 -9.46
C LEU B 414 23.15 17.88 -9.41
N GLN B 415 23.36 16.99 -10.37
CA GLN B 415 24.55 16.15 -10.37
C GLN B 415 25.70 16.78 -11.16
N ASP B 416 26.87 16.82 -10.52
CA ASP B 416 28.14 17.07 -11.18
C ASP B 416 29.20 16.31 -10.38
N THR B 417 29.35 15.03 -10.69
CA THR B 417 30.05 14.13 -9.78
C THR B 417 31.12 13.24 -10.43
N THR B 418 32.18 12.96 -9.66
CA THR B 418 33.28 12.11 -10.10
C THR B 418 33.47 10.96 -9.13
N GLY B 419 32.48 10.75 -8.25
CA GLY B 419 32.43 9.55 -7.45
C GLY B 419 32.62 9.74 -5.97
N ILE B 420 32.36 8.68 -5.23
CA ILE B 420 32.65 8.60 -3.83
C ILE B 420 34.16 8.42 -3.69
N ASP B 421 34.72 8.94 -2.60
CA ASP B 421 36.13 8.78 -2.30
C ASP B 421 36.54 7.32 -2.17
N VAL B 422 37.69 6.97 -2.72
CA VAL B 422 38.16 5.59 -2.74
C VAL B 422 39.32 5.41 -1.76
N GLY B 423 39.70 4.15 -1.52
CA GLY B 423 40.81 3.83 -0.62
C GLY B 423 40.33 3.32 0.72
N ASP B 424 41.18 2.56 1.39
CA ASP B 424 40.85 1.98 2.69
C ASP B 424 40.53 2.99 3.80
N GLU B 425 41.10 4.18 3.74
CA GLU B 425 40.71 5.22 4.71
C GLU B 425 39.22 5.54 4.54
N ALA B 426 38.82 5.70 3.28
CA ALA B 426 37.44 5.96 2.90
C ALA B 426 36.54 4.76 3.25
N GLU B 427 37.05 3.56 3.02
CA GLU B 427 36.32 2.36 3.37
C GLU B 427 36.07 2.27 4.88
N LYS B 428 37.08 2.58 5.67
CA LYS B 428 36.92 2.63 7.13
C LYS B 428 35.94 3.72 7.57
N ALA B 429 35.79 4.75 6.74
CA ALA B 429 34.87 5.84 7.02
C ALA B 429 33.44 5.48 6.65
N GLU B 430 33.24 4.22 6.24
CA GLU B 430 31.92 3.64 5.95
C GLU B 430 31.35 4.03 4.60
N LEU B 431 32.19 4.57 3.72
CA LEU B 431 31.71 5.21 2.51
C LEU B 431 30.81 4.32 1.63
N LEU B 432 31.17 3.06 1.49
CA LEU B 432 30.38 2.15 0.66
C LEU B 432 28.98 1.97 1.25
N GLY B 433 28.94 1.73 2.55
CA GLY B 433 27.71 1.57 3.30
C GLY B 433 26.89 2.84 3.27
N LEU B 434 27.55 3.99 3.29
CA LEU B 434 26.84 5.27 3.34
C LEU B 434 26.22 5.63 2.00
N GLY B 435 26.89 5.25 0.92
CA GLY B 435 26.39 5.48 -0.44
C GLY B 435 25.16 4.63 -0.64
N GLN B 436 25.27 3.36 -0.28
CA GLN B 436 24.12 2.47 -0.30
C GLN B 436 23.02 2.89 0.68
N SER B 437 23.39 3.43 1.85
CA SER B 437 22.40 3.96 2.78
C SER B 437 21.59 5.06 2.09
N LEU B 438 22.25 5.81 1.21
CA LEU B 438 21.57 6.88 0.50
C LEU B 438 20.61 6.27 -0.50
N ILE B 439 21.07 5.24 -1.20
CA ILE B 439 20.17 4.50 -2.07
C ILE B 439 18.92 4.04 -1.27
N TYR B 440 19.15 3.45 -0.11
CA TYR B 440 18.07 3.05 0.77
C TYR B 440 17.13 4.22 1.10
N SER B 441 17.71 5.35 1.50
CA SER B 441 16.96 6.55 1.83
C SER B 441 16.07 7.04 0.68
N ILE B 442 16.65 7.07 -0.52
CA ILE B 442 15.92 7.50 -1.70
C ILE B 442 14.75 6.57 -1.96
N GLU B 443 14.98 5.26 -1.94
CA GLU B 443 13.94 4.28 -2.13
C GLU B 443 12.84 4.36 -1.05
N ASN B 444 13.24 4.61 0.19
CA ASN B 444 12.31 4.90 1.29
C ASN B 444 11.51 6.20 1.09
N SER B 445 12.05 7.14 0.33
CA SER B 445 11.40 8.46 0.21
C SER B 445 10.05 8.41 -0.49
N LYS B 446 9.92 7.53 -1.49
CA LYS B 446 8.64 7.28 -2.17
C LYS B 446 8.07 8.48 -2.96
N LEU B 447 8.72 9.64 -2.89
CA LEU B 447 8.27 10.82 -3.66
C LEU B 447 8.92 10.91 -5.03
N PRO B 448 8.24 11.60 -5.98
CA PRO B 448 8.81 11.86 -7.28
C PRO B 448 9.99 12.81 -7.16
N SER B 449 11.01 12.58 -7.97
CA SER B 449 12.26 13.31 -7.87
C SER B 449 12.78 13.68 -9.24
N LEU B 450 13.41 14.84 -9.35
CA LEU B 450 13.97 15.25 -10.63
C LEU B 450 15.46 15.19 -10.53
N GLU B 451 16.11 14.67 -11.57
CA GLU B 451 17.57 14.68 -11.59
C GLU B 451 18.06 15.48 -12.79
N ILE B 452 18.92 16.44 -12.48
CA ILE B 452 19.53 17.29 -13.49
C ILE B 452 21.03 17.10 -13.47
N THR B 453 21.57 16.63 -14.59
CA THR B 453 23.02 16.49 -14.71
C THR B 453 23.57 17.80 -15.23
N ILE B 454 24.26 18.53 -14.35
CA ILE B 454 24.82 19.83 -14.68
C ILE B 454 26.05 19.61 -15.55
N ARG B 455 26.93 18.71 -15.12
CA ARG B 455 28.05 18.31 -15.96
C ARG B 455 28.30 16.81 -15.84
N LYS B 456 29.03 16.38 -14.83
CA LYS B 456 29.50 15.00 -14.79
C LYS B 456 28.52 14.03 -14.10
N ALA B 457 28.08 13.04 -14.86
CA ALA B 457 27.40 11.89 -14.31
C ALA B 457 28.35 10.69 -14.43
N SER B 458 29.04 10.38 -13.35
CA SER B 458 30.03 9.32 -13.40
C SER B 458 30.08 8.58 -12.08
N ALA B 459 30.69 7.40 -12.12
CA ALA B 459 30.83 6.49 -10.97
C ALA B 459 29.47 6.12 -10.36
N ALA B 460 29.52 5.34 -9.27
CA ALA B 460 28.33 4.96 -8.55
C ALA B 460 27.67 6.19 -7.95
N ALA B 461 28.43 7.28 -7.85
CA ALA B 461 27.88 8.54 -7.37
C ALA B 461 26.68 8.99 -8.19
N HIS B 462 26.74 8.81 -9.50
CA HIS B 462 25.60 9.06 -10.38
C HIS B 462 24.35 8.33 -9.91
N TYR B 463 24.51 7.11 -9.42
CA TYR B 463 23.39 6.32 -8.96
C TYR B 463 22.84 6.86 -7.64
N VAL B 464 23.72 7.13 -6.68
CA VAL B 464 23.27 7.45 -5.35
C VAL B 464 22.74 8.88 -5.24
N LEU B 465 23.16 9.75 -6.14
CA LEU B 465 22.71 11.14 -6.13
C LEU B 465 21.36 11.31 -6.83
N GLY B 466 20.38 10.54 -6.34
CA GLY B 466 19.05 10.53 -6.94
C GLY B 466 19.09 10.18 -8.42
N GLY B 467 19.93 9.22 -8.77
CA GLY B 467 20.10 8.84 -10.16
C GLY B 467 18.83 8.23 -10.73
N PRO B 468 18.76 8.13 -12.06
CA PRO B 468 17.59 7.56 -12.73
C PRO B 468 17.46 6.06 -12.51
N GLN B 469 18.42 5.49 -11.76
CA GLN B 469 18.40 4.06 -11.43
C GLN B 469 17.40 3.77 -10.32
N GLY B 470 16.89 4.84 -9.70
CA GLY B 470 15.83 4.76 -8.71
C GLY B 470 14.54 4.81 -9.46
N ASN B 471 14.17 3.68 -10.04
CA ASN B 471 12.98 3.60 -10.89
C ASN B 471 11.64 3.90 -10.20
N ASN B 472 11.62 3.90 -8.87
CA ASN B 472 10.41 4.28 -8.13
C ASN B 472 10.34 5.75 -7.76
N THR B 473 11.45 6.48 -7.93
CA THR B 473 11.50 7.88 -7.46
C THR B 473 11.86 8.89 -8.55
N ASN B 474 12.82 8.53 -9.40
CA ASN B 474 13.21 9.46 -10.45
C ASN B 474 12.19 9.42 -11.58
N VAL B 475 11.51 10.54 -11.79
CA VAL B 475 10.47 10.61 -12.81
C VAL B 475 11.11 10.58 -14.17
N PHE B 476 12.21 11.32 -14.29
CA PHE B 476 13.07 11.36 -15.47
C PHE B 476 14.30 12.18 -15.11
N SER B 477 15.23 12.30 -16.06
CA SER B 477 16.43 13.07 -15.83
C SER B 477 16.75 13.92 -17.05
N ILE B 478 17.24 15.14 -16.81
CA ILE B 478 17.66 16.02 -17.88
C ILE B 478 19.09 16.50 -17.67
N GLY B 479 19.72 16.95 -18.75
CA GLY B 479 21.12 17.39 -18.71
C GLY B 479 21.33 18.67 -19.49
N THR B 480 22.30 19.46 -19.08
CA THR B 480 22.70 20.63 -19.83
C THR B 480 23.67 20.21 -20.94
N GLY B 481 24.03 21.17 -21.81
CA GLY B 481 25.00 20.92 -22.87
C GLY B 481 26.40 20.65 -22.36
N ALA B 482 26.66 20.99 -21.10
CA ALA B 482 27.94 20.76 -20.46
C ALA B 482 28.04 19.38 -19.80
N CYS B 483 27.05 18.53 -20.03
CA CYS B 483 26.98 17.27 -19.31
C CYS B 483 27.70 16.16 -20.06
N GLU B 484 28.02 15.09 -19.35
CA GLU B 484 28.67 13.92 -19.93
C GLU B 484 28.52 12.76 -18.97
N TYR B 485 28.35 11.57 -19.55
CA TYR B 485 28.11 10.35 -18.80
C TYR B 485 29.17 9.32 -19.13
N TYR B 486 29.81 8.79 -18.10
CA TYR B 486 30.76 7.69 -18.25
C TYR B 486 30.97 7.03 -16.91
N VAL B 487 31.39 5.77 -16.92
CA VAL B 487 31.77 5.07 -15.70
C VAL B 487 32.85 5.86 -14.94
N MET B 488 33.88 6.28 -15.69
CA MET B 488 35.01 7.06 -15.20
C MET B 488 35.65 7.65 -16.44
N PRO B 489 36.57 8.63 -16.28
CA PRO B 489 37.19 9.19 -17.49
C PRO B 489 37.94 8.11 -18.24
N GLY B 490 37.90 8.20 -19.58
CA GLY B 490 38.57 7.25 -20.47
C GLY B 490 40.00 6.91 -20.08
N GLU B 491 40.77 7.94 -19.68
CA GLU B 491 42.17 7.73 -19.29
C GLU B 491 42.30 6.87 -18.01
N THR B 492 41.49 7.16 -16.99
CA THR B 492 41.42 6.36 -15.79
C THR B 492 40.99 4.92 -16.12
N ALA B 493 39.99 4.80 -16.99
CA ALA B 493 39.49 3.48 -17.39
C ALA B 493 40.52 2.67 -18.19
N ALA B 494 41.29 3.36 -19.02
CA ALA B 494 42.35 2.75 -19.81
C ALA B 494 43.39 2.13 -18.88
N ASN B 495 43.86 2.89 -17.89
CA ASN B 495 44.74 2.36 -16.85
C ASN B 495 44.09 1.19 -16.11
N ALA B 496 42.89 1.39 -15.57
CA ALA B 496 42.17 0.33 -14.86
C ALA B 496 42.01 -0.95 -15.67
N MET B 497 41.73 -0.81 -16.97
CA MET B 497 41.51 -1.96 -17.86
C MET B 497 42.79 -2.68 -18.28
N TYR B 498 43.84 -1.91 -18.61
CA TYR B 498 45.00 -2.47 -19.32
C TYR B 498 46.34 -2.41 -18.59
N SER B 499 46.39 -1.78 -17.42
CA SER B 499 47.66 -1.66 -16.67
C SER B 499 48.32 -3.00 -16.36
N ARG B 500 47.54 -3.92 -15.81
CA ARG B 500 48.05 -5.25 -15.41
C ARG B 500 48.45 -6.10 -16.62
N LYS B 501 47.75 -5.90 -17.73
CA LYS B 501 48.08 -6.60 -18.98
C LYS B 501 49.37 -6.02 -19.59
N LEU B 502 49.76 -4.82 -19.14
CA LEU B 502 51.06 -4.27 -19.50
C LEU B 502 52.16 -5.09 -18.86
N VAL B 503 52.15 -5.14 -17.52
CA VAL B 503 53.17 -5.88 -16.76
C VAL B 503 53.29 -7.35 -17.18
N LYS B 504 52.16 -7.97 -17.51
CA LYS B 504 52.13 -9.36 -18.00
C LYS B 504 52.94 -9.52 -19.30
N ALA B 505 52.94 -8.49 -20.14
CA ALA B 505 53.70 -8.48 -21.39
C ALA B 505 55.06 -7.77 -21.26
N GLN B 513 52.30 -2.73 -27.36
CA GLN B 513 51.98 -1.82 -28.46
C GLN B 513 50.57 -2.02 -29.03
N PRO B 514 50.15 -3.29 -29.31
CA PRO B 514 48.71 -3.51 -29.54
C PRO B 514 47.86 -3.22 -28.29
N ILE B 515 48.49 -3.24 -27.12
CA ILE B 515 47.83 -2.92 -25.86
C ILE B 515 47.70 -1.41 -25.64
N ILE B 516 48.68 -0.63 -26.08
CA ILE B 516 48.53 0.82 -26.00
C ILE B 516 47.61 1.35 -27.10
N GLY B 517 47.51 0.59 -28.19
CA GLY B 517 46.51 0.87 -29.22
C GLY B 517 45.15 0.84 -28.56
N LYS B 518 44.81 -0.30 -27.95
CA LYS B 518 43.56 -0.49 -27.26
C LYS B 518 43.23 0.61 -26.23
N MET B 519 44.27 1.11 -25.54
CA MET B 519 44.09 2.19 -24.54
C MET B 519 43.66 3.52 -25.14
N ASN B 520 44.23 3.84 -26.30
CA ASN B 520 43.80 5.03 -27.04
C ASN B 520 42.45 4.82 -27.70
N ASP B 521 42.17 3.60 -28.15
CA ASP B 521 40.84 3.24 -28.64
C ASP B 521 39.81 3.53 -27.56
N MET B 522 40.15 3.18 -26.32
CA MET B 522 39.27 3.36 -25.18
C MET B 522 39.05 4.84 -24.81
N ILE B 523 40.15 5.60 -24.70
CA ILE B 523 40.06 7.02 -24.35
C ILE B 523 39.18 7.75 -25.38
N GLN B 524 39.37 7.41 -26.65
CA GLN B 524 38.58 7.99 -27.72
C GLN B 524 37.12 7.55 -27.61
N MET B 525 36.91 6.25 -27.42
CA MET B 525 35.58 5.68 -27.38
C MET B 525 34.75 6.21 -26.20
N TYR B 526 35.42 6.47 -25.08
CA TYR B 526 34.77 7.07 -23.93
C TYR B 526 34.35 8.51 -24.20
N THR B 527 35.18 9.26 -24.92
CA THR B 527 34.82 10.62 -25.33
C THR B 527 33.60 10.57 -26.24
N ASP B 528 33.66 9.75 -27.30
CA ASP B 528 32.58 9.62 -28.28
C ASP B 528 31.24 9.26 -27.66
N LYS B 529 31.26 8.29 -26.77
CA LYS B 529 30.06 7.70 -26.20
C LYS B 529 29.63 8.39 -24.90
N SER B 530 30.18 9.58 -24.64
CA SER B 530 29.80 10.36 -23.45
C SER B 530 29.37 11.80 -23.76
N ARG B 531 29.17 12.09 -25.05
CA ARG B 531 28.74 13.41 -25.51
C ARG B 531 27.24 13.53 -25.28
N PRO B 532 26.79 14.71 -24.82
CA PRO B 532 25.39 14.93 -24.47
C PRO B 532 24.41 14.28 -25.45
N LYS B 533 24.62 14.45 -26.75
CA LYS B 533 23.67 13.96 -27.75
C LYS B 533 23.58 12.43 -27.72
N TYR B 534 24.73 11.76 -27.74
CA TYR B 534 24.79 10.31 -27.66
C TYR B 534 24.09 9.79 -26.40
N CYS B 535 24.39 10.43 -25.26
CA CYS B 535 23.79 10.10 -23.98
C CYS B 535 22.28 10.12 -23.99
N THR B 536 21.68 11.16 -24.55
CA THR B 536 20.23 11.23 -24.65
C THR B 536 19.69 10.32 -25.74
N GLU B 537 20.47 10.10 -26.80
CA GLU B 537 20.11 9.15 -27.85
C GLU B 537 19.93 7.75 -27.26
N LYS B 538 20.82 7.40 -26.33
CA LYS B 538 20.76 6.11 -25.63
C LYS B 538 19.79 6.17 -24.45
N GLY B 539 19.36 7.38 -24.10
CA GLY B 539 18.45 7.58 -22.98
C GLY B 539 19.10 7.61 -21.60
N MET B 540 20.43 7.72 -21.56
CA MET B 540 21.15 7.81 -20.28
C MET B 540 20.65 9.01 -19.51
N VAL B 541 20.31 10.04 -20.28
CA VAL B 541 19.65 11.22 -19.80
C VAL B 541 18.47 11.41 -20.75
N ASP B 542 17.31 11.81 -20.21
CA ASP B 542 16.12 11.84 -21.05
C ASP B 542 16.07 12.99 -22.07
N GLU B 543 16.64 14.12 -21.70
CA GLU B 543 16.63 15.30 -22.56
C GLU B 543 17.82 16.19 -22.23
N ILE B 544 18.48 16.66 -23.29
CA ILE B 544 19.40 17.76 -23.16
C ILE B 544 18.57 19.04 -23.29
N VAL B 545 18.64 19.89 -22.27
CA VAL B 545 17.88 21.13 -22.25
C VAL B 545 18.85 22.31 -22.21
N ASP B 546 18.41 23.43 -22.81
CA ASP B 546 19.17 24.68 -22.83
C ASP B 546 19.33 25.17 -21.40
N MET B 547 20.41 25.91 -21.17
CA MET B 547 20.64 26.46 -19.85
C MET B 547 19.44 27.25 -19.37
N THR B 548 18.74 27.89 -20.31
CA THR B 548 17.60 28.74 -20.00
C THR B 548 16.31 27.92 -19.93
N GLU B 549 16.43 26.60 -20.14
CA GLU B 549 15.28 25.68 -20.06
C GLU B 549 15.30 24.83 -18.80
N VAL B 550 16.40 24.88 -18.05
CA VAL B 550 16.51 24.11 -16.81
C VAL B 550 15.40 24.49 -15.82
N ARG B 551 15.27 25.78 -15.52
CA ARG B 551 14.23 26.22 -14.59
C ARG B 551 12.82 25.87 -15.09
N PRO B 552 12.48 26.22 -16.36
CA PRO B 552 11.21 25.75 -16.89
C PRO B 552 10.91 24.28 -16.57
N TYR B 553 11.89 23.38 -16.72
CA TYR B 553 11.67 21.95 -16.41
C TYR B 553 11.45 21.69 -14.93
N ILE B 554 12.25 22.35 -14.11
CA ILE B 554 12.08 22.34 -12.68
C ILE B 554 10.66 22.78 -12.33
N GLN B 555 10.22 23.88 -12.96
CA GLN B 555 8.87 24.41 -12.77
C GLN B 555 7.78 23.44 -13.21
N ALA B 556 8.00 22.78 -14.34
CA ALA B 556 7.06 21.78 -14.85
C ALA B 556 6.98 20.61 -13.89
N PHE B 557 8.15 20.08 -13.52
CA PHE B 557 8.21 18.98 -12.56
C PHE B 557 7.52 19.33 -11.24
N THR B 558 7.93 20.42 -10.61
CA THR B 558 7.45 20.75 -9.28
C THR B 558 5.93 20.94 -9.24
N GLU B 559 5.41 21.66 -10.23
CA GLU B 559 3.97 21.93 -10.32
C GLU B 559 3.18 20.69 -10.64
N ALA B 560 3.76 19.79 -11.45
CA ALA B 560 3.15 18.49 -11.69
C ALA B 560 3.14 17.65 -10.41
N ALA B 561 4.24 17.70 -9.65
CA ALA B 561 4.38 16.92 -8.43
C ALA B 561 3.45 17.39 -7.31
N TYR B 562 3.09 18.67 -7.34
CA TYR B 562 2.19 19.25 -6.33
C TYR B 562 0.75 19.36 -6.78
N GLN B 563 0.49 18.88 -8.00
CA GLN B 563 -0.83 19.00 -8.62
C GLN B 563 -1.84 18.13 -7.91
N ASN B 564 -1.43 16.90 -7.63
CA ASN B 564 -2.30 15.91 -7.05
C ASN B 564 -1.50 14.94 -6.19
N PRO B 565 -0.75 15.45 -5.21
CA PRO B 565 0.16 14.57 -4.51
C PRO B 565 -0.62 13.57 -3.71
N GLN B 566 -0.05 12.38 -3.53
CA GLN B 566 -0.74 11.30 -2.86
C GLN B 566 -0.58 11.32 -1.35
N SER B 567 0.22 12.27 -0.88
CA SER B 567 0.52 12.42 0.55
C SER B 567 0.85 13.88 0.88
N ILE B 568 0.47 14.32 2.07
CA ILE B 568 0.65 15.69 2.50
C ILE B 568 1.33 15.77 3.86
N CYS B 569 2.30 16.68 3.99
CA CYS B 569 2.73 17.15 5.32
C CYS B 569 2.42 18.65 5.51
N PRO B 570 1.46 18.97 6.41
CA PRO B 570 1.13 20.37 6.72
C PRO B 570 2.42 21.11 7.06
N MET B 571 2.54 22.38 6.65
CA MET B 571 3.83 23.09 6.78
C MET B 571 4.25 23.15 8.23
N HIS B 572 3.30 23.42 9.13
CA HIS B 572 3.59 23.56 10.56
C HIS B 572 3.98 22.23 11.22
N GLN B 573 3.84 21.14 10.47
CA GLN B 573 4.25 19.81 10.91
C GLN B 573 5.50 19.28 10.17
N MET B 574 6.14 20.15 9.40
CA MET B 574 7.34 19.78 8.64
C MET B 574 8.57 19.81 9.53
N LEU B 575 9.42 18.80 9.40
CA LEU B 575 10.59 18.71 10.24
C LEU B 575 11.83 19.38 9.64
N THR B 576 12.00 19.27 8.31
CA THR B 576 13.19 19.78 7.63
C THR B 576 13.52 21.21 8.06
N PRO B 577 12.53 22.13 8.02
CA PRO B 577 12.84 23.51 8.40
C PRO B 577 13.26 23.63 9.88
N ARG B 578 12.63 22.84 10.74
CA ARG B 578 12.95 22.90 12.16
C ARG B 578 14.37 22.41 12.42
N SER B 579 14.72 21.26 11.86
CA SER B 579 16.05 20.68 12.05
C SER B 579 17.11 21.57 11.44
N THR B 580 16.78 22.21 10.32
CA THR B 580 17.67 23.18 9.68
C THR B 580 17.97 24.32 10.67
N ARG B 581 16.92 24.99 11.13
CA ARG B 581 17.01 26.07 12.11
C ARG B 581 17.90 25.69 13.29
N GLU B 582 17.60 24.54 13.91
CA GLU B 582 18.33 24.07 15.08
C GLU B 582 19.81 23.89 14.83
N PHE B 583 20.18 23.32 13.68
CA PHE B 583 21.59 23.21 13.32
C PHE B 583 22.24 24.59 13.19
N GLU B 584 21.48 25.57 12.72
CA GLU B 584 21.98 26.94 12.63
C GLU B 584 22.22 27.56 14.00
N THR B 585 21.31 27.35 14.94
CA THR B 585 21.36 28.03 16.24
C THR B 585 22.08 27.26 17.35
N PHE B 586 21.87 25.95 17.43
CA PHE B 586 22.37 25.15 18.56
C PHE B 586 23.89 24.96 18.58
N MET C 3 -22.34 11.49 -25.28
CA MET C 3 -21.24 11.96 -24.37
C MET C 3 -20.89 10.92 -23.30
N TYR C 4 -21.44 9.71 -23.39
CA TYR C 4 -21.15 8.64 -22.40
C TYR C 4 -20.77 7.30 -23.00
N SER C 5 -19.93 6.56 -22.28
CA SER C 5 -19.50 5.23 -22.69
C SER C 5 -20.63 4.22 -22.62
N MET C 6 -20.70 3.37 -23.64
CA MET C 6 -21.49 2.14 -23.59
C MET C 6 -22.94 2.35 -23.17
N PRO C 7 -23.68 3.15 -23.96
CA PRO C 7 -25.07 3.39 -23.56
C PRO C 7 -25.87 2.09 -23.62
N GLY C 8 -25.41 1.17 -24.46
CA GLY C 8 -26.07 -0.11 -24.62
C GLY C 8 -26.11 -0.91 -23.33
N TYR C 9 -25.14 -0.64 -22.46
CA TYR C 9 -25.10 -1.26 -21.13
C TYR C 9 -25.69 -0.35 -20.07
N PHE C 10 -25.36 0.94 -20.16
CA PHE C 10 -25.55 1.85 -19.03
C PHE C 10 -26.75 2.78 -19.14
N GLN C 11 -27.27 2.94 -20.37
CA GLN C 11 -28.49 3.70 -20.56
C GLN C 11 -29.64 2.77 -20.89
N ASN C 12 -30.87 3.24 -20.64
CA ASN C 12 -32.07 2.46 -20.91
C ASN C 12 -32.00 1.06 -20.30
N MET C 13 -31.55 1.01 -19.05
CA MET C 13 -31.59 -0.20 -18.25
C MET C 13 -33.07 -0.56 -18.03
N PRO C 14 -33.37 -1.83 -17.70
CA PRO C 14 -34.74 -2.10 -17.31
C PRO C 14 -35.22 -1.10 -16.27
N THR C 15 -36.45 -0.61 -16.44
CA THR C 15 -37.09 0.24 -15.42
C THR C 15 -37.88 -0.66 -14.49
N ILE C 16 -38.02 -0.24 -13.24
CA ILE C 16 -38.71 -1.02 -12.25
C ILE C 16 -39.64 -0.13 -11.43
N GLY C 17 -40.60 -0.74 -10.74
CA GLY C 17 -41.52 -0.04 -9.85
C GLY C 17 -42.84 0.29 -10.53
N LYS C 18 -43.92 0.23 -9.75
CA LYS C 18 -45.26 0.60 -10.20
C LYS C 18 -45.59 1.96 -9.61
N GLU C 19 -46.51 2.63 -10.28
CA GLU C 19 -47.21 3.77 -9.70
C GLU C 19 -47.98 3.26 -8.49
N LEU C 20 -47.89 3.99 -7.38
CA LEU C 20 -48.56 3.57 -6.14
C LEU C 20 -50.07 3.74 -6.24
N VAL C 21 -50.77 2.61 -6.27
CA VAL C 21 -52.22 2.62 -6.46
C VAL C 21 -52.98 2.73 -5.14
N ASN C 22 -52.45 2.14 -4.08
CA ASN C 22 -53.11 2.14 -2.78
C ASN C 22 -52.29 2.76 -1.63
N PRO C 23 -52.41 4.08 -1.43
CA PRO C 23 -51.67 4.77 -0.36
C PRO C 23 -52.08 4.22 0.99
N ASN C 24 -51.19 4.33 1.98
CA ASN C 24 -51.52 3.87 3.31
C ASN C 24 -51.27 5.00 4.31
N PRO C 25 -52.31 5.84 4.53
CA PRO C 25 -52.19 7.08 5.32
C PRO C 25 -51.78 6.80 6.77
N GLU C 26 -52.25 5.69 7.29
CA GLU C 26 -52.00 5.30 8.66
C GLU C 26 -50.55 4.88 8.85
N ASN C 27 -50.04 4.10 7.89
CA ASN C 27 -48.63 3.73 7.83
C ASN C 27 -47.75 4.97 7.75
N GLU C 28 -48.07 5.84 6.79
CA GLU C 28 -47.42 7.13 6.60
C GLU C 28 -47.38 7.93 7.90
N GLN C 29 -48.53 7.99 8.57
CA GLN C 29 -48.66 8.70 9.84
C GLN C 29 -47.72 8.11 10.89
N GLU C 30 -47.60 6.78 10.92
CA GLU C 30 -46.70 6.09 11.85
C GLU C 30 -45.22 6.38 11.61
N ILE C 31 -44.80 6.32 10.34
CA ILE C 31 -43.43 6.65 9.96
C ILE C 31 -43.12 8.12 10.25
N LYS C 32 -44.01 9.02 9.81
CA LYS C 32 -43.81 10.44 10.01
C LYS C 32 -43.78 10.82 11.49
N ALA C 33 -44.47 10.05 12.33
CA ALA C 33 -44.42 10.25 13.78
C ALA C 33 -43.01 9.99 14.30
N VAL C 34 -42.38 8.93 13.81
CA VAL C 34 -40.99 8.62 14.18
C VAL C 34 -40.06 9.74 13.70
N GLU C 35 -40.23 10.11 12.43
CA GLU C 35 -39.46 11.19 11.80
C GLU C 35 -39.61 12.51 12.57
N SER C 36 -40.84 12.86 12.93
CA SER C 36 -41.10 14.09 13.69
C SER C 36 -40.38 14.08 15.02
N ASP C 37 -40.36 12.93 15.68
CA ASP C 37 -39.74 12.80 16.98
C ASP C 37 -38.21 12.96 16.88
N ILE C 38 -37.63 12.45 15.79
CA ILE C 38 -36.23 12.65 15.49
C ILE C 38 -35.92 14.15 15.28
N HIS C 39 -36.71 14.82 14.43
CA HIS C 39 -36.50 16.24 14.15
C HIS C 39 -36.62 17.14 15.40
N GLU C 40 -37.61 16.85 16.23
CA GLU C 40 -37.84 17.57 17.48
C GLU C 40 -36.69 17.34 18.43
N SER C 41 -36.23 16.09 18.51
CA SER C 41 -35.10 15.75 19.37
C SER C 41 -33.83 16.42 18.85
N ILE C 42 -33.59 16.35 17.53
CA ILE C 42 -32.45 17.03 16.92
C ILE C 42 -32.51 18.52 17.22
N LYS C 43 -33.70 19.10 17.08
CA LYS C 43 -33.91 20.53 17.33
C LYS C 43 -33.61 20.88 18.79
N LYS C 44 -34.23 20.14 19.71
CA LYS C 44 -34.05 20.37 21.13
C LYS C 44 -32.57 20.23 21.54
N ALA C 45 -31.87 19.30 20.90
CA ALA C 45 -30.45 19.07 21.16
C ALA C 45 -29.55 20.19 20.63
N LEU C 46 -29.83 20.66 19.42
CA LEU C 46 -29.07 21.74 18.82
C LEU C 46 -29.25 23.06 19.59
N ASP C 47 -30.40 23.22 20.24
CA ASP C 47 -30.72 24.46 20.93
C ASP C 47 -30.31 24.44 22.38
N ALA C 48 -30.04 23.26 22.91
CA ALA C 48 -29.59 23.08 24.28
C ALA C 48 -28.22 23.72 24.53
N GLY C 49 -27.92 24.00 25.78
CA GLY C 49 -26.66 24.60 26.15
C GLY C 49 -26.94 25.88 26.90
N ILE C 50 -25.94 26.37 27.65
CA ILE C 50 -26.15 27.55 28.47
C ILE C 50 -26.16 28.84 27.65
N THR C 51 -25.34 28.89 26.60
CA THR C 51 -25.29 30.05 25.70
C THR C 51 -26.07 29.79 24.41
N SER C 52 -27.10 30.59 24.17
CA SER C 52 -27.97 30.40 23.01
C SER C 52 -27.34 30.95 21.73
N GLU C 53 -27.95 30.63 20.60
CA GLU C 53 -27.57 31.21 19.32
C GLU C 53 -27.70 32.75 19.38
N GLU C 54 -28.77 33.21 20.02
CA GLU C 54 -29.00 34.63 20.27
C GLU C 54 -27.82 35.30 21.00
N LYS C 55 -27.41 34.73 22.12
CA LYS C 55 -26.31 35.30 22.93
C LYS C 55 -24.98 35.23 22.19
N LEU C 56 -24.79 34.13 21.46
CA LEU C 56 -23.63 33.95 20.59
C LEU C 56 -23.56 35.08 19.59
N ASN C 57 -24.66 35.32 18.88
CA ASN C 57 -24.74 36.39 17.88
C ASN C 57 -24.49 37.78 18.47
N GLU C 58 -25.06 38.05 19.65
CA GLU C 58 -24.87 39.32 20.35
C GLU C 58 -23.40 39.70 20.55
N ARG C 59 -22.57 38.74 20.95
CA ARG C 59 -21.15 39.02 21.12
C ARG C 59 -20.28 38.59 19.93
N GLY C 60 -20.92 38.49 18.76
CA GLY C 60 -20.19 38.45 17.48
C GLY C 60 -19.82 37.08 16.95
N GLN C 61 -20.50 36.05 17.44
CA GLN C 61 -20.18 34.69 17.08
C GLN C 61 -21.35 33.95 16.49
N LEU C 62 -21.05 33.00 15.61
CA LEU C 62 -22.07 32.15 15.03
C LEU C 62 -22.09 30.80 15.72
N SER C 63 -23.29 30.21 15.79
CA SER C 63 -23.46 28.86 16.26
C SER C 63 -22.91 27.89 15.21
N ALA C 64 -22.73 26.64 15.62
CA ALA C 64 -22.26 25.60 14.75
C ALA C 64 -23.09 25.52 13.46
N MET C 65 -24.41 25.56 13.59
CA MET C 65 -25.30 25.41 12.43
C MET C 65 -25.28 26.64 11.53
N GLN C 66 -25.02 27.81 12.11
CA GLN C 66 -24.91 29.00 11.31
C GLN C 66 -23.63 28.94 10.50
N ARG C 67 -22.58 28.40 11.11
CA ARG C 67 -21.29 28.28 10.45
C ARG C 67 -21.36 27.28 9.31
N ILE C 68 -22.04 26.17 9.56
CA ILE C 68 -22.24 25.14 8.55
C ILE C 68 -23.06 25.70 7.40
N ASN C 69 -24.23 26.26 7.72
CA ASN C 69 -25.12 26.80 6.70
C ASN C 69 -24.45 27.89 5.90
N ALA C 70 -23.59 28.67 6.54
CA ALA C 70 -22.78 29.63 5.80
C ALA C 70 -21.76 28.95 4.89
N LEU C 71 -21.29 27.78 5.28
CA LEU C 71 -20.23 27.12 4.54
C LEU C 71 -20.78 26.38 3.33
N ILE C 72 -21.94 25.75 3.51
CA ILE C 72 -22.46 24.80 2.52
C ILE C 72 -23.43 25.39 1.49
N ASP C 73 -23.48 24.74 0.33
CA ASP C 73 -24.51 24.98 -0.66
C ASP C 73 -25.82 24.61 -0.01
N PRO C 74 -26.81 25.52 -0.05
CA PRO C 74 -28.12 25.33 0.57
C PRO C 74 -28.81 24.03 0.15
N GLY C 75 -29.36 23.31 1.12
CA GLY C 75 -30.04 22.05 0.88
C GLY C 75 -29.14 20.82 0.70
N THR C 76 -27.84 20.97 0.92
CA THR C 76 -26.93 19.81 0.74
C THR C 76 -26.44 19.23 2.07
N TRP C 77 -27.03 19.68 3.18
CA TRP C 77 -26.69 19.20 4.50
C TRP C 77 -27.24 17.81 4.77
N CYS C 78 -26.31 16.89 5.02
CA CYS C 78 -26.61 15.53 5.43
C CYS C 78 -25.98 15.32 6.79
N PRO C 79 -26.70 15.68 7.86
CA PRO C 79 -26.15 15.48 9.18
C PRO C 79 -26.04 13.99 9.49
N LEU C 80 -25.02 13.66 10.27
CA LEU C 80 -24.79 12.32 10.77
C LEU C 80 -24.53 12.45 12.26
N ASN C 81 -25.00 11.47 13.01
CA ASN C 81 -24.79 11.44 14.45
C ASN C 81 -25.45 12.61 15.18
N SER C 82 -26.52 13.15 14.59
CA SER C 82 -27.26 14.27 15.17
C SER C 82 -27.64 13.97 16.61
N LEU C 83 -28.14 12.76 16.84
CA LEU C 83 -28.60 12.34 18.15
C LEU C 83 -27.63 11.41 18.86
N PHE C 84 -26.43 11.25 18.32
CA PHE C 84 -25.44 10.35 18.91
C PHE C 84 -25.13 10.85 20.32
N ASN C 85 -25.40 10.00 21.30
CA ASN C 85 -25.24 10.35 22.71
C ASN C 85 -25.05 9.08 23.55
N PRO C 86 -24.01 8.29 23.24
CA PRO C 86 -23.89 6.96 23.88
C PRO C 86 -23.81 7.01 25.41
N GLU C 87 -23.27 8.11 25.94
CA GLU C 87 -23.09 8.26 27.39
C GLU C 87 -24.21 9.01 28.16
N ASN C 88 -25.28 9.40 27.46
CA ASN C 88 -26.39 10.17 28.05
C ASN C 88 -25.98 11.50 28.67
N ASN C 89 -25.29 12.33 27.90
CA ASN C 89 -25.02 13.70 28.30
C ASN C 89 -26.33 14.48 28.38
N LYS C 90 -26.45 15.35 29.39
CA LYS C 90 -27.67 16.14 29.59
C LYS C 90 -28.09 16.90 28.33
N PHE C 91 -27.16 17.57 27.66
CA PHE C 91 -27.49 18.36 26.49
C PHE C 91 -27.98 17.52 25.30
N GLY C 92 -27.81 16.21 25.42
CA GLY C 92 -28.26 15.27 24.39
C GLY C 92 -27.35 15.03 23.20
N THR C 93 -26.15 15.61 23.22
CA THR C 93 -25.23 15.48 22.09
C THR C 93 -23.80 15.22 22.52
N THR C 94 -22.92 15.16 21.52
CA THR C 94 -21.49 14.99 21.77
C THR C 94 -20.73 16.29 21.63
N ASN C 95 -21.47 17.41 21.56
CA ASN C 95 -20.90 18.75 21.39
C ASN C 95 -20.19 19.01 20.08
N ILE C 96 -20.43 18.16 19.09
CA ILE C 96 -20.01 18.44 17.72
C ILE C 96 -21.22 18.21 16.83
N VAL C 97 -21.28 19.01 15.75
CA VAL C 97 -22.25 18.77 14.68
C VAL C 97 -21.44 18.26 13.50
N ASN C 98 -21.90 17.19 12.86
CA ASN C 98 -21.13 16.61 11.78
C ASN C 98 -22.00 16.01 10.70
N GLY C 99 -21.43 15.89 9.51
CA GLY C 99 -22.12 15.26 8.39
C GLY C 99 -21.47 15.63 7.08
N LEU C 100 -22.18 15.38 5.99
CA LEU C 100 -21.71 15.74 4.67
C LEU C 100 -22.38 17.02 4.23
N GLY C 101 -21.57 17.98 3.74
CA GLY C 101 -22.09 19.16 3.09
C GLY C 101 -21.42 19.36 1.74
N ARG C 102 -22.07 20.10 0.86
CA ARG C 102 -21.45 20.43 -0.42
C ARG C 102 -21.05 21.89 -0.42
N VAL C 103 -19.85 22.17 -0.95
CA VAL C 103 -19.34 23.54 -1.00
C VAL C 103 -18.94 23.89 -2.42
N ASP C 104 -19.70 24.80 -3.02
CA ASP C 104 -19.56 25.14 -4.44
C ASP C 104 -19.38 23.88 -5.30
N GLY C 105 -20.24 22.90 -5.06
CA GLY C 105 -20.21 21.66 -5.81
C GLY C 105 -19.29 20.57 -5.27
N LYS C 106 -18.35 20.94 -4.39
CA LYS C 106 -17.46 19.95 -3.73
C LYS C 106 -18.05 19.42 -2.43
N TRP C 107 -18.25 18.10 -2.37
CA TRP C 107 -18.62 17.46 -1.11
C TRP C 107 -17.45 17.42 -0.15
N VAL C 108 -17.72 17.73 1.11
CA VAL C 108 -16.71 17.69 2.15
C VAL C 108 -17.33 17.15 3.44
N TYR C 109 -16.51 16.52 4.26
CA TYR C 109 -16.99 16.12 5.57
C TYR C 109 -16.81 17.28 6.54
N ILE C 110 -17.86 17.56 7.32
CA ILE C 110 -17.84 18.72 8.18
C ILE C 110 -18.00 18.34 9.64
N VAL C 111 -17.16 18.91 10.48
CA VAL C 111 -17.27 18.80 11.91
C VAL C 111 -17.27 20.21 12.47
N ALA C 112 -18.34 20.56 13.19
CA ALA C 112 -18.44 21.86 13.86
C ALA C 112 -18.59 21.68 15.37
N SER C 113 -17.73 22.36 16.14
CA SER C 113 -17.84 22.39 17.58
C SER C 113 -19.13 23.10 17.97
N ASP C 114 -19.88 22.49 18.88
CA ASP C 114 -21.06 23.16 19.41
C ASP C 114 -20.63 24.14 20.51
N ASN C 115 -20.45 25.41 20.13
CA ASN C 115 -20.07 26.46 21.07
C ASN C 115 -21.23 26.99 21.97
N LYS C 116 -22.43 26.45 21.78
CA LYS C 116 -23.55 26.68 22.68
C LYS C 116 -23.33 25.94 24.01
N LYS C 117 -22.55 24.86 23.96
CA LYS C 117 -22.41 23.95 25.09
C LYS C 117 -20.99 23.92 25.61
N MET C 118 -20.80 24.44 26.82
CA MET C 118 -19.48 24.46 27.47
C MET C 118 -18.33 24.85 26.53
N ALA C 119 -18.57 25.86 25.70
CA ALA C 119 -17.59 26.42 24.78
C ALA C 119 -16.94 25.37 23.87
N GLY C 120 -17.74 24.41 23.43
CA GLY C 120 -17.29 23.33 22.56
C GLY C 120 -16.39 22.30 23.21
N ALA C 121 -16.58 22.09 24.53
CA ALA C 121 -15.76 21.15 25.30
C ALA C 121 -15.93 19.70 24.86
N TRP C 122 -14.88 18.91 25.05
CA TRP C 122 -14.89 17.46 24.84
C TRP C 122 -15.80 16.83 25.87
N VAL C 123 -16.87 16.20 25.40
CA VAL C 123 -17.78 15.49 26.32
C VAL C 123 -17.75 14.00 26.06
N PRO C 124 -18.18 13.18 27.04
CA PRO C 124 -18.25 11.75 26.79
C PRO C 124 -18.95 11.42 25.47
N GLY C 125 -18.34 10.53 24.70
CA GLY C 125 -18.88 10.13 23.40
C GLY C 125 -18.32 10.93 22.24
N GLN C 126 -17.79 12.12 22.52
CA GLN C 126 -17.29 12.97 21.44
C GLN C 126 -16.15 12.34 20.65
N ALA C 127 -15.21 11.73 21.34
CA ALA C 127 -14.06 11.13 20.71
C ALA C 127 -14.49 10.14 19.64
N GLU C 128 -15.41 9.25 20.02
CA GLU C 128 -15.97 8.26 19.12
C GLU C 128 -16.65 8.90 17.94
N ASN C 129 -17.46 9.94 18.23
CA ASN C 129 -18.15 10.70 17.20
C ASN C 129 -17.14 11.24 16.20
N LEU C 130 -16.05 11.81 16.70
CA LEU C 130 -15.02 12.43 15.87
C LEU C 130 -14.29 11.42 14.98
N ILE C 131 -14.03 10.24 15.52
CA ILE C 131 -13.39 9.19 14.77
C ILE C 131 -14.23 8.76 13.57
N ARG C 132 -15.54 8.64 13.78
CA ARG C 132 -16.49 8.31 12.70
C ARG C 132 -16.43 9.33 11.56
N CYS C 133 -16.09 10.57 11.91
CA CYS C 133 -15.92 11.66 10.96
C CYS C 133 -14.64 11.48 10.15
N SER C 134 -13.51 11.32 10.84
CA SER C 134 -12.25 11.19 10.12
C SER C 134 -12.22 9.87 9.36
N ASP C 135 -12.88 8.84 9.90
CA ASP C 135 -13.03 7.57 9.20
C ASP C 135 -13.78 7.72 7.88
N ALA C 136 -14.95 8.36 7.92
CA ALA C 136 -15.72 8.61 6.71
C ALA C 136 -14.85 9.33 5.67
N ALA C 137 -14.20 10.41 6.09
CA ALA C 137 -13.32 11.16 5.22
C ALA C 137 -12.25 10.25 4.61
N LYS C 138 -11.61 9.45 5.46
CA LYS C 138 -10.55 8.54 5.06
C LYS C 138 -10.99 7.55 3.98
N MET C 139 -12.12 6.89 4.23
CA MET C 139 -12.62 5.86 3.34
C MET C 139 -13.08 6.40 1.98
N MET C 140 -13.63 7.61 1.99
CA MET C 140 -14.08 8.28 0.78
C MET C 140 -13.02 9.15 0.13
N HIS C 141 -11.88 9.32 0.80
CA HIS C 141 -10.85 10.26 0.36
C HIS C 141 -11.46 11.66 0.16
N LEU C 142 -12.21 12.08 1.17
CA LEU C 142 -12.99 13.29 1.15
C LEU C 142 -12.39 14.30 2.12
N PRO C 143 -12.27 15.56 1.68
CA PRO C 143 -11.70 16.57 2.57
C PRO C 143 -12.50 16.70 3.87
N LEU C 144 -11.80 16.87 4.97
CA LEU C 144 -12.42 17.04 6.28
C LEU C 144 -12.28 18.48 6.76
N ILE C 145 -13.41 19.09 7.08
CA ILE C 145 -13.47 20.48 7.48
C ILE C 145 -13.88 20.57 8.94
N TYR C 146 -13.06 21.23 9.74
CA TYR C 146 -13.41 21.50 11.12
C TYR C 146 -13.80 22.96 11.28
N LEU C 147 -15.00 23.19 11.79
CA LEU C 147 -15.38 24.53 12.24
C LEU C 147 -15.15 24.52 13.74
N LEU C 148 -13.93 24.88 14.14
CA LEU C 148 -13.50 24.63 15.50
C LEU C 148 -13.73 25.78 16.46
N ASN C 149 -14.32 25.46 17.59
CA ASN C 149 -14.52 26.38 18.70
C ASN C 149 -14.49 25.50 19.96
N CYS C 150 -13.30 25.05 20.35
CA CYS C 150 -13.16 23.94 21.28
C CYS C 150 -12.35 24.26 22.53
N SER C 151 -13.00 24.18 23.69
CA SER C 151 -12.37 24.45 24.99
C SER C 151 -11.67 23.23 25.60
N GLY C 152 -11.54 22.15 24.83
CA GLY C 152 -10.82 20.95 25.30
C GLY C 152 -11.60 20.11 26.30
N VAL C 153 -10.86 19.30 27.06
CA VAL C 153 -11.44 18.38 28.04
C VAL C 153 -12.45 19.05 28.99
N GLU C 154 -13.64 18.49 29.05
CA GLU C 154 -14.61 18.84 30.09
C GLU C 154 -14.10 18.27 31.42
N PHE C 155 -13.61 19.16 32.28
CA PHE C 155 -12.91 18.77 33.52
C PHE C 155 -13.56 17.66 34.40
N PRO C 156 -14.87 17.79 34.73
CA PRO C 156 -15.56 16.74 35.51
C PRO C 156 -15.54 15.36 34.85
N ASN C 157 -15.49 15.33 33.52
CA ASN C 157 -15.55 14.08 32.79
C ASN C 157 -14.21 13.71 32.12
N GLN C 158 -13.11 14.24 32.64
CA GLN C 158 -11.81 14.04 32.01
C GLN C 158 -11.47 12.57 31.77
N ASP C 159 -11.83 11.73 32.74
CA ASP C 159 -11.54 10.30 32.69
C ASP C 159 -12.22 9.61 31.50
N LYS C 160 -13.26 10.25 30.96
CA LYS C 160 -14.04 9.69 29.87
C LYS C 160 -13.74 10.33 28.51
N VAL C 161 -12.99 11.43 28.54
CA VAL C 161 -12.77 12.20 27.32
C VAL C 161 -11.29 12.44 27.01
N TYR C 162 -10.44 12.23 28.01
CA TYR C 162 -9.00 12.50 27.88
C TYR C 162 -8.15 11.26 27.47
N PRO C 163 -8.27 10.14 28.19
CA PRO C 163 -7.32 9.06 27.94
C PRO C 163 -7.82 8.02 26.91
N ASN C 164 -7.03 6.96 26.78
CA ASN C 164 -7.42 5.74 26.06
C ASN C 164 -7.15 5.79 24.54
N ARG C 165 -7.16 4.61 23.92
CA ARG C 165 -6.83 4.42 22.52
C ARG C 165 -7.74 5.22 21.60
N ARG C 166 -9.00 5.38 22.02
CA ARG C 166 -9.96 6.13 21.22
C ARG C 166 -10.61 7.25 22.01
N GLY C 167 -9.79 8.01 22.73
CA GLY C 167 -10.26 9.19 23.44
C GLY C 167 -9.94 10.43 22.63
N GLY C 168 -9.85 11.56 23.32
CA GLY C 168 -9.71 12.84 22.65
C GLY C 168 -8.40 13.08 21.91
N GLY C 169 -7.38 12.28 22.22
CA GLY C 169 -6.08 12.43 21.54
C GLY C 169 -6.03 11.79 20.18
N THR C 170 -6.94 10.84 19.95
CA THR C 170 -6.95 10.02 18.75
C THR C 170 -7.13 10.84 17.44
N PRO C 171 -8.13 11.75 17.38
CA PRO C 171 -8.33 12.56 16.17
C PRO C 171 -7.09 13.24 15.63
N PHE C 172 -6.15 13.58 16.51
CA PHE C 172 -4.93 14.30 16.08
C PHE C 172 -4.04 13.34 15.28
N PHE C 173 -4.03 12.07 15.70
CA PHE C 173 -3.35 11.04 14.93
C PHE C 173 -4.12 10.81 13.62
N ARG C 174 -5.44 10.73 13.73
CA ARG C 174 -6.31 10.56 12.56
C ARG C 174 -6.16 11.68 11.53
N ASN C 175 -5.95 12.91 12.00
CA ASN C 175 -5.70 14.03 11.09
C ASN C 175 -4.37 13.86 10.37
N SER C 176 -3.39 13.29 11.05
CA SER C 176 -2.07 13.07 10.44
C SER C 176 -2.17 11.94 9.44
N GLU C 177 -3.04 10.99 9.74
CA GLU C 177 -3.25 9.88 8.85
C GLU C 177 -3.94 10.34 7.56
N LEU C 178 -4.99 11.15 7.70
CA LEU C 178 -5.64 11.77 6.54
C LEU C 178 -4.62 12.51 5.69
N ASN C 179 -3.84 13.38 6.32
CA ASN C 179 -2.79 14.09 5.62
C ASN C 179 -1.82 13.18 4.90
N GLN C 180 -1.37 12.11 5.57
CA GLN C 180 -0.43 11.19 4.98
C GLN C 180 -1.05 10.37 3.86
N LEU C 181 -2.36 10.12 3.94
CA LEU C 181 -3.10 9.45 2.88
C LEU C 181 -3.41 10.39 1.72
N GLY C 182 -3.08 11.67 1.89
CA GLY C 182 -3.28 12.65 0.82
C GLY C 182 -4.60 13.39 0.91
N ILE C 183 -5.28 13.27 2.04
CA ILE C 183 -6.58 13.89 2.29
C ILE C 183 -6.41 15.10 3.18
N PRO C 184 -6.76 16.29 2.65
CA PRO C 184 -6.55 17.53 3.36
C PRO C 184 -7.56 17.78 4.47
N VAL C 185 -7.11 18.43 5.53
CA VAL C 185 -7.98 18.83 6.64
C VAL C 185 -7.89 20.35 6.75
N ILE C 186 -9.04 21.02 6.77
CA ILE C 186 -9.05 22.47 6.86
C ILE C 186 -9.79 22.88 8.13
N VAL C 187 -9.15 23.73 8.94
CA VAL C 187 -9.80 24.20 10.16
C VAL C 187 -10.03 25.70 10.16
N GLY C 188 -11.26 26.07 10.47
CA GLY C 188 -11.57 27.44 10.86
C GLY C 188 -11.47 27.50 12.37
N ILE C 189 -10.52 28.27 12.86
CA ILE C 189 -10.29 28.38 14.30
C ILE C 189 -11.10 29.54 14.89
N TYR C 190 -12.00 29.21 15.80
CA TYR C 190 -12.83 30.22 16.47
C TYR C 190 -12.65 30.19 17.99
N GLY C 191 -12.80 31.34 18.63
CA GLY C 191 -12.72 31.43 20.08
C GLY C 191 -11.47 30.79 20.66
N THR C 192 -11.60 30.29 21.89
CA THR C 192 -10.43 29.81 22.65
C THR C 192 -10.22 28.33 22.46
N ASN C 193 -9.02 27.96 22.01
CA ASN C 193 -8.72 26.55 21.76
C ASN C 193 -7.46 26.14 22.46
N PRO C 194 -7.56 25.82 23.78
CA PRO C 194 -6.42 25.42 24.58
C PRO C 194 -6.26 23.92 24.63
N ALA C 195 -5.01 23.48 24.78
CA ALA C 195 -4.68 22.05 24.97
C ALA C 195 -5.37 21.15 23.95
N GLY C 196 -6.40 20.40 24.37
CA GLY C 196 -7.20 19.58 23.47
C GLY C 196 -7.71 20.34 22.26
N GLY C 197 -8.21 21.56 22.48
CA GLY C 197 -8.62 22.43 21.40
C GLY C 197 -7.43 22.86 20.54
N GLY C 198 -6.30 23.12 21.20
CA GLY C 198 -5.08 23.54 20.51
C GLY C 198 -4.64 22.51 19.47
N TYR C 199 -4.73 21.24 19.87
CA TYR C 199 -4.27 20.16 19.01
C TYR C 199 -5.23 19.93 17.86
N HIS C 200 -6.51 20.14 18.11
CA HIS C 200 -7.48 20.12 17.05
C HIS C 200 -7.20 21.25 16.08
N SER C 201 -6.59 22.33 16.58
CA SER C 201 -6.31 23.48 15.73
C SER C 201 -5.05 23.26 14.90
N ILE C 202 -4.10 22.53 15.48
CA ILE C 202 -2.78 22.44 14.89
C ILE C 202 -2.60 21.18 14.02
N SER C 203 -3.46 20.18 14.22
CA SER C 203 -3.37 18.92 13.48
C SER C 203 -3.80 18.99 12.00
N PRO C 204 -4.78 19.86 11.65
CA PRO C 204 -5.17 20.01 10.25
C PRO C 204 -4.07 20.59 9.34
N THR C 205 -4.35 20.55 8.04
CA THR C 205 -3.44 20.98 6.99
C THR C 205 -3.42 22.51 6.87
N ILE C 206 -4.62 23.10 6.85
CA ILE C 206 -4.81 24.54 6.67
C ILE C 206 -5.49 25.15 7.89
N LEU C 207 -4.89 26.21 8.42
CA LEU C 207 -5.45 26.89 9.58
C LEU C 207 -5.92 28.29 9.23
N ILE C 208 -7.21 28.52 9.39
CA ILE C 208 -7.82 29.82 9.16
C ILE C 208 -8.35 30.31 10.50
N ALA C 209 -7.87 31.46 10.94
CA ALA C 209 -8.22 31.93 12.28
C ALA C 209 -9.13 33.16 12.28
N HIS C 210 -10.04 33.19 13.26
CA HIS C 210 -10.77 34.39 13.62
C HIS C 210 -9.80 35.32 14.35
N GLN C 211 -9.95 36.62 14.17
CA GLN C 211 -8.98 37.56 14.72
C GLN C 211 -8.87 37.51 16.24
N ASP C 212 -9.92 37.04 16.92
CA ASP C 212 -9.94 36.95 18.38
C ASP C 212 -9.61 35.55 18.89
N ALA C 213 -9.43 34.63 17.96
CA ALA C 213 -9.25 33.21 18.28
C ALA C 213 -7.86 32.95 18.84
N ASN C 214 -7.69 31.77 19.43
CA ASN C 214 -6.38 31.34 19.88
C ASN C 214 -6.29 29.83 19.82
N MET C 215 -5.06 29.34 19.66
CA MET C 215 -4.75 27.92 19.85
C MET C 215 -3.49 27.85 20.68
N ALA C 216 -3.49 26.96 21.66
CA ALA C 216 -2.40 26.90 22.62
C ALA C 216 -2.27 25.53 23.28
N VAL C 217 -1.03 25.17 23.60
CA VAL C 217 -0.74 24.00 24.43
C VAL C 217 -1.51 24.06 25.75
N GLY C 218 -1.57 25.24 26.35
CA GLY C 218 -2.38 25.48 27.55
C GLY C 218 -2.93 26.88 27.50
N GLY C 219 -4.14 27.09 27.99
CA GLY C 219 -4.77 28.41 28.00
C GLY C 219 -4.51 29.22 29.27
N ALA C 220 -5.32 30.26 29.49
CA ALA C 220 -5.30 31.03 30.74
C ALA C 220 -5.70 30.19 31.95
N GLY C 221 -6.61 29.22 31.76
CA GLY C 221 -7.05 28.28 32.80
C GLY C 221 -5.94 27.58 33.57
N ALA C 237 -7.76 29.58 48.86
CA ALA C 237 -9.19 29.49 48.55
C ALA C 237 -9.77 30.85 48.10
N GLU C 238 -9.74 31.83 49.01
CA GLU C 238 -10.10 33.21 48.66
C GLU C 238 -8.95 33.83 47.85
N GLN C 239 -7.73 33.40 48.17
CA GLN C 239 -6.51 33.80 47.45
C GLN C 239 -6.58 33.45 45.96
N ILE C 240 -7.23 32.33 45.64
CA ILE C 240 -7.41 31.89 44.27
C ILE C 240 -8.28 32.88 43.48
N ILE C 241 -9.30 33.42 44.11
CA ILE C 241 -10.12 34.50 43.51
C ILE C 241 -9.34 35.81 43.41
N ALA C 242 -8.51 36.08 44.41
CA ALA C 242 -7.66 37.29 44.44
C ALA C 242 -6.62 37.29 43.34
N ALA C 243 -5.88 36.17 43.24
CA ALA C 243 -4.89 35.94 42.20
C ALA C 243 -5.46 36.08 40.79
N GLN C 244 -6.75 35.76 40.65
CA GLN C 244 -7.47 35.82 39.38
C GLN C 244 -7.65 37.26 38.87
N ILE C 245 -8.21 38.12 39.72
CA ILE C 245 -8.40 39.55 39.38
C ILE C 245 -7.06 40.29 39.31
N GLU C 246 -6.11 39.89 40.15
CA GLU C 246 -4.75 40.45 40.12
C GLU C 246 -3.94 39.95 38.91
N ASN C 247 -4.38 38.83 38.32
CA ASN C 247 -3.77 38.26 37.10
C ASN C 247 -4.61 38.60 35.85
N SER C 248 -5.73 39.30 36.07
CA SER C 248 -6.60 39.73 34.97
C SER C 248 -6.45 41.24 34.71
N LYS C 249 -5.97 41.98 35.72
CA LYS C 249 -5.75 43.42 35.62
C LYS C 249 -4.61 43.75 34.64
N LEU C 250 -3.64 42.83 34.54
CA LEU C 250 -2.56 42.93 33.55
C LEU C 250 -3.07 42.93 32.10
N LYS C 251 -4.32 42.50 31.91
CA LYS C 251 -4.90 42.26 30.59
C LYS C 251 -3.96 41.38 29.72
N VAL C 252 -3.30 40.43 30.40
CA VAL C 252 -2.41 39.45 29.76
C VAL C 252 -3.20 38.63 28.71
N PRO C 253 -2.70 38.58 27.46
CA PRO C 253 -3.52 37.99 26.39
C PRO C 253 -3.66 36.47 26.48
N ALA C 254 -4.82 35.97 26.06
CA ALA C 254 -5.06 34.53 25.97
C ALA C 254 -3.93 33.91 25.15
N PRO C 255 -3.26 32.87 25.71
CA PRO C 255 -2.09 32.28 25.07
C PRO C 255 -2.39 31.79 23.65
N GLY C 256 -1.43 32.01 22.75
CA GLY C 256 -1.54 31.61 21.35
C GLY C 256 -2.59 32.36 20.53
N SER C 257 -2.78 33.64 20.82
CA SER C 257 -3.68 34.50 20.04
C SER C 257 -3.00 34.90 18.72
N VAL C 258 -3.75 35.57 17.85
CA VAL C 258 -3.28 35.98 16.53
C VAL C 258 -1.86 36.62 16.52
N PRO C 259 -1.58 37.58 17.42
CA PRO C 259 -0.22 38.16 17.39
C PRO C 259 0.88 37.11 17.55
N ILE C 260 0.54 35.96 18.14
CA ILE C 260 1.48 34.84 18.30
C ILE C 260 1.46 33.91 17.09
N HIS C 261 0.28 33.37 16.76
CA HIS C 261 0.21 32.32 15.75
C HIS C 261 0.09 32.79 14.32
N TYR C 262 -0.13 34.09 14.15
CA TYR C 262 -0.01 34.68 12.84
C TYR C 262 1.31 35.40 12.72
N ASP C 263 1.52 36.39 13.59
CA ASP C 263 2.66 37.29 13.50
C ASP C 263 4.00 36.65 13.86
N GLU C 264 3.99 35.64 14.73
CA GLU C 264 5.25 35.01 15.18
C GLU C 264 5.50 33.64 14.55
N THR C 265 4.63 32.68 14.83
CA THR C 265 4.81 31.31 14.33
C THR C 265 4.35 31.11 12.88
N GLY C 266 3.39 31.92 12.45
CA GLY C 266 2.81 31.74 11.13
C GLY C 266 2.08 30.42 11.00
N PHE C 267 1.57 29.89 12.11
CA PHE C 267 0.79 28.65 12.09
C PHE C 267 -0.60 28.91 11.55
N PHE C 268 -1.22 30.02 11.97
CA PHE C 268 -2.40 30.51 11.31
C PHE C 268 -1.96 30.99 9.95
N ARG C 269 -2.47 30.39 8.89
CA ARG C 269 -2.10 30.83 7.55
C ARG C 269 -2.82 32.11 7.19
N GLU C 270 -4.08 32.23 7.60
CA GLU C 270 -4.88 33.43 7.32
C GLU C 270 -5.72 33.81 8.53
N VAL C 271 -6.10 35.08 8.59
CA VAL C 271 -6.83 35.61 9.72
C VAL C 271 -7.96 36.50 9.19
N TYR C 272 -9.18 36.28 9.69
CA TYR C 272 -10.31 37.08 9.25
C TYR C 272 -10.97 37.82 10.42
N GLN C 273 -11.74 38.85 10.10
CA GLN C 273 -12.31 39.73 11.12
C GLN C 273 -13.48 39.10 11.85
N ASN C 274 -14.28 38.33 11.13
CA ASN C 274 -15.49 37.75 11.70
C ASN C 274 -15.73 36.33 11.19
N ASP C 275 -16.71 35.66 11.77
CA ASP C 275 -17.00 34.26 11.49
C ASP C 275 -17.20 33.95 10.02
N LEU C 276 -17.89 34.84 9.31
CA LEU C 276 -18.17 34.65 7.90
C LEU C 276 -16.91 34.81 7.04
N GLY C 277 -15.97 35.61 7.50
CA GLY C 277 -14.66 35.78 6.88
C GLY C 277 -13.94 34.46 6.95
N VAL C 278 -13.83 33.90 8.15
CA VAL C 278 -13.26 32.57 8.33
C VAL C 278 -13.90 31.58 7.34
N ILE C 279 -15.23 31.58 7.26
CA ILE C 279 -15.97 30.69 6.37
C ILE C 279 -15.55 30.89 4.91
N ASP C 280 -15.39 32.16 4.51
CA ASP C 280 -14.93 32.48 3.18
C ASP C 280 -13.49 31.96 2.95
N GLY C 281 -12.62 32.14 3.93
CA GLY C 281 -11.27 31.59 3.86
C GLY C 281 -11.32 30.09 3.60
N ILE C 282 -12.18 29.40 4.36
CA ILE C 282 -12.34 27.97 4.22
C ILE C 282 -12.82 27.67 2.81
N LYS C 283 -13.81 28.42 2.33
CA LYS C 283 -14.34 28.22 0.98
C LYS C 283 -13.26 28.31 -0.09
N LYS C 284 -12.37 29.28 0.09
CA LYS C 284 -11.31 29.54 -0.84
C LYS C 284 -10.39 28.32 -0.90
N TYR C 285 -9.98 27.83 0.26
CA TYR C 285 -9.15 26.64 0.36
C TYR C 285 -9.85 25.40 -0.11
N ILE C 286 -11.12 25.24 0.22
CA ILE C 286 -11.92 24.17 -0.39
C ILE C 286 -11.87 24.24 -1.94
N SER C 287 -11.92 25.46 -2.50
CA SER C 287 -11.90 25.64 -3.95
C SER C 287 -10.55 25.24 -4.55
N TYR C 288 -9.51 25.22 -3.72
CA TYR C 288 -8.20 24.77 -4.15
C TYR C 288 -8.09 23.26 -4.28
N LEU C 289 -8.94 22.54 -3.56
CA LEU C 289 -8.84 21.09 -3.43
C LEU C 289 -9.14 20.35 -4.72
N PRO C 290 -8.43 19.22 -4.98
CA PRO C 290 -8.62 18.45 -6.20
C PRO C 290 -9.97 17.73 -6.17
N ALA C 291 -10.71 17.79 -7.27
CA ALA C 291 -12.00 17.16 -7.34
C ALA C 291 -12.39 16.97 -8.80
N TYR C 292 -12.80 15.75 -9.14
CA TYR C 292 -13.29 15.51 -10.48
C TYR C 292 -14.53 16.34 -10.71
N ASN C 293 -14.71 16.81 -11.93
CA ASN C 293 -16.05 17.10 -12.39
C ASN C 293 -16.71 15.73 -12.55
N LEU C 294 -17.81 15.52 -11.83
CA LEU C 294 -18.42 14.21 -11.77
C LEU C 294 -18.84 13.69 -13.14
N GLU C 295 -19.02 14.61 -14.08
CA GLU C 295 -19.28 14.27 -15.47
C GLU C 295 -18.29 13.20 -15.98
N PHE C 296 -17.04 13.26 -15.52
CA PHE C 296 -16.01 12.29 -15.91
C PHE C 296 -16.45 10.85 -15.66
N PHE C 297 -17.13 10.59 -14.56
CA PHE C 297 -17.48 9.21 -14.18
C PHE C 297 -18.91 8.82 -14.52
N ARG C 298 -19.66 9.73 -15.14
CA ARG C 298 -21.06 9.50 -15.45
C ARG C 298 -21.21 8.58 -16.66
N VAL C 299 -22.29 7.80 -16.65
CA VAL C 299 -22.62 6.89 -17.74
C VAL C 299 -23.97 7.33 -18.29
N ASP C 300 -24.50 8.37 -17.67
CA ASP C 300 -25.77 8.95 -18.05
C ASP C 300 -25.87 10.33 -17.45
N THR C 301 -26.76 11.14 -18.02
CA THR C 301 -27.10 12.44 -17.45
C THR C 301 -27.96 12.21 -16.19
N PRO C 302 -27.71 13.01 -15.12
CA PRO C 302 -28.48 12.77 -13.89
C PRO C 302 -29.97 12.86 -14.15
N LYS C 303 -30.71 11.83 -13.73
CA LYS C 303 -32.17 11.81 -13.82
C LYS C 303 -32.80 11.45 -12.49
N ALA C 304 -33.86 12.16 -12.12
CA ALA C 304 -34.67 11.81 -10.95
C ALA C 304 -35.28 10.41 -11.12
N PRO C 305 -35.66 9.77 -10.00
CA PRO C 305 -36.44 8.54 -10.18
C PRO C 305 -37.76 8.84 -10.88
N GLN C 306 -38.34 7.83 -11.54
CA GLN C 306 -39.63 7.99 -12.18
C GLN C 306 -40.80 7.91 -11.21
N LEU C 307 -40.54 7.42 -9.99
CA LEU C 307 -41.57 7.31 -8.97
C LEU C 307 -41.20 8.16 -7.76
N PRO C 308 -42.19 8.87 -7.18
CA PRO C 308 -41.91 9.77 -6.05
C PRO C 308 -41.52 9.02 -4.77
N ALA C 309 -40.60 9.63 -4.02
CA ALA C 309 -40.13 9.09 -2.75
C ALA C 309 -41.20 9.08 -1.66
N GLU C 310 -42.15 10.01 -1.73
CA GLU C 310 -43.24 10.09 -0.74
C GLU C 310 -43.96 8.76 -0.61
N ASP C 311 -44.09 8.04 -1.73
CA ASP C 311 -44.71 6.72 -1.75
C ASP C 311 -44.08 5.76 -0.75
N LEU C 312 -42.81 5.96 -0.45
CA LEU C 312 -42.10 5.11 0.50
C LEU C 312 -42.84 5.04 1.83
N TYR C 313 -43.55 6.12 2.16
CA TYR C 313 -44.36 6.17 3.38
C TYR C 313 -45.51 5.16 3.39
N SER C 314 -45.93 4.70 2.21
CA SER C 314 -46.96 3.65 2.08
C SER C 314 -46.31 2.31 1.79
N ILE C 315 -45.21 2.34 1.03
CA ILE C 315 -44.58 1.10 0.55
C ILE C 315 -43.92 0.30 1.67
N ILE C 316 -43.06 0.97 2.45
CA ILE C 316 -42.32 0.34 3.55
C ILE C 316 -43.22 0.29 4.79
N PRO C 317 -43.70 -0.92 5.15
CA PRO C 317 -44.66 -1.08 6.24
C PRO C 317 -44.02 -1.03 7.63
N MET C 318 -44.60 -0.23 8.53
CA MET C 318 -44.21 -0.18 9.94
C MET C 318 -44.61 -1.46 10.67
N ASN C 319 -45.63 -2.14 10.15
CA ASN C 319 -45.99 -3.45 10.67
C ASN C 319 -44.92 -4.42 10.17
N GLN C 320 -44.03 -4.80 11.09
CA GLN C 320 -42.84 -5.56 10.76
C GLN C 320 -43.12 -6.96 10.23
N LYS C 321 -44.36 -7.41 10.39
CA LYS C 321 -44.79 -8.74 9.93
C LYS C 321 -45.15 -8.71 8.46
N ARG C 322 -45.36 -7.50 7.95
CA ARG C 322 -45.74 -7.32 6.56
C ARG C 322 -44.53 -7.24 5.64
N PRO C 323 -44.58 -8.01 4.52
CA PRO C 323 -43.60 -7.81 3.46
C PRO C 323 -43.93 -6.55 2.65
N TYR C 324 -43.14 -6.34 1.60
CA TYR C 324 -43.27 -5.23 0.67
C TYR C 324 -42.35 -5.57 -0.50
N ASP C 325 -42.57 -4.92 -1.64
CA ASP C 325 -41.70 -5.17 -2.80
C ASP C 325 -40.49 -4.26 -2.78
N ILE C 326 -39.32 -4.84 -2.53
CA ILE C 326 -38.08 -4.04 -2.50
C ILE C 326 -37.87 -3.26 -3.78
N TYR C 327 -38.24 -3.83 -4.92
CA TYR C 327 -38.09 -3.12 -6.19
C TYR C 327 -38.76 -1.75 -6.16
N GLU C 328 -39.81 -1.61 -5.37
CA GLU C 328 -40.54 -0.35 -5.28
C GLU C 328 -39.69 0.69 -4.56
N VAL C 329 -38.84 0.22 -3.65
CA VAL C 329 -37.92 1.10 -2.94
C VAL C 329 -36.82 1.51 -3.89
N ILE C 330 -36.24 0.53 -4.59
CA ILE C 330 -35.11 0.76 -5.47
C ILE C 330 -35.51 1.69 -6.62
N ALA C 331 -36.76 1.57 -7.07
CA ALA C 331 -37.28 2.41 -8.15
C ALA C 331 -37.37 3.87 -7.74
N ARG C 332 -37.39 4.13 -6.44
CA ARG C 332 -37.57 5.47 -5.94
C ARG C 332 -36.29 6.11 -5.40
N LEU C 333 -35.21 5.33 -5.38
CA LEU C 333 -33.96 5.85 -4.81
C LEU C 333 -32.93 6.13 -5.89
N PHE C 334 -33.09 5.51 -7.05
CA PHE C 334 -32.09 5.56 -8.10
C PHE C 334 -32.58 6.19 -9.40
N ASP C 335 -31.63 6.77 -10.13
CA ASP C 335 -31.92 7.52 -11.33
C ASP C 335 -32.84 6.78 -12.28
N ASN C 336 -33.93 7.47 -12.65
CA ASN C 336 -34.87 7.02 -13.68
C ASN C 336 -35.61 5.71 -13.36
N SER C 337 -35.53 5.29 -12.10
CA SER C 337 -36.04 3.98 -11.69
C SER C 337 -35.43 2.89 -12.56
N GLU C 338 -34.22 3.12 -13.05
CA GLU C 338 -33.51 2.11 -13.83
C GLU C 338 -32.71 1.19 -12.93
N PHE C 339 -32.60 -0.06 -13.33
CA PHE C 339 -31.87 -1.05 -12.56
C PHE C 339 -31.42 -2.19 -13.46
N SER C 340 -30.16 -2.57 -13.29
CA SER C 340 -29.57 -3.63 -14.06
C SER C 340 -29.19 -4.76 -13.10
N GLU C 341 -30.12 -5.70 -12.95
CA GLU C 341 -29.99 -6.75 -11.95
C GLU C 341 -28.96 -7.77 -12.37
N TYR C 342 -28.06 -8.07 -11.44
CA TYR C 342 -27.11 -9.14 -11.60
C TYR C 342 -27.77 -10.44 -11.12
N LYS C 343 -27.80 -11.42 -12.01
CA LYS C 343 -28.29 -12.77 -11.71
C LYS C 343 -29.72 -12.83 -11.12
N LYS C 344 -30.64 -12.12 -11.76
CA LYS C 344 -32.06 -12.21 -11.43
C LYS C 344 -32.49 -13.68 -11.53
N GLY C 345 -33.14 -14.19 -10.50
CA GLY C 345 -33.62 -15.58 -10.49
C GLY C 345 -32.72 -16.51 -9.71
N TYR C 346 -31.43 -16.18 -9.65
CA TYR C 346 -30.48 -16.86 -8.77
C TYR C 346 -30.38 -16.08 -7.48
N GLY C 347 -30.48 -16.76 -6.34
CA GLY C 347 -30.49 -16.06 -5.06
C GLY C 347 -31.67 -15.11 -4.95
N PRO C 348 -32.90 -15.63 -5.08
CA PRO C 348 -34.09 -14.77 -5.16
C PRO C 348 -34.39 -14.00 -3.89
N GLU C 349 -33.71 -14.34 -2.78
CA GLU C 349 -33.89 -13.64 -1.51
C GLU C 349 -33.17 -12.29 -1.48
N MET C 350 -32.25 -12.10 -2.43
CA MET C 350 -31.51 -10.84 -2.54
C MET C 350 -31.70 -10.26 -3.93
N VAL C 351 -31.71 -8.94 -4.01
CA VAL C 351 -31.54 -8.24 -5.26
C VAL C 351 -30.15 -7.63 -5.23
N THR C 352 -29.36 -7.97 -6.25
CA THR C 352 -28.04 -7.35 -6.44
C THR C 352 -27.96 -6.85 -7.87
N GLY C 353 -27.63 -5.57 -8.03
CA GLY C 353 -27.52 -5.03 -9.36
C GLY C 353 -26.96 -3.63 -9.39
N LEU C 354 -26.64 -3.17 -10.59
CA LEU C 354 -26.08 -1.85 -10.82
C LEU C 354 -27.20 -0.86 -11.01
N ALA C 355 -27.02 0.33 -10.43
CA ALA C 355 -27.95 1.43 -10.62
C ALA C 355 -27.16 2.72 -10.83
N LYS C 356 -27.88 3.83 -10.93
CA LYS C 356 -27.28 5.14 -11.17
C LYS C 356 -27.77 6.14 -10.13
N VAL C 357 -26.84 6.95 -9.65
CA VAL C 357 -27.10 8.01 -8.69
C VAL C 357 -26.50 9.26 -9.29
N ASN C 358 -27.35 10.19 -9.74
CA ASN C 358 -26.90 11.37 -10.47
C ASN C 358 -25.94 11.01 -11.59
N GLY C 359 -26.30 9.97 -12.35
CA GLY C 359 -25.53 9.54 -13.51
C GLY C 359 -24.36 8.62 -13.23
N LEU C 360 -24.08 8.41 -11.95
CA LEU C 360 -22.94 7.59 -11.52
C LEU C 360 -23.35 6.18 -11.15
N LEU C 361 -22.55 5.20 -11.57
CA LEU C 361 -22.78 3.79 -11.25
C LEU C 361 -22.58 3.49 -9.77
N VAL C 362 -23.57 2.82 -9.18
CA VAL C 362 -23.44 2.19 -7.88
C VAL C 362 -23.92 0.75 -7.97
N GLY C 363 -23.38 -0.10 -7.11
CA GLY C 363 -23.89 -1.45 -6.92
C GLY C 363 -24.88 -1.44 -5.76
N VAL C 364 -26.05 -2.02 -5.99
CA VAL C 364 -27.09 -2.09 -4.97
C VAL C 364 -27.31 -3.55 -4.56
N ILE C 365 -27.36 -3.77 -3.26
CA ILE C 365 -27.62 -5.07 -2.70
C ILE C 365 -28.72 -4.87 -1.66
N ALA C 366 -29.82 -5.59 -1.84
CA ALA C 366 -31.01 -5.36 -1.02
C ALA C 366 -31.76 -6.66 -0.78
N ASN C 367 -32.33 -6.79 0.41
CA ASN C 367 -33.15 -7.96 0.76
C ASN C 367 -34.45 -7.96 0.02
N VAL C 368 -34.87 -9.13 -0.45
CA VAL C 368 -36.21 -9.31 -1.02
C VAL C 368 -37.10 -9.79 0.11
N GLN C 369 -38.32 -9.27 0.20
CA GLN C 369 -39.27 -9.69 1.23
C GLN C 369 -40.36 -10.61 0.68
N GLY C 370 -41.04 -11.29 1.59
CA GLY C 370 -42.15 -12.14 1.22
C GLY C 370 -41.70 -13.57 1.12
N LEU C 371 -42.67 -14.46 0.93
CA LEU C 371 -42.36 -15.88 0.83
C LEU C 371 -41.77 -16.18 -0.52
N LEU C 372 -40.86 -17.16 -0.52
CA LEU C 372 -40.19 -17.61 -1.73
C LEU C 372 -40.54 -19.07 -1.96
N MET C 373 -41.51 -19.31 -2.85
CA MET C 373 -42.00 -20.67 -3.12
C MET C 373 -40.89 -21.60 -3.64
N ASN C 374 -40.88 -22.82 -3.13
CA ASN C 374 -39.99 -23.89 -3.60
C ASN C 374 -38.51 -23.50 -3.51
N TYR C 375 -38.09 -23.10 -2.31
CA TYR C 375 -36.77 -22.56 -2.07
C TYR C 375 -36.51 -22.65 -0.56
N PRO C 376 -35.24 -22.78 -0.14
CA PRO C 376 -34.03 -22.91 -0.91
C PRO C 376 -33.86 -24.31 -1.49
N GLU C 377 -33.01 -24.42 -2.52
CA GLU C 377 -32.79 -25.64 -3.26
C GLU C 377 -32.22 -26.81 -2.45
N TYR C 378 -31.68 -26.52 -1.26
CA TYR C 378 -31.07 -27.55 -0.43
C TYR C 378 -32.07 -28.17 0.57
N LYS C 379 -33.33 -27.73 0.48
CA LYS C 379 -34.40 -28.29 1.30
C LYS C 379 -35.49 -28.83 0.41
N GLN C 380 -36.04 -29.97 0.81
CA GLN C 380 -37.18 -30.59 0.15
C GLN C 380 -38.45 -29.86 0.60
N ASN C 381 -39.35 -29.62 -0.34
CA ASN C 381 -40.67 -29.02 -0.04
C ASN C 381 -40.57 -27.92 1.01
N SER C 382 -39.86 -26.87 0.64
CA SER C 382 -39.54 -25.79 1.56
C SER C 382 -40.04 -24.47 0.99
N VAL C 383 -40.30 -23.53 1.90
CA VAL C 383 -40.58 -22.14 1.54
C VAL C 383 -39.56 -21.23 2.20
N GLY C 384 -38.85 -20.46 1.39
CA GLY C 384 -37.90 -19.48 1.88
C GLY C 384 -38.55 -18.21 2.37
N ILE C 385 -37.99 -17.65 3.44
CA ILE C 385 -38.49 -16.42 4.02
C ILE C 385 -37.67 -15.27 3.46
N GLY C 386 -38.32 -14.35 2.77
CA GLY C 386 -37.66 -13.10 2.37
C GLY C 386 -37.14 -12.39 3.61
N GLY C 387 -35.97 -11.75 3.47
CA GLY C 387 -35.30 -11.12 4.60
C GLY C 387 -34.25 -12.03 5.22
N LYS C 388 -34.31 -13.32 4.88
CA LYS C 388 -33.28 -14.27 5.30
C LYS C 388 -32.25 -14.48 4.18
N LEU C 389 -31.13 -15.12 4.53
CA LEU C 389 -30.04 -15.34 3.58
C LEU C 389 -29.77 -16.81 3.40
N TYR C 390 -29.67 -17.22 2.13
CA TYR C 390 -29.50 -18.62 1.78
C TYR C 390 -28.23 -18.81 0.93
N ARG C 391 -28.00 -20.03 0.44
CA ARG C 391 -26.79 -20.33 -0.30
C ARG C 391 -26.62 -19.45 -1.53
N GLN C 392 -27.65 -19.38 -2.35
CA GLN C 392 -27.55 -18.65 -3.61
C GLN C 392 -27.43 -17.16 -3.37
N GLY C 393 -28.24 -16.62 -2.46
CA GLY C 393 -28.12 -15.22 -2.07
C GLY C 393 -26.72 -14.88 -1.64
N LEU C 394 -26.14 -15.69 -0.75
CA LEU C 394 -24.80 -15.42 -0.23
C LEU C 394 -23.71 -15.48 -1.31
N ILE C 395 -23.73 -16.53 -2.12
CA ILE C 395 -22.79 -16.67 -3.22
C ILE C 395 -22.98 -15.53 -4.21
N LYS C 396 -24.23 -15.21 -4.53
CA LYS C 396 -24.50 -14.14 -5.48
C LYS C 396 -23.87 -12.83 -5.02
N MET C 397 -24.19 -12.43 -3.79
CA MET C 397 -23.62 -11.23 -3.16
C MET C 397 -22.10 -11.25 -3.17
N ASN C 398 -21.51 -12.38 -2.77
CA ASN C 398 -20.08 -12.56 -2.84
C ASN C 398 -19.52 -12.20 -4.20
N GLU C 399 -20.14 -12.75 -5.24
CA GLU C 399 -19.69 -12.53 -6.60
C GLU C 399 -19.87 -11.07 -6.98
N PHE C 400 -21.05 -10.55 -6.67
CA PHE C 400 -21.40 -9.18 -6.99
C PHE C 400 -20.47 -8.16 -6.34
N VAL C 401 -20.09 -8.41 -5.08
CA VAL C 401 -19.24 -7.48 -4.32
C VAL C 401 -17.88 -7.51 -4.96
N THR C 402 -17.46 -8.70 -5.35
CA THR C 402 -16.15 -8.96 -5.91
C THR C 402 -16.06 -8.33 -7.27
N LEU C 403 -17.15 -8.43 -8.01
CA LEU C 403 -17.24 -7.82 -9.33
C LEU C 403 -17.20 -6.30 -9.23
N CYS C 404 -18.00 -5.74 -8.32
CA CYS C 404 -18.03 -4.30 -8.13
C CYS C 404 -16.70 -3.75 -7.63
N ALA C 405 -16.03 -4.51 -6.75
CA ALA C 405 -14.71 -4.16 -6.27
C ALA C 405 -13.74 -4.00 -7.43
N ARG C 406 -13.66 -5.03 -8.28
CA ARG C 406 -12.83 -5.00 -9.46
C ARG C 406 -13.12 -3.76 -10.31
N ASP C 407 -14.41 -3.48 -10.48
CA ASP C 407 -14.89 -2.39 -11.30
C ASP C 407 -14.85 -1.03 -10.63
N ARG C 408 -14.46 -0.98 -9.35
CA ARG C 408 -14.40 0.30 -8.61
C ARG C 408 -15.77 0.94 -8.52
N ILE C 409 -16.79 0.11 -8.33
CA ILE C 409 -18.17 0.59 -8.21
C ILE C 409 -18.60 0.51 -6.74
N PRO C 410 -18.90 1.67 -6.13
CA PRO C 410 -19.30 1.69 -4.71
C PRO C 410 -20.57 0.91 -4.50
N LEU C 411 -20.69 0.30 -3.32
CA LEU C 411 -21.82 -0.55 -3.00
C LEU C 411 -22.76 0.13 -2.01
N ILE C 412 -24.04 0.06 -2.30
CA ILE C 412 -25.03 0.56 -1.37
C ILE C 412 -25.88 -0.62 -0.91
N TRP C 413 -25.85 -0.87 0.39
CA TRP C 413 -26.59 -1.99 0.93
C TRP C 413 -27.88 -1.47 1.52
N LEU C 414 -29.00 -2.04 1.09
CA LEU C 414 -30.29 -1.75 1.70
C LEU C 414 -30.63 -2.96 2.55
N GLN C 415 -30.47 -2.82 3.87
CA GLN C 415 -30.72 -3.92 4.78
C GLN C 415 -32.19 -3.96 5.26
N ASP C 416 -32.76 -5.15 5.18
CA ASP C 416 -33.98 -5.51 5.88
C ASP C 416 -33.94 -7.00 6.15
N THR C 417 -33.28 -7.38 7.24
CA THR C 417 -32.85 -8.77 7.39
C THR C 417 -33.18 -9.41 8.74
N THR C 418 -33.47 -10.71 8.70
CA THR C 418 -33.73 -11.50 9.91
C THR C 418 -32.75 -12.65 10.02
N GLY C 419 -31.70 -12.63 9.21
CA GLY C 419 -30.62 -13.56 9.40
C GLY C 419 -30.39 -14.57 8.30
N ILE C 420 -29.27 -15.25 8.39
CA ILE C 420 -28.97 -16.38 7.52
C ILE C 420 -29.80 -17.55 8.03
N ASP C 421 -30.19 -18.43 7.11
CA ASP C 421 -30.95 -19.63 7.43
C ASP C 421 -30.20 -20.53 8.43
N VAL C 422 -30.93 -21.08 9.39
CA VAL C 422 -30.32 -21.91 10.44
C VAL C 422 -30.66 -23.39 10.24
N GLY C 423 -29.99 -24.27 10.97
CA GLY C 423 -30.25 -25.69 10.86
C GLY C 423 -29.15 -26.42 10.13
N ASP C 424 -29.03 -27.71 10.40
CA ASP C 424 -27.99 -28.53 9.76
C ASP C 424 -28.09 -28.60 8.24
N GLU C 425 -29.29 -28.53 7.69
CA GLU C 425 -29.43 -28.51 6.24
C GLU C 425 -28.72 -27.27 5.67
N ALA C 426 -28.96 -26.13 6.33
CA ALA C 426 -28.33 -24.86 6.01
C ALA C 426 -26.81 -24.93 6.23
N GLU C 427 -26.40 -25.56 7.33
CA GLU C 427 -24.98 -25.77 7.63
C GLU C 427 -24.28 -26.58 6.54
N LYS C 428 -24.89 -27.68 6.12
CA LYS C 428 -24.36 -28.49 5.02
C LYS C 428 -24.31 -27.72 3.70
N ALA C 429 -25.17 -26.70 3.56
CA ALA C 429 -25.19 -25.84 2.37
C ALA C 429 -24.09 -24.78 2.40
N GLU C 430 -23.24 -24.84 3.45
CA GLU C 430 -22.07 -23.98 3.64
C GLU C 430 -22.40 -22.59 4.17
N LEU C 431 -23.60 -22.42 4.70
CA LEU C 431 -24.10 -21.06 4.96
C LEU C 431 -23.20 -20.22 5.86
N LEU C 432 -22.63 -20.83 6.90
CA LEU C 432 -21.74 -20.12 7.81
C LEU C 432 -20.52 -19.64 7.05
N GLY C 433 -19.95 -20.57 6.27
CA GLY C 433 -18.77 -20.28 5.44
C GLY C 433 -19.04 -19.19 4.42
N LEU C 434 -20.23 -19.22 3.85
CA LEU C 434 -20.59 -18.29 2.80
C LEU C 434 -20.88 -16.88 3.32
N GLY C 435 -21.43 -16.78 4.53
CA GLY C 435 -21.64 -15.49 5.18
C GLY C 435 -20.31 -14.84 5.47
N GLN C 436 -19.41 -15.62 6.08
CA GLN C 436 -18.04 -15.17 6.31
C GLN C 436 -17.29 -14.87 5.00
N SER C 437 -17.52 -15.68 3.97
CA SER C 437 -16.93 -15.42 2.64
C SER C 437 -17.35 -14.03 2.16
N LEU C 438 -18.59 -13.65 2.46
CA LEU C 438 -19.07 -12.32 2.10
C LEU C 438 -18.32 -11.26 2.91
N ILE C 439 -18.12 -11.52 4.20
CA ILE C 439 -17.32 -10.61 5.00
C ILE C 439 -15.94 -10.46 4.36
N TYR C 440 -15.34 -11.57 3.97
CA TYR C 440 -14.05 -11.54 3.29
C TYR C 440 -14.14 -10.69 2.02
N SER C 441 -15.16 -10.92 1.20
CA SER C 441 -15.33 -10.17 -0.05
C SER C 441 -15.46 -8.66 0.16
N ILE C 442 -16.24 -8.29 1.17
CA ILE C 442 -16.40 -6.87 1.51
C ILE C 442 -15.05 -6.28 1.90
N GLU C 443 -14.33 -6.95 2.78
CA GLU C 443 -13.04 -6.46 3.25
C GLU C 443 -12.02 -6.37 2.09
N ASN C 444 -12.08 -7.34 1.16
CA ASN C 444 -11.28 -7.30 -0.06
C ASN C 444 -11.66 -6.16 -1.01
N SER C 445 -12.90 -5.68 -0.92
CA SER C 445 -13.40 -4.68 -1.89
C SER C 445 -12.68 -3.35 -1.78
N LYS C 446 -12.29 -2.99 -0.56
CA LYS C 446 -11.53 -1.76 -0.31
C LYS C 446 -12.22 -0.43 -0.68
N LEU C 447 -13.42 -0.48 -1.26
CA LEU C 447 -14.14 0.75 -1.63
C LEU C 447 -15.09 1.23 -0.54
N PRO C 448 -15.37 2.55 -0.54
CA PRO C 448 -16.34 3.10 0.40
C PRO C 448 -17.74 2.60 0.07
N SER C 449 -18.52 2.34 1.11
CA SER C 449 -19.80 1.69 0.98
C SER C 449 -20.82 2.38 1.87
N LEU C 450 -22.06 2.46 1.40
CA LEU C 450 -23.13 3.02 2.22
C LEU C 450 -24.05 1.90 2.65
N GLU C 451 -24.46 1.94 3.91
CA GLU C 451 -25.44 0.98 4.37
C GLU C 451 -26.71 1.71 4.83
N ILE C 452 -27.83 1.27 4.29
CA ILE C 452 -29.12 1.84 4.63
C ILE C 452 -30.01 0.77 5.23
N THR C 453 -30.40 0.97 6.48
CA THR C 453 -31.30 0.02 7.13
C THR C 453 -32.71 0.45 6.82
N ILE C 454 -33.36 -0.28 5.92
CA ILE C 454 -34.75 0.00 5.53
C ILE C 454 -35.68 -0.34 6.68
N ARG C 455 -35.57 -1.54 7.21
CA ARG C 455 -36.29 -1.92 8.42
C ARG C 455 -35.41 -2.70 9.39
N LYS C 456 -35.27 -4.00 9.18
CA LYS C 456 -34.63 -4.86 10.17
C LYS C 456 -33.13 -4.99 10.00
N ALA C 457 -32.40 -4.56 11.01
CA ALA C 457 -31.00 -4.92 11.15
C ALA C 457 -30.88 -5.92 12.29
N SER C 458 -30.80 -7.20 11.94
CA SER C 458 -30.75 -8.23 12.96
C SER C 458 -29.85 -9.40 12.55
N ALA C 459 -29.47 -10.21 13.53
CA ALA C 459 -28.60 -11.37 13.34
C ALA C 459 -27.24 -11.00 12.71
N ALA C 460 -26.42 -12.02 12.44
CA ALA C 460 -25.13 -11.83 11.83
C ALA C 460 -25.31 -11.32 10.39
N ALA C 461 -26.52 -11.47 9.86
CA ALA C 461 -26.84 -10.93 8.55
C ALA C 461 -26.61 -9.42 8.50
N HIS C 462 -26.95 -8.71 9.57
CA HIS C 462 -26.65 -7.28 9.64
C HIS C 462 -25.17 -6.99 9.37
N TYR C 463 -24.28 -7.87 9.87
CA TYR C 463 -22.86 -7.72 9.68
C TYR C 463 -22.46 -7.98 8.24
N VAL C 464 -22.94 -9.08 7.68
CA VAL C 464 -22.41 -9.52 6.39
C VAL C 464 -22.98 -8.73 5.24
N LEU C 465 -24.15 -8.11 5.46
CA LEU C 465 -24.78 -7.28 4.42
C LEU C 465 -24.21 -5.87 4.43
N GLY C 466 -22.89 -5.78 4.27
CA GLY C 466 -22.19 -4.52 4.22
C GLY C 466 -22.44 -3.75 5.49
N GLY C 467 -22.49 -4.47 6.62
CA GLY C 467 -22.72 -3.85 7.92
C GLY C 467 -21.65 -2.83 8.29
N PRO C 468 -21.96 -1.93 9.25
CA PRO C 468 -21.01 -0.92 9.71
C PRO C 468 -19.83 -1.54 10.48
N GLN C 469 -19.88 -2.86 10.68
CA GLN C 469 -18.80 -3.61 11.32
C GLN C 469 -17.59 -3.77 10.39
N GLY C 470 -17.79 -3.44 9.10
CA GLY C 470 -16.71 -3.38 8.16
C GLY C 470 -16.12 -2.00 8.24
N ASN C 471 -15.27 -1.79 9.23
CA ASN C 471 -14.70 -0.48 9.52
C ASN C 471 -13.79 0.12 8.43
N ASN C 472 -13.34 -0.72 7.50
CA ASN C 472 -12.56 -0.25 6.35
C ASN C 472 -13.39 0.11 5.13
N THR C 473 -14.66 -0.29 5.11
CA THR C 473 -15.50 -0.09 3.91
C THR C 473 -16.76 0.75 4.16
N ASN C 474 -17.44 0.51 5.28
CA ASN C 474 -18.64 1.26 5.56
C ASN C 474 -18.30 2.65 6.05
N VAL C 475 -18.68 3.65 5.26
CA VAL C 475 -18.37 5.03 5.59
C VAL C 475 -19.19 5.45 6.80
N PHE C 476 -20.45 5.07 6.77
CA PHE C 476 -21.40 5.26 7.84
C PHE C 476 -22.66 4.52 7.42
N SER C 477 -23.68 4.55 8.29
CA SER C 477 -24.94 3.87 8.00
C SER C 477 -26.10 4.74 8.42
N ILE C 478 -27.16 4.72 7.62
CA ILE C 478 -28.37 5.45 7.97
C ILE C 478 -29.60 4.53 7.98
N GLY C 479 -30.65 4.97 8.67
CA GLY C 479 -31.86 4.16 8.74
C GLY C 479 -33.10 4.99 8.56
N THR C 480 -34.16 4.36 8.06
CA THR C 480 -35.47 5.00 7.98
C THR C 480 -36.18 4.90 9.33
N GLY C 481 -37.33 5.56 9.45
CA GLY C 481 -38.14 5.50 10.67
C GLY C 481 -38.76 4.13 10.91
N ALA C 482 -38.76 3.29 9.87
CA ALA C 482 -39.26 1.91 9.96
C ALA C 482 -38.19 0.92 10.43
N CYS C 483 -37.03 1.43 10.81
CA CYS C 483 -35.90 0.56 11.10
C CYS C 483 -35.90 0.14 12.57
N GLU C 484 -35.17 -0.95 12.84
CA GLU C 484 -34.97 -1.46 14.21
C GLU C 484 -33.78 -2.40 14.24
N TYR C 485 -33.05 -2.33 15.35
CA TYR C 485 -31.82 -3.11 15.54
C TYR C 485 -31.94 -3.99 16.76
N TYR C 486 -31.69 -5.28 16.59
CA TYR C 486 -31.62 -6.23 17.70
C TYR C 486 -30.89 -7.51 17.24
N VAL C 487 -30.34 -8.27 18.19
CA VAL C 487 -29.75 -9.56 17.85
C VAL C 487 -30.79 -10.41 17.10
N MET C 488 -31.98 -10.48 17.71
CA MET C 488 -33.11 -11.28 17.24
C MET C 488 -34.33 -10.70 17.95
N PRO C 489 -35.56 -11.07 17.51
CA PRO C 489 -36.72 -10.50 18.19
C PRO C 489 -36.72 -10.91 19.65
N GLY C 490 -37.19 -10.02 20.52
CA GLY C 490 -37.25 -10.25 21.95
C GLY C 490 -37.88 -11.58 22.35
N GLU C 491 -38.93 -11.99 21.63
CA GLU C 491 -39.62 -13.25 21.93
C GLU C 491 -38.73 -14.47 21.63
N THR C 492 -38.07 -14.46 20.48
CA THR C 492 -37.09 -15.49 20.13
C THR C 492 -35.93 -15.50 21.13
N ALA C 493 -35.46 -14.31 21.53
CA ALA C 493 -34.37 -14.20 22.50
C ALA C 493 -34.77 -14.71 23.87
N ALA C 494 -36.01 -14.43 24.27
CA ALA C 494 -36.54 -14.88 25.55
C ALA C 494 -36.55 -16.41 25.65
N ASN C 495 -37.05 -17.07 24.60
CA ASN C 495 -36.95 -18.54 24.49
C ASN C 495 -35.50 -19.00 24.52
N ALA C 496 -34.66 -18.41 23.66
CA ALA C 496 -33.25 -18.80 23.57
C ALA C 496 -32.53 -18.66 24.90
N MET C 497 -32.89 -17.62 25.66
CA MET C 497 -32.21 -17.32 26.92
C MET C 497 -32.70 -18.18 28.09
N TYR C 498 -34.02 -18.36 28.17
CA TYR C 498 -34.66 -18.90 29.38
C TYR C 498 -35.35 -20.27 29.27
N SER C 499 -35.46 -20.82 28.05
CA SER C 499 -36.15 -22.09 27.84
C SER C 499 -35.59 -23.24 28.70
N ARG C 500 -34.27 -23.43 28.65
CA ARG C 500 -33.60 -24.51 29.38
C ARG C 500 -33.65 -24.32 30.89
N LYS C 501 -33.64 -23.06 31.34
CA LYS C 501 -33.82 -22.74 32.76
C LYS C 501 -35.28 -22.93 33.17
N GLN C 513 -41.87 -18.81 37.48
CA GLN C 513 -42.61 -17.55 37.59
C GLN C 513 -41.71 -16.28 37.67
N PRO C 514 -40.66 -16.30 38.53
CA PRO C 514 -39.61 -15.26 38.38
C PRO C 514 -38.87 -15.37 37.03
N ILE C 515 -38.89 -16.56 36.43
CA ILE C 515 -38.26 -16.80 35.13
C ILE C 515 -39.14 -16.33 33.96
N ILE C 516 -40.45 -16.41 34.10
CA ILE C 516 -41.32 -15.81 33.07
C ILE C 516 -41.41 -14.29 33.21
N GLY C 517 -41.17 -13.79 34.44
CA GLY C 517 -41.03 -12.37 34.67
C GLY C 517 -39.88 -11.88 33.80
N LYS C 518 -38.71 -12.48 34.01
CA LYS C 518 -37.51 -12.16 33.24
C LYS C 518 -37.70 -12.19 31.71
N MET C 519 -38.51 -13.12 31.23
CA MET C 519 -38.81 -13.25 29.79
C MET C 519 -39.61 -12.08 29.22
N ASN C 520 -40.59 -11.60 29.99
CA ASN C 520 -41.32 -10.40 29.61
C ASN C 520 -40.48 -9.14 29.79
N ASP C 521 -39.61 -9.13 30.79
CA ASP C 521 -38.63 -8.05 30.97
C ASP C 521 -37.79 -7.94 29.71
N MET C 522 -37.40 -9.09 29.16
CA MET C 522 -36.58 -9.15 27.98
C MET C 522 -37.31 -8.71 26.70
N ILE C 523 -38.52 -9.25 26.46
CA ILE C 523 -39.31 -8.86 25.28
C ILE C 523 -39.54 -7.34 25.26
N GLN C 524 -39.83 -6.78 26.43
CA GLN C 524 -40.03 -5.35 26.58
C GLN C 524 -38.73 -4.58 26.32
N MET C 525 -37.65 -5.05 26.94
CA MET C 525 -36.36 -4.38 26.88
C MET C 525 -35.80 -4.38 25.46
N TYR C 526 -36.07 -5.45 24.70
CA TYR C 526 -35.68 -5.52 23.29
C TYR C 526 -36.48 -4.54 22.44
N THR C 527 -37.76 -4.39 22.73
CA THR C 527 -38.57 -3.38 22.03
C THR C 527 -38.00 -1.99 22.31
N ASP C 528 -37.78 -1.68 23.59
CA ASP C 528 -37.33 -0.35 24.05
C ASP C 528 -36.00 0.06 23.42
N LYS C 529 -35.06 -0.87 23.44
CA LYS C 529 -33.68 -0.66 23.03
C LYS C 529 -33.44 -0.96 21.55
N SER C 530 -34.51 -1.06 20.76
CA SER C 530 -34.40 -1.29 19.31
C SER C 530 -35.18 -0.26 18.48
N ARG C 531 -35.67 0.80 19.14
CA ARG C 531 -36.41 1.88 18.49
C ARG C 531 -35.42 2.77 17.75
N PRO C 532 -35.79 3.23 16.54
CA PRO C 532 -34.89 4.06 15.73
C PRO C 532 -34.10 5.09 16.55
N LYS C 533 -34.78 5.85 17.42
CA LYS C 533 -34.12 6.95 18.13
C LYS C 533 -33.02 6.44 19.04
N TYR C 534 -33.35 5.43 19.85
CA TYR C 534 -32.38 4.78 20.73
C TYR C 534 -31.16 4.26 19.94
N CYS C 535 -31.44 3.54 18.85
CA CYS C 535 -30.41 3.00 17.96
C CYS C 535 -29.39 4.05 17.49
N THR C 536 -29.88 5.19 17.04
CA THR C 536 -29.00 6.25 16.60
C THR C 536 -28.35 7.00 17.77
N GLU C 537 -29.08 7.10 18.89
CA GLU C 537 -28.51 7.63 20.13
C GLU C 537 -27.27 6.84 20.56
N LYS C 538 -27.33 5.51 20.41
CA LYS C 538 -26.20 4.64 20.72
C LYS C 538 -25.23 4.55 19.54
N GLY C 539 -25.67 5.04 18.39
CA GLY C 539 -24.85 5.03 17.18
C GLY C 539 -24.82 3.71 16.42
N MET C 540 -25.73 2.81 16.77
CA MET C 540 -25.91 1.56 16.01
C MET C 540 -26.15 1.90 14.55
N VAL C 541 -26.87 3.00 14.35
CA VAL C 541 -27.09 3.58 13.04
C VAL C 541 -26.71 5.04 13.19
N ASP C 542 -26.05 5.62 12.20
CA ASP C 542 -25.52 6.97 12.39
C ASP C 542 -26.56 8.06 12.36
N GLU C 543 -27.62 7.85 11.57
CA GLU C 543 -28.67 8.85 11.42
C GLU C 543 -29.96 8.18 10.99
N ILE C 544 -31.05 8.56 11.64
CA ILE C 544 -32.39 8.27 11.11
C ILE C 544 -32.74 9.41 10.15
N VAL C 545 -33.03 9.02 8.91
CA VAL C 545 -33.35 9.99 7.87
C VAL C 545 -34.77 9.77 7.37
N ASP C 546 -35.41 10.85 6.93
CA ASP C 546 -36.76 10.81 6.37
C ASP C 546 -36.76 9.98 5.11
N MET C 547 -37.89 9.35 4.83
CA MET C 547 -38.01 8.57 3.61
C MET C 547 -37.60 9.38 2.39
N THR C 548 -37.87 10.68 2.43
CA THR C 548 -37.57 11.57 1.31
C THR C 548 -36.13 12.10 1.38
N GLU C 549 -35.40 11.64 2.40
CA GLU C 549 -33.99 12.02 2.58
C GLU C 549 -33.02 10.89 2.23
N VAL C 550 -33.55 9.70 2.00
CA VAL C 550 -32.72 8.53 1.69
C VAL C 550 -31.92 8.76 0.41
N ARG C 551 -32.61 9.09 -0.68
CA ARG C 551 -31.92 9.41 -1.94
C ARG C 551 -30.90 10.57 -1.80
N PRO C 552 -31.32 11.74 -1.26
CA PRO C 552 -30.30 12.77 -0.99
C PRO C 552 -29.01 12.23 -0.35
N TYR C 553 -29.10 11.31 0.61
CA TYR C 553 -27.88 10.76 1.25
C TYR C 553 -27.14 9.86 0.32
N ILE C 554 -27.88 9.10 -0.48
CA ILE C 554 -27.29 8.25 -1.49
C ILE C 554 -26.53 9.13 -2.44
N GLN C 555 -27.16 10.25 -2.84
CA GLN C 555 -26.55 11.22 -3.75
C GLN C 555 -25.31 11.87 -3.15
N ALA C 556 -25.40 12.28 -1.90
CA ALA C 556 -24.24 12.84 -1.20
C ALA C 556 -23.11 11.79 -1.15
N PHE C 557 -23.43 10.57 -0.71
CA PHE C 557 -22.41 9.52 -0.62
C PHE C 557 -21.74 9.24 -1.97
N THR C 558 -22.54 8.96 -3.00
CA THR C 558 -22.03 8.57 -4.31
C THR C 558 -21.14 9.65 -4.92
N GLU C 559 -21.59 10.90 -4.84
CA GLU C 559 -20.86 12.01 -5.41
C GLU C 559 -19.58 12.28 -4.63
N ALA C 560 -19.63 12.09 -3.31
CA ALA C 560 -18.42 12.17 -2.50
C ALA C 560 -17.46 11.03 -2.85
N ALA C 561 -17.99 9.85 -3.11
CA ALA C 561 -17.17 8.68 -3.43
C ALA C 561 -16.51 8.77 -4.79
N TYR C 562 -17.13 9.53 -5.69
CA TYR C 562 -16.60 9.69 -7.05
C TYR C 562 -15.83 10.98 -7.26
N GLN C 563 -15.71 11.78 -6.20
CA GLN C 563 -15.10 13.09 -6.26
C GLN C 563 -13.61 12.99 -6.52
N ASN C 564 -12.97 12.06 -5.82
CA ASN C 564 -11.53 11.93 -5.87
C ASN C 564 -11.17 10.49 -5.56
N PRO C 565 -11.72 9.53 -6.33
CA PRO C 565 -11.53 8.14 -5.97
C PRO C 565 -10.07 7.78 -6.12
N GLN C 566 -9.62 6.82 -5.34
CA GLN C 566 -8.22 6.48 -5.33
C GLN C 566 -7.86 5.42 -6.36
N SER C 567 -8.88 4.99 -7.10
CA SER C 567 -8.73 3.91 -8.06
C SER C 567 -9.83 4.00 -9.12
N ILE C 568 -9.47 3.65 -10.36
CA ILE C 568 -10.38 3.78 -11.48
C ILE C 568 -10.44 2.48 -12.25
N CYS C 569 -11.66 2.08 -12.63
CA CYS C 569 -11.87 1.14 -13.74
C CYS C 569 -12.60 1.81 -14.92
N PRO C 570 -11.91 1.96 -16.06
CA PRO C 570 -12.54 2.45 -17.28
C PRO C 570 -13.81 1.65 -17.58
N MET C 571 -14.88 2.31 -18.02
CA MET C 571 -16.17 1.63 -18.20
C MET C 571 -16.02 0.44 -19.14
N HIS C 572 -15.29 0.63 -20.24
CA HIS C 572 -15.12 -0.45 -21.22
C HIS C 572 -14.29 -1.63 -20.72
N GLN C 573 -13.73 -1.47 -19.52
CA GLN C 573 -12.92 -2.51 -18.87
C GLN C 573 -13.64 -3.09 -17.64
N MET C 574 -14.89 -2.69 -17.45
CA MET C 574 -15.70 -3.14 -16.32
C MET C 574 -16.26 -4.55 -16.57
N LEU C 575 -16.18 -5.40 -15.56
CA LEU C 575 -16.65 -6.77 -15.70
C LEU C 575 -18.12 -6.96 -15.32
N THR C 576 -18.56 -6.29 -14.25
CA THR C 576 -19.92 -6.45 -13.75
C THR C 576 -20.96 -6.40 -14.87
N PRO C 577 -20.93 -5.37 -15.73
CA PRO C 577 -21.94 -5.29 -16.78
C PRO C 577 -21.86 -6.47 -17.75
N ARG C 578 -20.64 -6.93 -18.04
CA ARG C 578 -20.43 -8.04 -18.98
C ARG C 578 -20.97 -9.33 -18.42
N SER C 579 -20.61 -9.64 -17.18
CA SER C 579 -21.04 -10.85 -16.52
C SER C 579 -22.56 -10.87 -16.37
N THR C 580 -23.13 -9.69 -16.07
CA THR C 580 -24.57 -9.50 -15.96
C THR C 580 -25.24 -9.89 -17.29
N ARG C 581 -24.80 -9.26 -18.37
CA ARG C 581 -25.31 -9.53 -19.71
C ARG C 581 -25.26 -11.02 -20.05
N GLU C 582 -24.10 -11.64 -19.81
CA GLU C 582 -23.90 -13.05 -20.11
C GLU C 582 -24.87 -13.96 -19.34
N PHE C 583 -25.10 -13.66 -18.06
CA PHE C 583 -26.06 -14.43 -17.29
C PHE C 583 -27.47 -14.31 -17.89
N GLU C 584 -27.76 -13.14 -18.45
CA GLU C 584 -29.05 -12.92 -19.09
C GLU C 584 -29.20 -13.74 -20.38
N THR C 585 -28.14 -13.79 -21.18
CA THR C 585 -28.24 -14.39 -22.51
C THR C 585 -27.84 -15.87 -22.58
N PHE C 586 -26.80 -16.27 -21.84
CA PHE C 586 -26.23 -17.62 -21.99
C PHE C 586 -27.10 -18.72 -21.37
N MET D 3 -6.89 -34.24 7.46
CA MET D 3 -5.95 -33.12 7.78
C MET D 3 -6.10 -31.93 6.81
N TYR D 4 -7.10 -31.96 5.92
CA TYR D 4 -7.32 -30.85 4.97
C TYR D 4 -8.75 -30.30 4.95
N SER D 5 -8.86 -29.01 4.63
CA SER D 5 -10.16 -28.35 4.50
C SER D 5 -10.93 -28.82 3.27
N MET D 6 -12.24 -29.01 3.45
CA MET D 6 -13.18 -29.13 2.34
C MET D 6 -12.77 -30.16 1.28
N PRO D 7 -12.61 -31.43 1.70
CA PRO D 7 -12.20 -32.43 0.71
C PRO D 7 -13.26 -32.55 -0.38
N GLY D 8 -14.50 -32.23 -0.03
CA GLY D 8 -15.61 -32.33 -0.96
C GLY D 8 -15.44 -31.43 -2.16
N TYR D 9 -14.68 -30.35 -1.99
CA TYR D 9 -14.32 -29.45 -3.08
C TYR D 9 -12.94 -29.74 -3.64
N PHE D 10 -11.99 -30.03 -2.75
CA PHE D 10 -10.59 -29.99 -3.11
C PHE D 10 -9.95 -31.35 -3.34
N GLN D 11 -10.58 -32.41 -2.84
CA GLN D 11 -10.10 -33.76 -3.10
C GLN D 11 -11.02 -34.49 -4.07
N ASN D 12 -10.48 -35.49 -4.77
CA ASN D 12 -11.26 -36.27 -5.73
C ASN D 12 -11.97 -35.37 -6.74
N MET D 13 -11.23 -34.40 -7.26
CA MET D 13 -11.69 -33.56 -8.35
C MET D 13 -11.84 -34.47 -9.55
N PRO D 14 -12.63 -34.06 -10.57
CA PRO D 14 -12.62 -34.84 -11.80
C PRO D 14 -11.19 -35.09 -12.27
N THR D 15 -10.92 -36.32 -12.70
CA THR D 15 -9.63 -36.64 -13.30
C THR D 15 -9.76 -36.46 -14.79
N ILE D 16 -8.66 -36.14 -15.45
CA ILE D 16 -8.69 -35.90 -16.88
C ILE D 16 -7.49 -36.58 -17.53
N GLY D 17 -7.56 -36.74 -18.85
CA GLY D 17 -6.45 -37.32 -19.62
C GLY D 17 -6.60 -38.81 -19.87
N LYS D 18 -6.15 -39.26 -21.04
CA LYS D 18 -6.14 -40.67 -21.40
C LYS D 18 -4.72 -41.18 -21.32
N GLU D 19 -4.61 -42.50 -21.16
CA GLU D 19 -3.36 -43.20 -21.40
C GLU D 19 -3.00 -43.00 -22.86
N LEU D 20 -1.75 -42.69 -23.14
CA LEU D 20 -1.30 -42.44 -24.51
C LEU D 20 -1.26 -43.74 -25.31
N VAL D 21 -2.15 -43.86 -26.27
CA VAL D 21 -2.27 -45.10 -27.05
C VAL D 21 -1.37 -45.11 -28.29
N ASN D 22 -1.17 -43.95 -28.90
CA ASN D 22 -0.36 -43.85 -30.12
C ASN D 22 0.84 -42.89 -30.03
N PRO D 23 2.00 -43.40 -29.57
CA PRO D 23 3.19 -42.56 -29.45
C PRO D 23 3.61 -42.00 -30.80
N ASN D 24 4.31 -40.87 -30.79
CA ASN D 24 4.80 -40.29 -32.03
C ASN D 24 6.30 -40.06 -31.91
N PRO D 25 7.09 -41.10 -32.28
CA PRO D 25 8.55 -41.10 -32.11
C PRO D 25 9.24 -39.98 -32.87
N GLU D 26 8.70 -39.67 -34.05
CA GLU D 26 9.24 -38.65 -34.93
C GLU D 26 9.02 -37.25 -34.35
N ASN D 27 7.82 -37.02 -33.81
CA ASN D 27 7.51 -35.80 -33.08
C ASN D 27 8.44 -35.63 -31.87
N GLU D 28 8.52 -36.69 -31.07
CA GLU D 28 9.41 -36.77 -29.91
C GLU D 28 10.83 -36.42 -30.31
N GLN D 29 11.31 -37.05 -31.37
CA GLN D 29 12.65 -36.78 -31.90
C GLN D 29 12.83 -35.30 -32.27
N GLU D 30 11.80 -34.67 -32.85
CA GLU D 30 11.86 -33.25 -33.21
C GLU D 30 11.94 -32.33 -32.00
N ILE D 31 11.09 -32.58 -31.00
CA ILE D 31 11.11 -31.83 -29.74
C ILE D 31 12.46 -32.01 -29.03
N LYS D 32 12.89 -33.26 -28.90
CA LYS D 32 14.14 -33.57 -28.19
C LYS D 32 15.36 -32.97 -28.89
N ALA D 33 15.28 -32.83 -30.20
CA ALA D 33 16.34 -32.15 -30.96
C ALA D 33 16.48 -30.69 -30.50
N VAL D 34 15.35 -30.01 -30.35
CA VAL D 34 15.35 -28.63 -29.86
C VAL D 34 15.92 -28.59 -28.44
N GLU D 35 15.42 -29.48 -27.57
CA GLU D 35 15.87 -29.57 -26.19
C GLU D 35 17.37 -29.83 -26.11
N SER D 36 17.86 -30.77 -26.93
CA SER D 36 19.28 -31.10 -26.96
C SER D 36 20.14 -29.90 -27.34
N ASP D 37 19.66 -29.13 -28.33
CA ASP D 37 20.34 -27.92 -28.77
C ASP D 37 20.39 -26.86 -27.67
N ILE D 38 19.32 -26.73 -26.90
CA ILE D 38 19.31 -25.84 -25.75
C ILE D 38 20.36 -26.27 -24.73
N HIS D 39 20.32 -27.54 -24.32
CA HIS D 39 21.28 -28.07 -23.34
C HIS D 39 22.75 -27.92 -23.77
N GLU D 40 23.03 -28.19 -25.04
CA GLU D 40 24.37 -28.05 -25.60
C GLU D 40 24.79 -26.58 -25.56
N SER D 41 23.88 -25.71 -25.94
CA SER D 41 24.15 -24.27 -25.94
C SER D 41 24.36 -23.78 -24.53
N ILE D 42 23.53 -24.23 -23.59
CA ILE D 42 23.67 -23.88 -22.17
C ILE D 42 25.01 -24.38 -21.65
N LYS D 43 25.37 -25.61 -22.01
CA LYS D 43 26.64 -26.20 -21.61
C LYS D 43 27.81 -25.39 -22.17
N LYS D 44 27.78 -25.12 -23.47
CA LYS D 44 28.84 -24.38 -24.14
C LYS D 44 29.01 -22.99 -23.55
N ALA D 45 27.89 -22.39 -23.14
CA ALA D 45 27.88 -21.06 -22.55
C ALA D 45 28.45 -21.05 -21.13
N LEU D 46 28.05 -22.03 -20.33
CA LEU D 46 28.54 -22.14 -18.96
C LEU D 46 30.03 -22.42 -18.90
N ASP D 47 30.55 -23.09 -19.93
CA ASP D 47 31.97 -23.48 -19.95
C ASP D 47 32.86 -22.44 -20.60
N ALA D 48 32.25 -21.51 -21.34
CA ALA D 48 32.97 -20.42 -22.00
C ALA D 48 33.60 -19.46 -20.98
N GLY D 49 34.59 -18.72 -21.42
CA GLY D 49 35.33 -17.80 -20.55
C GLY D 49 36.80 -18.15 -20.56
N ILE D 50 37.65 -17.19 -20.21
CA ILE D 50 39.08 -17.42 -20.26
C ILE D 50 39.58 -18.35 -19.15
N THR D 51 38.98 -18.25 -17.96
CA THR D 51 39.32 -19.08 -16.80
C THR D 51 38.31 -20.22 -16.63
N SER D 52 38.79 -21.46 -16.74
CA SER D 52 37.93 -22.63 -16.65
C SER D 52 37.57 -22.98 -15.20
N GLU D 53 36.59 -23.85 -15.02
CA GLU D 53 36.28 -24.40 -13.71
C GLU D 53 37.51 -25.07 -13.10
N GLU D 54 38.27 -25.79 -13.93
CA GLU D 54 39.54 -26.41 -13.53
C GLU D 54 40.54 -25.39 -12.95
N LYS D 55 40.76 -24.28 -13.66
CA LYS D 55 41.70 -23.25 -13.20
C LYS D 55 41.21 -22.51 -11.95
N LEU D 56 39.89 -22.27 -11.91
CA LEU D 56 39.23 -21.74 -10.73
C LEU D 56 39.47 -22.64 -9.52
N ASN D 57 39.19 -23.93 -9.65
CA ASN D 57 39.43 -24.89 -8.57
C ASN D 57 40.89 -24.92 -8.10
N GLU D 58 41.84 -24.91 -9.05
CA GLU D 58 43.28 -24.94 -8.75
C GLU D 58 43.70 -23.84 -7.78
N ARG D 59 43.19 -22.64 -7.97
CA ARG D 59 43.52 -21.54 -7.06
C ARG D 59 42.46 -21.27 -6.00
N GLY D 60 41.66 -22.30 -5.71
CA GLY D 60 40.84 -22.33 -4.50
C GLY D 60 39.45 -21.77 -4.61
N GLN D 61 38.92 -21.68 -5.83
CA GLN D 61 37.64 -21.06 -6.09
C GLN D 61 36.68 -21.98 -6.81
N LEU D 62 35.39 -21.80 -6.51
CA LEU D 62 34.36 -22.53 -7.21
C LEU D 62 33.76 -21.68 -8.32
N SER D 63 33.33 -22.36 -9.39
CA SER D 63 32.54 -21.74 -10.43
C SER D 63 31.14 -21.45 -9.91
N ALA D 64 30.42 -20.61 -10.64
CA ALA D 64 29.04 -20.27 -10.33
C ALA D 64 28.20 -21.52 -10.09
N MET D 65 28.33 -22.52 -10.96
CA MET D 65 27.48 -23.71 -10.90
C MET D 65 27.84 -24.59 -9.74
N GLN D 66 29.12 -24.62 -9.41
CA GLN D 66 29.57 -25.33 -8.22
C GLN D 66 29.02 -24.69 -6.97
N ARG D 67 28.96 -23.37 -6.95
CA ARG D 67 28.47 -22.65 -5.77
C ARG D 67 26.97 -22.86 -5.62
N ILE D 68 26.25 -22.85 -6.73
CA ILE D 68 24.82 -23.08 -6.74
C ILE D 68 24.52 -24.50 -6.29
N ASN D 69 25.15 -25.46 -6.96
CA ASN D 69 24.96 -26.87 -6.63
C ASN D 69 25.28 -27.14 -5.18
N ALA D 70 26.31 -26.46 -4.67
CA ALA D 70 26.64 -26.56 -3.25
C ALA D 70 25.52 -25.99 -2.40
N LEU D 71 24.89 -24.94 -2.89
CA LEU D 71 23.91 -24.23 -2.11
C LEU D 71 22.58 -24.96 -2.07
N ILE D 72 22.21 -25.58 -3.18
CA ILE D 72 20.84 -26.08 -3.35
C ILE D 72 20.63 -27.57 -3.04
N ASP D 73 19.41 -27.90 -2.66
CA ASP D 73 18.96 -29.27 -2.56
C ASP D 73 19.07 -29.87 -3.95
N PRO D 74 19.75 -31.01 -4.08
CA PRO D 74 19.97 -31.66 -5.37
C PRO D 74 18.68 -31.88 -6.16
N GLY D 75 18.74 -31.57 -7.46
CA GLY D 75 17.60 -31.73 -8.37
C GLY D 75 16.52 -30.67 -8.27
N THR D 76 16.81 -29.56 -7.57
CA THR D 76 15.83 -28.48 -7.44
C THR D 76 16.20 -27.24 -8.21
N TRP D 77 17.22 -27.35 -9.07
CA TRP D 77 17.66 -26.23 -9.88
C TRP D 77 16.76 -25.97 -11.07
N CYS D 78 16.16 -24.77 -11.07
CA CYS D 78 15.37 -24.31 -12.19
C CYS D 78 16.05 -23.08 -12.72
N PRO D 79 16.99 -23.26 -13.67
CA PRO D 79 17.65 -22.11 -14.24
C PRO D 79 16.69 -21.26 -15.06
N LEU D 80 16.92 -19.97 -15.05
CA LEU D 80 16.18 -19.04 -15.86
C LEU D 80 17.21 -18.19 -16.58
N ASN D 81 16.87 -17.79 -17.81
CA ASN D 81 17.74 -16.91 -18.59
C ASN D 81 19.11 -17.54 -18.88
N SER D 82 19.16 -18.86 -18.95
CA SER D 82 20.41 -19.58 -19.21
C SER D 82 21.07 -19.06 -20.47
N LEU D 83 20.27 -18.90 -21.52
CA LEU D 83 20.73 -18.45 -22.81
C LEU D 83 20.46 -16.99 -23.09
N PHE D 84 20.01 -16.25 -22.09
CA PHE D 84 19.69 -14.84 -22.26
C PHE D 84 20.95 -14.10 -22.69
N ASN D 85 20.91 -13.49 -23.87
CA ASN D 85 22.04 -12.81 -24.48
C ASN D 85 21.54 -11.79 -25.51
N PRO D 86 20.75 -10.80 -25.06
CA PRO D 86 20.12 -9.89 -26.02
C PRO D 86 21.12 -9.10 -26.89
N GLU D 87 22.31 -8.84 -26.36
CA GLU D 87 23.34 -8.05 -27.06
C GLU D 87 24.39 -8.85 -27.84
N ASN D 88 24.26 -10.17 -27.88
CA ASN D 88 25.21 -11.06 -28.57
C ASN D 88 26.64 -10.96 -28.05
N ASN D 89 26.81 -11.15 -26.74
CA ASN D 89 28.13 -11.26 -26.15
C ASN D 89 28.78 -12.54 -26.65
N LYS D 90 30.09 -12.49 -26.92
CA LYS D 90 30.83 -13.65 -27.43
C LYS D 90 30.63 -14.90 -26.56
N PHE D 91 30.73 -14.74 -25.24
CA PHE D 91 30.65 -15.87 -24.34
C PHE D 91 29.26 -16.51 -24.30
N GLY D 92 28.30 -15.83 -24.89
CA GLY D 92 26.91 -16.35 -25.00
C GLY D 92 25.98 -16.06 -23.83
N THR D 93 26.45 -15.35 -22.81
CA THR D 93 25.66 -15.12 -21.60
C THR D 93 25.75 -13.69 -21.13
N THR D 94 25.09 -13.43 -20.01
CA THR D 94 25.11 -12.12 -19.35
C THR D 94 26.02 -12.14 -18.12
N ASN D 95 26.86 -13.18 -18.01
CA ASN D 95 27.81 -13.32 -16.90
C ASN D 95 27.19 -13.52 -15.51
N ILE D 96 25.92 -13.88 -15.47
CA ILE D 96 25.29 -14.31 -14.24
C ILE D 96 24.55 -15.58 -14.54
N VAL D 97 24.49 -16.47 -13.56
CA VAL D 97 23.64 -17.64 -13.65
C VAL D 97 22.53 -17.40 -12.64
N ASN D 98 21.30 -17.64 -13.07
CA ASN D 98 20.17 -17.36 -12.19
C ASN D 98 19.04 -18.33 -12.35
N GLY D 99 18.23 -18.44 -11.30
CA GLY D 99 17.00 -19.22 -11.35
C GLY D 99 16.50 -19.51 -9.96
N LEU D 100 15.58 -20.48 -9.87
CA LEU D 100 15.06 -20.91 -8.60
C LEU D 100 15.79 -22.16 -8.11
N GLY D 101 16.21 -22.14 -6.85
CA GLY D 101 16.73 -23.33 -6.20
C GLY D 101 16.10 -23.50 -4.84
N ARG D 102 16.12 -24.73 -4.33
CA ARG D 102 15.57 -24.99 -3.02
C ARG D 102 16.71 -25.26 -2.04
N VAL D 103 16.61 -24.70 -0.84
CA VAL D 103 17.66 -24.83 0.17
C VAL D 103 17.05 -25.34 1.45
N ASP D 104 17.40 -26.58 1.81
CA ASP D 104 16.79 -27.29 2.93
C ASP D 104 15.28 -27.09 2.97
N GLY D 105 14.64 -27.24 1.81
CA GLY D 105 13.19 -27.11 1.72
C GLY D 105 12.68 -25.72 1.40
N LYS D 106 13.51 -24.70 1.61
CA LYS D 106 13.18 -23.31 1.29
C LYS D 106 13.57 -22.91 -0.14
N TRP D 107 12.58 -22.52 -0.94
CA TRP D 107 12.84 -21.97 -2.25
C TRP D 107 13.42 -20.57 -2.14
N VAL D 108 14.46 -20.31 -2.93
CA VAL D 108 15.06 -18.99 -2.96
C VAL D 108 15.39 -18.64 -4.41
N TYR D 109 15.41 -17.34 -4.71
CA TYR D 109 15.93 -16.92 -6.00
C TYR D 109 17.45 -16.79 -5.92
N ILE D 110 18.14 -17.35 -6.92
CA ILE D 110 19.60 -17.38 -6.89
C ILE D 110 20.22 -16.65 -8.05
N VAL D 111 21.17 -15.78 -7.76
CA VAL D 111 21.98 -15.11 -8.76
C VAL D 111 23.45 -15.36 -8.45
N ALA D 112 24.17 -15.95 -9.40
CA ALA D 112 25.60 -16.21 -9.23
C ALA D 112 26.40 -15.55 -10.34
N SER D 113 27.40 -14.77 -9.96
CA SER D 113 28.32 -14.18 -10.91
C SER D 113 29.11 -15.28 -11.60
N ASP D 114 29.21 -15.18 -12.92
CA ASP D 114 30.04 -16.13 -13.65
C ASP D 114 31.49 -15.66 -13.59
N ASN D 115 32.23 -16.18 -12.61
CA ASN D 115 33.66 -15.83 -12.46
C ASN D 115 34.61 -16.48 -13.50
N LYS D 116 34.07 -17.32 -14.37
CA LYS D 116 34.83 -17.86 -15.49
C LYS D 116 35.09 -16.75 -16.52
N LYS D 117 34.23 -15.75 -16.55
CA LYS D 117 34.20 -14.76 -17.61
C LYS D 117 34.51 -13.37 -17.06
N MET D 118 35.67 -12.84 -17.40
CA MET D 118 36.10 -11.51 -16.99
C MET D 118 35.79 -11.23 -15.51
N ALA D 119 36.10 -12.21 -14.66
CA ALA D 119 35.95 -12.09 -13.21
C ALA D 119 34.56 -11.60 -12.77
N GLY D 120 33.52 -12.05 -13.47
CA GLY D 120 32.14 -11.69 -13.15
C GLY D 120 31.75 -10.26 -13.51
N ALA D 121 32.40 -9.70 -14.51
CA ALA D 121 32.14 -8.33 -14.96
C ALA D 121 30.73 -8.13 -15.48
N TRP D 122 30.25 -6.89 -15.34
CA TRP D 122 29.00 -6.45 -15.91
C TRP D 122 29.14 -6.41 -17.41
N VAL D 123 28.34 -7.22 -18.10
CA VAL D 123 28.35 -7.25 -19.56
C VAL D 123 27.01 -6.78 -20.13
N PRO D 124 26.99 -6.35 -21.40
CA PRO D 124 25.71 -5.93 -21.97
C PRO D 124 24.61 -6.99 -21.76
N GLY D 125 23.42 -6.54 -21.36
CA GLY D 125 22.32 -7.44 -21.07
C GLY D 125 22.23 -7.84 -19.61
N GLN D 126 23.34 -7.76 -18.88
CA GLN D 126 23.33 -8.24 -17.50
C GLN D 126 22.35 -7.48 -16.62
N ALA D 127 22.30 -6.17 -16.78
CA ALA D 127 21.45 -5.33 -15.95
C ALA D 127 20.02 -5.81 -16.04
N GLU D 128 19.56 -6.03 -17.27
CA GLU D 128 18.22 -6.49 -17.54
C GLU D 128 18.00 -7.85 -16.90
N ASN D 129 18.97 -8.74 -17.09
CA ASN D 129 18.94 -10.09 -16.53
C ASN D 129 18.72 -9.99 -15.03
N LEU D 130 19.50 -9.12 -14.38
CA LEU D 130 19.47 -8.95 -12.92
C LEU D 130 18.13 -8.43 -12.43
N ILE D 131 17.53 -7.52 -13.19
CA ILE D 131 16.24 -6.94 -12.84
C ILE D 131 15.17 -8.02 -12.82
N ARG D 132 15.16 -8.89 -13.83
CA ARG D 132 14.25 -10.04 -13.89
C ARG D 132 14.36 -10.93 -12.65
N CYS D 133 15.57 -11.00 -12.08
CA CYS D 133 15.83 -11.73 -10.84
C CYS D 133 15.18 -11.05 -9.63
N SER D 134 15.47 -9.76 -9.44
CA SER D 134 14.92 -9.07 -8.28
C SER D 134 13.43 -8.91 -8.41
N ASP D 135 12.96 -8.75 -9.65
CA ASP D 135 11.52 -8.73 -9.93
C ASP D 135 10.81 -10.02 -9.50
N ALA D 136 11.35 -11.17 -9.94
CA ALA D 136 10.80 -12.46 -9.56
C ALA D 136 10.71 -12.55 -8.04
N ALA D 137 11.83 -12.27 -7.38
CA ALA D 137 11.87 -12.32 -5.92
C ALA D 137 10.79 -11.42 -5.32
N LYS D 138 10.66 -10.20 -5.87
CA LYS D 138 9.71 -9.18 -5.39
C LYS D 138 8.29 -9.66 -5.47
N MET D 139 7.92 -10.18 -6.63
CA MET D 139 6.55 -10.58 -6.89
C MET D 139 6.14 -11.80 -6.09
N MET D 140 7.10 -12.67 -5.81
CA MET D 140 6.84 -13.91 -5.06
C MET D 140 7.10 -13.74 -3.58
N HIS D 141 7.69 -12.61 -3.22
CA HIS D 141 8.14 -12.37 -1.85
C HIS D 141 9.13 -13.45 -1.43
N LEU D 142 10.08 -13.71 -2.31
CA LEU D 142 11.02 -14.81 -2.18
C LEU D 142 12.40 -14.28 -1.89
N PRO D 143 13.11 -14.87 -0.94
CA PRO D 143 14.45 -14.40 -0.64
C PRO D 143 15.34 -14.47 -1.88
N LEU D 144 16.17 -13.43 -2.05
CA LEU D 144 17.11 -13.37 -3.16
C LEU D 144 18.55 -13.61 -2.68
N ILE D 145 19.22 -14.56 -3.31
CA ILE D 145 20.56 -14.97 -2.91
C ILE D 145 21.55 -14.62 -4.01
N TYR D 146 22.59 -13.87 -3.65
CA TYR D 146 23.66 -13.52 -4.57
C TYR D 146 24.90 -14.30 -4.23
N LEU D 147 25.39 -15.10 -5.18
CA LEU D 147 26.70 -15.70 -5.03
C LEU D 147 27.63 -14.80 -5.83
N LEU D 148 28.12 -13.76 -5.16
CA LEU D 148 28.78 -12.66 -5.83
C LEU D 148 30.30 -12.83 -6.01
N ASN D 149 30.74 -12.59 -7.24
CA ASN D 149 32.15 -12.60 -7.60
C ASN D 149 32.25 -11.62 -8.77
N CYS D 150 32.20 -10.32 -8.47
CA CYS D 150 31.87 -9.32 -9.50
C CYS D 150 32.88 -8.20 -9.63
N SER D 151 33.52 -8.13 -10.78
CA SER D 151 34.55 -7.11 -11.06
C SER D 151 33.96 -5.78 -11.58
N GLY D 152 32.64 -5.66 -11.56
CA GLY D 152 31.99 -4.43 -11.98
C GLY D 152 31.95 -4.21 -13.48
N VAL D 153 31.80 -2.96 -13.88
CA VAL D 153 31.72 -2.57 -15.29
C VAL D 153 32.83 -3.15 -16.17
N GLU D 154 32.43 -3.87 -17.21
CA GLU D 154 33.34 -4.24 -18.28
C GLU D 154 33.70 -2.96 -19.06
N PHE D 155 34.94 -2.50 -18.88
CA PHE D 155 35.40 -1.21 -19.40
C PHE D 155 35.08 -0.89 -20.87
N PRO D 156 35.39 -1.79 -21.83
CA PRO D 156 35.06 -1.52 -23.24
C PRO D 156 33.58 -1.31 -23.51
N ASN D 157 32.72 -1.88 -22.67
CA ASN D 157 31.27 -1.80 -22.85
C ASN D 157 30.56 -0.95 -21.79
N GLN D 158 31.29 -0.04 -21.17
CA GLN D 158 30.74 0.76 -20.07
C GLN D 158 29.45 1.47 -20.44
N ASP D 159 29.41 2.02 -21.66
CA ASP D 159 28.24 2.75 -22.13
C ASP D 159 26.96 1.90 -22.14
N LYS D 160 27.13 0.58 -22.17
CA LYS D 160 26.01 -0.34 -22.26
C LYS D 160 25.68 -1.00 -20.93
N VAL D 161 26.55 -0.83 -19.93
CA VAL D 161 26.40 -1.55 -18.67
C VAL D 161 26.38 -0.64 -17.45
N TYR D 162 26.88 0.59 -17.62
CA TYR D 162 26.99 1.56 -16.53
C TYR D 162 25.77 2.50 -16.35
N PRO D 163 25.34 3.19 -17.42
CA PRO D 163 24.36 4.24 -17.20
C PRO D 163 22.91 3.77 -17.38
N ASN D 164 22.00 4.73 -17.32
CA ASN D 164 20.59 4.54 -17.71
C ASN D 164 19.68 4.00 -16.59
N ARG D 165 18.38 4.14 -16.79
CA ARG D 165 17.34 3.80 -15.82
C ARG D 165 17.40 2.33 -15.42
N ARG D 166 17.77 1.50 -16.38
CA ARG D 166 17.87 0.06 -16.15
C ARG D 166 19.24 -0.49 -16.50
N GLY D 167 20.28 0.22 -16.04
CA GLY D 167 21.65 -0.25 -16.18
C GLY D 167 22.12 -0.90 -14.89
N GLY D 168 23.44 -0.99 -14.72
CA GLY D 168 24.00 -1.68 -13.58
C GLY D 168 23.74 -1.08 -12.20
N GLY D 169 23.34 0.18 -12.13
CA GLY D 169 23.03 0.81 -10.84
C GLY D 169 21.66 0.45 -10.29
N THR D 170 20.79 -0.02 -11.17
CA THR D 170 19.40 -0.31 -10.83
C THR D 170 19.23 -1.41 -9.75
N PRO D 171 19.92 -2.56 -9.88
CA PRO D 171 19.79 -3.63 -8.88
C PRO D 171 19.99 -3.17 -7.44
N PHE D 172 20.81 -2.14 -7.23
CA PHE D 172 21.11 -1.67 -5.88
C PHE D 172 19.86 -1.01 -5.30
N PHE D 173 19.13 -0.30 -6.16
CA PHE D 173 17.85 0.29 -5.77
C PHE D 173 16.86 -0.84 -5.56
N ARG D 174 16.84 -1.80 -6.49
CA ARG D 174 15.99 -2.98 -6.38
C ARG D 174 16.23 -3.80 -5.11
N ASN D 175 17.48 -3.96 -4.69
CA ASN D 175 17.80 -4.60 -3.43
C ASN D 175 17.24 -3.85 -2.23
N SER D 176 17.19 -2.51 -2.32
CA SER D 176 16.64 -1.70 -1.24
C SER D 176 15.13 -1.82 -1.21
N GLU D 177 14.56 -2.01 -2.39
CA GLU D 177 13.13 -2.15 -2.51
C GLU D 177 12.69 -3.49 -1.94
N LEU D 178 13.43 -4.55 -2.29
CA LEU D 178 13.19 -5.86 -1.69
C LEU D 178 13.24 -5.77 -0.16
N ASN D 179 14.30 -5.18 0.37
CA ASN D 179 14.44 -4.96 1.79
C ASN D 179 13.27 -4.21 2.38
N GLN D 180 12.87 -3.12 1.73
CA GLN D 180 11.77 -2.29 2.25
C GLN D 180 10.43 -3.01 2.16
N LEU D 181 10.30 -3.92 1.17
CA LEU D 181 9.11 -4.75 1.04
C LEU D 181 9.12 -5.92 2.02
N GLY D 182 10.22 -6.06 2.76
CA GLY D 182 10.34 -7.12 3.77
C GLY D 182 11.01 -8.38 3.27
N ILE D 183 11.57 -8.33 2.06
CA ILE D 183 12.21 -9.47 1.39
C ILE D 183 13.72 -9.39 1.55
N PRO D 184 14.31 -10.39 2.21
CA PRO D 184 15.72 -10.34 2.52
C PRO D 184 16.60 -10.71 1.33
N VAL D 185 17.77 -10.08 1.25
CA VAL D 185 18.77 -10.38 0.23
C VAL D 185 20.02 -10.86 0.96
N ILE D 186 20.55 -12.01 0.55
CA ILE D 186 21.75 -12.55 1.17
C ILE D 186 22.86 -12.64 0.14
N VAL D 187 24.03 -12.10 0.47
CA VAL D 187 25.15 -12.21 -0.44
C VAL D 187 26.34 -12.97 0.13
N GLY D 188 26.80 -13.95 -0.63
CA GLY D 188 28.11 -14.51 -0.42
C GLY D 188 29.09 -13.71 -1.25
N ILE D 189 30.00 -13.04 -0.58
CA ILE D 189 31.00 -12.22 -1.28
C ILE D 189 32.26 -13.03 -1.56
N TYR D 190 32.58 -13.17 -2.84
CA TYR D 190 33.79 -13.88 -3.28
C TYR D 190 34.69 -12.99 -4.11
N GLY D 191 36.00 -13.24 -4.04
CA GLY D 191 36.97 -12.49 -4.85
C GLY D 191 36.83 -10.98 -4.75
N THR D 192 37.19 -10.28 -5.82
CA THR D 192 37.32 -8.83 -5.79
C THR D 192 36.03 -8.19 -6.27
N ASN D 193 35.46 -7.32 -5.44
CA ASN D 193 34.22 -6.65 -5.78
C ASN D 193 34.35 -5.14 -5.64
N PRO D 194 34.91 -4.49 -6.67
CA PRO D 194 35.10 -3.04 -6.63
C PRO D 194 33.96 -2.28 -7.32
N ALA D 195 33.70 -1.07 -6.84
CA ALA D 195 32.70 -0.17 -7.42
C ALA D 195 31.34 -0.85 -7.65
N GLY D 196 31.04 -1.22 -8.90
CA GLY D 196 29.80 -1.92 -9.24
C GLY D 196 29.64 -3.21 -8.45
N GLY D 197 30.75 -3.94 -8.30
CA GLY D 197 30.78 -5.14 -7.48
C GLY D 197 30.57 -4.78 -6.02
N GLY D 198 31.19 -3.69 -5.58
CA GLY D 198 31.08 -3.24 -4.19
C GLY D 198 29.64 -2.99 -3.79
N TYR D 199 28.89 -2.37 -4.71
CA TYR D 199 27.52 -2.01 -4.44
C TYR D 199 26.62 -3.21 -4.41
N HIS D 200 26.90 -4.17 -5.28
CA HIS D 200 26.24 -5.46 -5.23
C HIS D 200 26.52 -6.16 -3.91
N SER D 201 27.69 -5.89 -3.34
CA SER D 201 28.08 -6.51 -2.08
C SER D 201 27.40 -5.83 -0.90
N ILE D 202 27.20 -4.53 -1.00
CA ILE D 202 26.75 -3.74 0.13
C ILE D 202 25.23 -3.56 0.18
N SER D 203 24.57 -3.73 -0.96
CA SER D 203 23.13 -3.53 -1.06
C SER D 203 22.27 -4.59 -0.36
N PRO D 204 22.72 -5.88 -0.35
CA PRO D 204 21.96 -6.91 0.36
C PRO D 204 21.85 -6.71 1.85
N THR D 205 20.99 -7.54 2.45
CA THR D 205 20.69 -7.51 3.87
C THR D 205 21.81 -8.16 4.71
N ILE D 206 22.25 -9.34 4.25
CA ILE D 206 23.27 -10.13 4.95
C ILE D 206 24.50 -10.30 4.08
N LEU D 207 25.66 -9.97 4.65
CA LEU D 207 26.92 -10.12 3.92
C LEU D 207 27.81 -11.21 4.51
N ILE D 208 28.07 -12.24 3.70
CA ILE D 208 28.95 -13.34 4.09
C ILE D 208 30.16 -13.30 3.18
N ALA D 209 31.33 -13.15 3.76
CA ALA D 209 32.53 -12.96 2.95
C ALA D 209 33.49 -14.14 3.00
N HIS D 210 34.11 -14.40 1.85
CA HIS D 210 35.28 -15.27 1.75
C HIS D 210 36.45 -14.49 2.34
N GLN D 211 37.35 -15.20 3.00
CA GLN D 211 38.45 -14.54 3.73
C GLN D 211 39.35 -13.69 2.83
N ASP D 212 39.43 -14.04 1.55
CA ASP D 212 40.26 -13.30 0.60
C ASP D 212 39.48 -12.25 -0.20
N ALA D 213 38.17 -12.17 0.07
CA ALA D 213 37.29 -11.33 -0.72
C ALA D 213 37.43 -9.87 -0.34
N ASN D 214 36.86 -9.01 -1.16
CA ASN D 214 36.81 -7.59 -0.85
C ASN D 214 35.58 -6.95 -1.49
N MET D 215 35.08 -5.89 -0.87
CA MET D 215 34.10 -5.01 -1.47
C MET D 215 34.56 -3.59 -1.21
N ALA D 216 34.42 -2.74 -2.22
CA ALA D 216 35.00 -1.40 -2.18
C ALA D 216 34.34 -0.48 -3.20
N VAL D 217 34.33 0.80 -2.84
CA VAL D 217 33.89 1.87 -3.71
C VAL D 217 34.76 1.86 -4.96
N GLY D 218 36.06 1.63 -4.78
CA GLY D 218 36.99 1.52 -5.90
C GLY D 218 38.07 0.53 -5.52
N GLY D 219 38.54 -0.23 -6.50
CA GLY D 219 39.58 -1.24 -6.25
C GLY D 219 41.00 -0.74 -6.48
N ALA D 220 41.94 -1.69 -6.63
CA ALA D 220 43.32 -1.37 -7.01
C ALA D 220 43.39 -0.75 -8.41
N GLY D 221 42.48 -1.17 -9.30
CA GLY D 221 42.38 -0.63 -10.67
C GLY D 221 42.37 0.89 -10.78
N ALA D 237 53.43 6.05 -20.37
CA ALA D 237 53.17 4.82 -21.12
C ALA D 237 53.95 3.63 -20.54
N GLU D 238 55.29 3.72 -20.60
CA GLU D 238 56.14 2.73 -19.95
C GLU D 238 56.14 2.99 -18.44
N GLN D 239 55.97 4.26 -18.08
CA GLN D 239 55.86 4.71 -16.70
C GLN D 239 54.67 4.07 -15.98
N ILE D 240 53.60 3.86 -16.74
CA ILE D 240 52.39 3.22 -16.23
C ILE D 240 52.67 1.77 -15.79
N ILE D 241 53.49 1.05 -16.57
CA ILE D 241 53.94 -0.29 -16.19
C ILE D 241 54.92 -0.25 -15.00
N ALA D 242 55.76 0.79 -14.97
CA ALA D 242 56.73 1.01 -13.89
C ALA D 242 56.04 1.30 -12.55
N ALA D 243 55.11 2.25 -12.58
CA ALA D 243 54.28 2.62 -11.42
C ALA D 243 53.52 1.43 -10.86
N GLN D 244 53.19 0.47 -11.73
CA GLN D 244 52.45 -0.73 -11.37
C GLN D 244 53.25 -1.69 -10.47
N ILE D 245 54.46 -2.06 -10.90
CA ILE D 245 55.37 -2.90 -10.11
C ILE D 245 55.90 -2.17 -8.87
N GLU D 246 56.11 -0.85 -9.01
CA GLU D 246 56.53 -0.01 -7.87
C GLU D 246 55.38 0.22 -6.88
N ASN D 247 54.13 0.04 -7.34
CA ASN D 247 52.94 0.10 -6.46
C ASN D 247 52.42 -1.27 -6.06
N SER D 248 53.10 -2.32 -6.53
CA SER D 248 52.76 -3.71 -6.19
C SER D 248 53.78 -4.32 -5.22
N LYS D 249 54.98 -3.72 -5.18
CA LYS D 249 56.06 -4.17 -4.28
C LYS D 249 55.72 -3.85 -2.83
N LEU D 250 54.94 -2.79 -2.60
CA LEU D 250 54.39 -2.47 -1.28
C LEU D 250 53.48 -3.56 -0.70
N LYS D 251 53.03 -4.48 -1.57
CA LYS D 251 52.00 -5.48 -1.23
C LYS D 251 50.79 -4.82 -0.54
N VAL D 252 50.48 -3.60 -0.98
CA VAL D 252 49.31 -2.84 -0.53
C VAL D 252 48.03 -3.67 -0.78
N PRO D 253 47.21 -3.87 0.28
CA PRO D 253 46.08 -4.81 0.15
C PRO D 253 44.93 -4.28 -0.74
N ALA D 254 44.29 -5.19 -1.46
CA ALA D 254 43.10 -4.84 -2.25
C ALA D 254 42.11 -4.11 -1.35
N PRO D 255 41.65 -2.92 -1.79
CA PRO D 255 40.78 -2.07 -0.94
C PRO D 255 39.54 -2.84 -0.46
N GLY D 256 39.16 -2.58 0.79
CA GLY D 256 37.98 -3.18 1.40
C GLY D 256 38.01 -4.68 1.60
N SER D 257 39.20 -5.22 1.91
CA SER D 257 39.37 -6.64 2.25
C SER D 257 38.87 -6.89 3.68
N VAL D 258 38.85 -8.16 4.07
CA VAL D 258 38.37 -8.59 5.38
C VAL D 258 38.87 -7.74 6.59
N PRO D 259 40.18 -7.45 6.67
CA PRO D 259 40.62 -6.62 7.80
C PRO D 259 39.89 -5.28 7.89
N ILE D 260 39.33 -4.83 6.77
CA ILE D 260 38.59 -3.57 6.72
C ILE D 260 37.10 -3.82 6.98
N HIS D 261 36.48 -4.69 6.18
CA HIS D 261 35.03 -4.80 6.26
C HIS D 261 34.51 -5.80 7.29
N TYR D 262 35.43 -6.54 7.89
CA TYR D 262 35.08 -7.32 9.07
C TYR D 262 35.58 -6.63 10.32
N ASP D 263 36.90 -6.46 10.39
CA ASP D 263 37.58 -5.94 11.57
C ASP D 263 37.29 -4.47 11.86
N GLU D 264 37.06 -3.65 10.84
CA GLU D 264 36.84 -2.21 11.06
C GLU D 264 35.36 -1.80 10.95
N THR D 265 34.77 -1.96 9.76
CA THR D 265 33.40 -1.50 9.51
C THR D 265 32.33 -2.46 10.02
N GLY D 266 32.66 -3.74 10.10
CA GLY D 266 31.68 -4.75 10.47
C GLY D 266 30.57 -4.86 9.45
N PHE D 267 30.86 -4.50 8.20
CA PHE D 267 29.89 -4.69 7.12
C PHE D 267 29.75 -6.16 6.71
N PHE D 268 30.87 -6.86 6.63
CA PHE D 268 30.85 -8.32 6.50
C PHE D 268 30.39 -8.82 7.84
N ARG D 269 29.26 -9.52 7.89
CA ARG D 269 28.78 -10.03 9.15
C ARG D 269 29.56 -11.27 9.54
N GLU D 270 29.87 -12.11 8.57
CA GLU D 270 30.63 -13.32 8.79
C GLU D 270 31.70 -13.55 7.72
N VAL D 271 32.75 -14.26 8.10
CA VAL D 271 33.87 -14.52 7.20
C VAL D 271 34.20 -16.00 7.25
N TYR D 272 34.38 -16.60 6.09
CA TYR D 272 34.70 -18.03 6.02
C TYR D 272 36.00 -18.28 5.26
N GLN D 273 36.59 -19.45 5.49
CA GLN D 273 37.91 -19.76 4.93
C GLN D 273 37.86 -20.08 3.46
N ASN D 274 36.82 -20.79 3.05
CA ASN D 274 36.69 -21.21 1.66
C ASN D 274 35.26 -21.07 1.13
N ASP D 275 35.09 -21.27 -0.17
CA ASP D 275 33.82 -21.10 -0.86
C ASP D 275 32.67 -21.84 -0.21
N LEU D 276 32.91 -23.07 0.22
CA LEU D 276 31.85 -23.91 0.81
C LEU D 276 31.46 -23.41 2.18
N GLY D 277 32.42 -22.80 2.88
CA GLY D 277 32.15 -22.10 4.14
C GLY D 277 31.14 -20.99 3.89
N VAL D 278 31.45 -20.11 2.95
CA VAL D 278 30.52 -19.06 2.55
C VAL D 278 29.11 -19.65 2.27
N ILE D 279 29.07 -20.71 1.47
CA ILE D 279 27.81 -21.41 1.17
C ILE D 279 27.10 -21.89 2.44
N ASP D 280 27.84 -22.39 3.41
CA ASP D 280 27.27 -22.82 4.69
C ASP D 280 26.74 -21.64 5.50
N GLY D 281 27.48 -20.52 5.49
CA GLY D 281 27.01 -19.28 6.09
C GLY D 281 25.68 -18.85 5.46
N ILE D 282 25.62 -18.91 4.14
CA ILE D 282 24.41 -18.53 3.43
C ILE D 282 23.30 -19.47 3.87
N LYS D 283 23.59 -20.77 3.94
CA LYS D 283 22.59 -21.78 4.33
C LYS D 283 22.00 -21.50 5.72
N LYS D 284 22.87 -21.08 6.62
CA LYS D 284 22.49 -20.78 7.97
C LYS D 284 21.50 -19.63 7.96
N TYR D 285 21.85 -18.57 7.23
CA TYR D 285 20.98 -17.39 7.15
C TYR D 285 19.68 -17.69 6.42
N ILE D 286 19.76 -18.45 5.33
CA ILE D 286 18.54 -18.98 4.71
C ILE D 286 17.65 -19.74 5.72
N SER D 287 18.27 -20.52 6.61
CA SER D 287 17.51 -21.27 7.62
C SER D 287 16.81 -20.33 8.61
N TYR D 288 17.33 -19.11 8.74
CA TYR D 288 16.70 -18.10 9.61
C TYR D 288 15.43 -17.51 9.01
N LEU D 289 15.33 -17.54 7.68
CA LEU D 289 14.26 -16.84 6.96
C LEU D 289 12.87 -17.43 7.22
N PRO D 290 11.85 -16.56 7.27
CA PRO D 290 10.50 -17.01 7.59
C PRO D 290 9.92 -17.74 6.39
N ALA D 291 9.32 -18.90 6.62
CA ALA D 291 8.75 -19.69 5.54
C ALA D 291 7.69 -20.59 6.10
N TYR D 292 6.53 -20.61 5.46
CA TYR D 292 5.50 -21.57 5.84
C TYR D 292 6.00 -22.99 5.61
N ASN D 293 5.59 -23.90 6.48
CA ASN D 293 5.54 -25.29 6.08
C ASN D 293 4.37 -25.34 5.11
N LEU D 294 4.66 -25.71 3.87
CA LEU D 294 3.65 -25.70 2.82
C LEU D 294 2.40 -26.50 3.15
N GLU D 295 2.53 -27.44 4.08
CA GLU D 295 1.39 -28.18 4.61
C GLU D 295 0.24 -27.22 5.01
N PHE D 296 0.59 -26.06 5.56
CA PHE D 296 -0.39 -25.06 5.96
C PHE D 296 -1.38 -24.74 4.83
N PHE D 297 -0.87 -24.63 3.60
CA PHE D 297 -1.70 -24.22 2.45
C PHE D 297 -2.22 -25.34 1.57
N ARG D 298 -1.91 -26.58 1.94
CA ARG D 298 -2.34 -27.73 1.17
C ARG D 298 -3.81 -28.09 1.39
N VAL D 299 -4.42 -28.62 0.34
CA VAL D 299 -5.81 -29.05 0.36
C VAL D 299 -5.80 -30.54 0.06
N ASP D 300 -4.61 -31.06 -0.14
CA ASP D 300 -4.41 -32.46 -0.44
C ASP D 300 -2.96 -32.79 -0.22
N THR D 301 -2.69 -34.08 -0.03
CA THR D 301 -1.32 -34.56 0.06
C THR D 301 -0.70 -34.53 -1.36
N PRO D 302 0.59 -34.15 -1.47
CA PRO D 302 1.16 -34.06 -2.81
C PRO D 302 1.06 -35.39 -3.56
N LYS D 303 0.54 -35.35 -4.78
CA LYS D 303 0.45 -36.53 -5.62
C LYS D 303 0.99 -36.24 -7.00
N ALA D 304 1.77 -37.17 -7.54
CA ALA D 304 2.22 -37.08 -8.93
C ALA D 304 1.01 -37.10 -9.88
N PRO D 305 1.17 -36.62 -11.12
CA PRO D 305 0.11 -36.83 -12.10
C PRO D 305 -0.09 -38.34 -12.35
N GLN D 306 -1.28 -38.72 -12.81
CA GLN D 306 -1.55 -40.12 -13.13
C GLN D 306 -1.04 -40.54 -14.50
N LEU D 307 -0.64 -39.55 -15.32
CA LEU D 307 -0.10 -39.82 -16.64
C LEU D 307 1.31 -39.24 -16.75
N PRO D 308 2.23 -40.00 -17.37
CA PRO D 308 3.64 -39.60 -17.47
C PRO D 308 3.88 -38.38 -18.37
N ALA D 309 4.80 -37.52 -17.96
CA ALA D 309 5.15 -36.32 -18.72
C ALA D 309 5.84 -36.62 -20.05
N GLU D 310 6.52 -37.77 -20.13
CA GLU D 310 7.20 -38.18 -21.38
C GLU D 310 6.21 -38.20 -22.56
N ASP D 311 4.95 -38.56 -22.28
CA ASP D 311 3.89 -38.52 -23.29
C ASP D 311 3.76 -37.17 -23.95
N LEU D 312 4.12 -36.10 -23.24
CA LEU D 312 4.05 -34.76 -23.83
C LEU D 312 4.80 -34.69 -25.17
N TYR D 313 5.87 -35.50 -25.30
CA TYR D 313 6.66 -35.56 -26.53
C TYR D 313 5.88 -36.07 -27.73
N SER D 314 4.78 -36.77 -27.48
CA SER D 314 3.87 -37.23 -28.54
C SER D 314 2.64 -36.35 -28.62
N ILE D 315 2.17 -35.87 -27.46
CA ILE D 315 0.93 -35.11 -27.38
C ILE D 315 1.03 -33.73 -28.04
N ILE D 316 2.04 -32.95 -27.65
CA ILE D 316 2.22 -31.59 -28.17
C ILE D 316 2.94 -31.65 -29.52
N PRO D 317 2.22 -31.39 -30.63
CA PRO D 317 2.77 -31.57 -31.96
C PRO D 317 3.66 -30.42 -32.42
N MET D 318 4.83 -30.77 -32.96
CA MET D 318 5.77 -29.79 -33.53
C MET D 318 5.24 -29.24 -34.86
N ASN D 319 4.37 -30.01 -35.51
CA ASN D 319 3.65 -29.54 -36.67
C ASN D 319 2.58 -28.56 -36.17
N GLN D 320 2.87 -27.28 -36.35
CA GLN D 320 2.08 -26.20 -35.78
C GLN D 320 0.66 -26.12 -36.34
N LYS D 321 0.41 -26.85 -37.42
CA LYS D 321 -0.92 -26.91 -38.04
C LYS D 321 -1.83 -27.92 -37.35
N ARG D 322 -1.21 -28.81 -36.57
CA ARG D 322 -1.94 -29.84 -35.87
C ARG D 322 -2.45 -29.37 -34.52
N PRO D 323 -3.72 -29.68 -34.22
CA PRO D 323 -4.22 -29.51 -32.87
C PRO D 323 -3.77 -30.64 -31.94
N TYR D 324 -4.27 -30.59 -30.72
CA TYR D 324 -3.96 -31.56 -29.68
C TYR D 324 -4.94 -31.28 -28.54
N ASP D 325 -5.17 -32.27 -27.68
CA ASP D 325 -6.04 -32.05 -26.55
C ASP D 325 -5.28 -31.45 -25.37
N ILE D 326 -5.56 -30.18 -25.07
CA ILE D 326 -4.93 -29.51 -23.92
C ILE D 326 -5.11 -30.28 -22.62
N TYR D 327 -6.27 -30.90 -22.44
CA TYR D 327 -6.51 -31.68 -21.24
C TYR D 327 -5.43 -32.72 -21.00
N GLU D 328 -4.84 -33.24 -22.07
CA GLU D 328 -3.78 -34.25 -21.95
C GLU D 328 -2.52 -33.64 -21.38
N VAL D 329 -2.31 -32.35 -21.65
CA VAL D 329 -1.20 -31.62 -21.06
C VAL D 329 -1.45 -31.36 -19.58
N ILE D 330 -2.64 -30.82 -19.27
CA ILE D 330 -3.01 -30.48 -17.90
C ILE D 330 -3.02 -31.71 -17.00
N ALA D 331 -3.37 -32.87 -17.57
CA ALA D 331 -3.39 -34.13 -16.83
C ALA D 331 -1.99 -34.59 -16.45
N ARG D 332 -0.99 -34.06 -17.14
CA ARG D 332 0.38 -34.49 -16.91
C ARG D 332 1.21 -33.49 -16.09
N LEU D 333 0.62 -32.32 -15.81
CA LEU D 333 1.36 -31.26 -15.15
C LEU D 333 0.94 -31.07 -13.71
N PHE D 334 -0.24 -31.55 -13.37
CA PHE D 334 -0.84 -31.27 -12.08
C PHE D 334 -1.15 -32.52 -11.28
N ASP D 335 -1.22 -32.35 -9.97
CA ASP D 335 -1.39 -33.46 -9.05
C ASP D 335 -2.53 -34.37 -9.39
N ASN D 336 -2.21 -35.65 -9.49
CA ASN D 336 -3.20 -36.71 -9.68
C ASN D 336 -4.03 -36.60 -10.95
N SER D 337 -3.59 -35.76 -11.89
CA SER D 337 -4.36 -35.47 -13.11
C SER D 337 -5.78 -35.00 -12.76
N GLU D 338 -5.90 -34.37 -11.59
CA GLU D 338 -7.17 -33.82 -11.15
C GLU D 338 -7.30 -32.40 -11.65
N PHE D 339 -8.54 -32.02 -11.92
CA PHE D 339 -8.83 -30.70 -12.42
C PHE D 339 -10.28 -30.33 -12.13
N SER D 340 -10.47 -29.11 -11.65
CA SER D 340 -11.79 -28.60 -11.33
C SER D 340 -12.09 -27.41 -12.23
N GLU D 341 -12.71 -27.70 -13.37
CA GLU D 341 -12.93 -26.70 -14.40
C GLU D 341 -13.98 -25.68 -14.00
N TYR D 342 -13.63 -24.42 -14.16
CA TYR D 342 -14.55 -23.33 -14.00
C TYR D 342 -15.28 -23.11 -15.32
N LYS D 343 -16.61 -23.19 -15.26
CA LYS D 343 -17.48 -22.92 -16.42
C LYS D 343 -17.16 -23.72 -17.69
N LYS D 344 -16.98 -25.02 -17.53
CA LYS D 344 -16.86 -25.95 -18.66
C LYS D 344 -18.07 -25.77 -19.58
N GLY D 345 -17.83 -25.55 -20.87
CA GLY D 345 -18.90 -25.39 -21.85
C GLY D 345 -19.17 -23.96 -22.24
N TYR D 346 -18.92 -23.05 -21.30
CA TYR D 346 -18.89 -21.62 -21.57
C TYR D 346 -17.45 -21.22 -21.93
N GLY D 347 -17.27 -20.48 -23.03
CA GLY D 347 -15.94 -20.13 -23.50
C GLY D 347 -15.12 -21.37 -23.83
N PRO D 348 -15.62 -22.22 -24.76
CA PRO D 348 -15.01 -23.50 -25.04
C PRO D 348 -13.62 -23.42 -25.66
N GLU D 349 -13.21 -22.22 -26.07
CA GLU D 349 -11.87 -21.99 -26.60
C GLU D 349 -10.79 -21.93 -25.51
N MET D 350 -11.22 -21.76 -24.26
CA MET D 350 -10.30 -21.74 -23.13
C MET D 350 -10.71 -22.79 -22.12
N VAL D 351 -9.71 -23.33 -21.41
CA VAL D 351 -9.95 -24.09 -20.19
C VAL D 351 -9.47 -23.22 -19.06
N THR D 352 -10.33 -22.96 -18.09
CA THR D 352 -9.95 -22.25 -16.87
C THR D 352 -10.45 -23.07 -15.70
N GLY D 353 -9.56 -23.41 -14.78
CA GLY D 353 -9.98 -24.19 -13.63
C GLY D 353 -8.91 -24.30 -12.59
N LEU D 354 -9.27 -24.84 -11.43
CA LEU D 354 -8.36 -25.00 -10.29
C LEU D 354 -7.69 -26.35 -10.36
N ALA D 355 -6.40 -26.38 -10.03
CA ALA D 355 -5.65 -27.62 -9.99
C ALA D 355 -4.76 -27.60 -8.76
N LYS D 356 -4.01 -28.68 -8.57
CA LYS D 356 -3.13 -28.80 -7.41
C LYS D 356 -1.71 -29.11 -7.88
N VAL D 357 -0.77 -28.46 -7.21
CA VAL D 357 0.66 -28.61 -7.47
C VAL D 357 1.28 -28.91 -6.10
N ASN D 358 1.73 -30.15 -5.91
CA ASN D 358 2.22 -30.62 -4.61
C ASN D 358 1.23 -30.26 -3.49
N GLY D 359 -0.05 -30.50 -3.76
CA GLY D 359 -1.10 -30.33 -2.76
C GLY D 359 -1.65 -28.92 -2.65
N LEU D 360 -1.04 -27.99 -3.39
CA LEU D 360 -1.40 -26.57 -3.31
C LEU D 360 -2.29 -26.13 -4.47
N LEU D 361 -3.32 -25.34 -4.16
CA LEU D 361 -4.21 -24.77 -5.20
C LEU D 361 -3.52 -23.79 -6.16
N VAL D 362 -3.69 -24.04 -7.46
CA VAL D 362 -3.36 -23.05 -8.50
C VAL D 362 -4.54 -22.92 -9.44
N GLY D 363 -4.65 -21.75 -10.07
CA GLY D 363 -5.61 -21.53 -11.16
C GLY D 363 -4.91 -21.73 -12.49
N VAL D 364 -5.51 -22.56 -13.35
CA VAL D 364 -4.93 -22.87 -14.66
C VAL D 364 -5.80 -22.27 -15.74
N ILE D 365 -5.13 -21.59 -16.67
CA ILE D 365 -5.80 -20.99 -17.81
C ILE D 365 -5.03 -21.42 -19.04
N ALA D 366 -5.72 -22.10 -19.95
CA ALA D 366 -5.08 -22.75 -21.09
C ALA D 366 -5.94 -22.71 -22.34
N ASN D 367 -5.30 -22.49 -23.47
CA ASN D 367 -5.99 -22.53 -24.77
C ASN D 367 -6.44 -23.93 -25.11
N VAL D 368 -7.64 -24.03 -25.67
CA VAL D 368 -8.15 -25.27 -26.24
C VAL D 368 -7.81 -25.23 -27.72
N GLN D 369 -7.35 -26.36 -28.27
CA GLN D 369 -7.06 -26.44 -29.69
C GLN D 369 -8.12 -27.22 -30.45
N GLY D 370 -8.12 -27.06 -31.78
CA GLY D 370 -9.03 -27.79 -32.64
C GLY D 370 -10.18 -26.91 -33.03
N LEU D 371 -11.03 -27.43 -33.91
CA LEU D 371 -12.19 -26.68 -34.37
C LEU D 371 -13.28 -26.73 -33.33
N LEU D 372 -14.01 -25.64 -33.20
CA LEU D 372 -15.13 -25.55 -32.27
C LEU D 372 -16.39 -25.35 -33.06
N MET D 373 -17.14 -26.45 -33.26
CA MET D 373 -18.37 -26.44 -34.06
C MET D 373 -19.41 -25.46 -33.49
N ASN D 374 -20.05 -24.71 -34.39
CA ASN D 374 -21.19 -23.84 -34.06
C ASN D 374 -20.84 -22.76 -33.03
N TYR D 375 -19.79 -22.01 -33.32
CA TYR D 375 -19.20 -21.06 -32.36
C TYR D 375 -18.30 -20.12 -33.16
N PRO D 376 -18.14 -18.86 -32.69
CA PRO D 376 -18.72 -18.22 -31.53
C PRO D 376 -20.17 -17.81 -31.75
N GLU D 377 -20.88 -17.58 -30.64
CA GLU D 377 -22.32 -17.33 -30.64
C GLU D 377 -22.72 -16.03 -31.36
N TYR D 378 -21.76 -15.14 -31.60
CA TYR D 378 -22.06 -13.86 -32.27
C TYR D 378 -21.92 -13.92 -33.80
N LYS D 379 -21.65 -15.12 -34.31
CA LYS D 379 -21.58 -15.35 -35.75
C LYS D 379 -22.56 -16.44 -36.15
N GLN D 380 -23.20 -16.22 -37.30
CA GLN D 380 -24.10 -17.19 -37.89
C GLN D 380 -23.26 -18.25 -38.61
N ASN D 381 -23.66 -19.51 -38.46
CA ASN D 381 -23.01 -20.63 -39.18
C ASN D 381 -21.49 -20.51 -39.21
N SER D 382 -20.90 -20.53 -38.02
CA SER D 382 -19.49 -20.26 -37.85
C SER D 382 -18.79 -21.41 -37.19
N VAL D 383 -17.49 -21.54 -37.45
CA VAL D 383 -16.64 -22.48 -36.74
C VAL D 383 -15.49 -21.74 -36.09
N GLY D 384 -15.40 -21.87 -34.76
CA GLY D 384 -14.34 -21.26 -33.99
C GLY D 384 -13.03 -22.03 -34.07
N ILE D 385 -11.93 -21.30 -34.16
CA ILE D 385 -10.60 -21.87 -34.21
C ILE D 385 -10.05 -21.95 -32.78
N GLY D 386 -9.74 -23.15 -32.33
CA GLY D 386 -9.02 -23.30 -31.07
C GLY D 386 -7.69 -22.58 -31.17
N GLY D 387 -7.26 -21.98 -30.06
CA GLY D 387 -6.05 -21.13 -30.03
C GLY D 387 -6.41 -19.66 -30.16
N LYS D 388 -7.62 -19.37 -30.61
CA LYS D 388 -8.11 -17.99 -30.70
C LYS D 388 -8.97 -17.62 -29.50
N LEU D 389 -9.23 -16.33 -29.34
CA LEU D 389 -10.00 -15.85 -28.19
C LEU D 389 -11.28 -15.17 -28.63
N TYR D 390 -12.37 -15.56 -28.00
CA TYR D 390 -13.69 -15.04 -28.32
C TYR D 390 -14.36 -14.41 -27.10
N ARG D 391 -15.60 -13.97 -27.24
CA ARG D 391 -16.28 -13.25 -26.16
C ARG D 391 -16.36 -14.07 -24.87
N GLN D 392 -16.80 -15.31 -24.98
CA GLN D 392 -17.03 -16.12 -23.79
C GLN D 392 -15.71 -16.49 -23.13
N GLY D 393 -14.75 -16.90 -23.92
CA GLY D 393 -13.41 -17.17 -23.41
C GLY D 393 -12.89 -15.98 -22.62
N LEU D 394 -12.92 -14.79 -23.22
CA LEU D 394 -12.38 -13.58 -22.58
C LEU D 394 -13.14 -13.21 -21.29
N ILE D 395 -14.46 -13.21 -21.33
CA ILE D 395 -15.25 -12.96 -20.12
C ILE D 395 -14.97 -14.03 -19.06
N LYS D 396 -14.90 -15.30 -19.49
CA LYS D 396 -14.65 -16.39 -18.55
C LYS D 396 -13.34 -16.18 -17.82
N MET D 397 -12.28 -15.96 -18.60
CA MET D 397 -10.94 -15.69 -18.04
C MET D 397 -10.97 -14.49 -17.09
N ASN D 398 -11.57 -13.39 -17.52
CA ASN D 398 -11.78 -12.24 -16.66
C ASN D 398 -12.35 -12.61 -15.29
N GLU D 399 -13.45 -13.35 -15.31
CA GLU D 399 -14.11 -13.80 -14.09
C GLU D 399 -13.18 -14.69 -13.30
N PHE D 400 -12.54 -15.63 -13.99
CA PHE D 400 -11.69 -16.60 -13.33
C PHE D 400 -10.48 -15.97 -12.65
N VAL D 401 -9.87 -14.98 -13.30
CA VAL D 401 -8.70 -14.28 -12.79
C VAL D 401 -9.10 -13.51 -11.54
N THR D 402 -10.27 -12.88 -11.63
CA THR D 402 -10.84 -12.05 -10.59
C THR D 402 -11.19 -12.92 -9.40
N LEU D 403 -11.73 -14.10 -9.68
CA LEU D 403 -12.05 -15.05 -8.62
C LEU D 403 -10.78 -15.56 -7.91
N CYS D 404 -9.78 -15.92 -8.69
CA CYS D 404 -8.55 -16.45 -8.12
C CYS D 404 -7.80 -15.39 -7.35
N ALA D 405 -7.86 -14.14 -7.83
CA ALA D 405 -7.26 -13.01 -7.12
C ALA D 405 -7.90 -12.86 -5.73
N ARG D 406 -9.22 -12.79 -5.68
CA ARG D 406 -9.93 -12.72 -4.42
C ARG D 406 -9.47 -13.82 -3.47
N ASP D 407 -9.37 -15.04 -4.02
CA ASP D 407 -9.03 -16.25 -3.27
C ASP D 407 -7.55 -16.43 -3.02
N ARG D 408 -6.71 -15.52 -3.54
CA ARG D 408 -5.26 -15.63 -3.36
C ARG D 408 -4.68 -16.92 -3.96
N ILE D 409 -5.21 -17.31 -5.11
CA ILE D 409 -4.78 -18.53 -5.80
C ILE D 409 -3.94 -18.13 -7.01
N PRO D 410 -2.65 -18.51 -7.01
CA PRO D 410 -1.77 -18.15 -8.11
C PRO D 410 -2.24 -18.74 -9.44
N LEU D 411 -2.00 -18.00 -10.52
CA LEU D 411 -2.46 -18.39 -11.83
C LEU D 411 -1.31 -18.89 -12.68
N ILE D 412 -1.54 -20.00 -13.34
CA ILE D 412 -0.58 -20.52 -14.30
C ILE D 412 -1.25 -20.50 -15.64
N TRP D 413 -0.65 -19.77 -16.57
CA TRP D 413 -1.18 -19.66 -17.92
C TRP D 413 -0.42 -20.57 -18.85
N LEU D 414 -1.14 -21.43 -19.54
CA LEU D 414 -0.54 -22.26 -20.58
C LEU D 414 -0.95 -21.64 -21.90
N GLN D 415 -0.03 -20.95 -22.56
CA GLN D 415 -0.32 -20.26 -23.80
C GLN D 415 -0.05 -21.15 -25.02
N ASP D 416 -1.04 -21.21 -25.90
CA ASP D 416 -0.88 -21.68 -27.25
C ASP D 416 -1.90 -20.92 -28.11
N THR D 417 -1.52 -19.73 -28.54
CA THR D 417 -2.50 -18.77 -29.05
C THR D 417 -2.17 -18.13 -30.41
N THR D 418 -3.21 -17.85 -31.19
CA THR D 418 -3.08 -17.20 -32.48
C THR D 418 -3.92 -15.94 -32.53
N GLY D 419 -4.39 -15.49 -31.37
CA GLY D 419 -4.99 -14.18 -31.27
C GLY D 419 -6.46 -14.17 -30.94
N ILE D 420 -6.94 -12.97 -30.63
CA ILE D 420 -8.34 -12.72 -30.46
C ILE D 420 -8.96 -12.68 -31.86
N ASP D 421 -10.22 -13.10 -31.96
CA ASP D 421 -10.97 -13.05 -33.20
C ASP D 421 -11.05 -11.62 -33.76
N VAL D 422 -10.91 -11.50 -35.07
CA VAL D 422 -10.89 -10.19 -35.73
C VAL D 422 -12.17 -9.99 -36.53
N GLY D 423 -12.37 -8.77 -37.01
CA GLY D 423 -13.55 -8.43 -37.80
C GLY D 423 -14.59 -7.68 -37.01
N ASP D 424 -15.42 -6.92 -37.70
CA ASP D 424 -16.46 -6.11 -37.07
C ASP D 424 -17.49 -6.89 -36.27
N GLU D 425 -17.78 -8.14 -36.63
CA GLU D 425 -18.65 -8.97 -35.81
C GLU D 425 -18.02 -9.17 -34.42
N ALA D 426 -16.74 -9.51 -34.44
CA ALA D 426 -15.93 -9.63 -33.23
C ALA D 426 -15.85 -8.31 -32.45
N GLU D 427 -15.69 -7.20 -33.18
CA GLU D 427 -15.64 -5.88 -32.58
C GLU D 427 -16.94 -5.52 -31.86
N LYS D 428 -18.07 -5.80 -32.51
CA LYS D 428 -19.37 -5.61 -31.88
C LYS D 428 -19.57 -6.51 -30.65
N ALA D 429 -18.89 -7.66 -30.64
CA ALA D 429 -18.96 -8.58 -29.50
C ALA D 429 -18.09 -8.11 -28.34
N GLU D 430 -17.50 -6.91 -28.47
CA GLU D 430 -16.69 -6.26 -27.43
C GLU D 430 -15.28 -6.78 -27.28
N LEU D 431 -14.82 -7.56 -28.25
CA LEU D 431 -13.58 -8.32 -28.09
C LEU D 431 -12.36 -7.50 -27.66
N LEU D 432 -12.19 -6.32 -28.26
CA LEU D 432 -11.07 -5.45 -27.90
C LEU D 432 -11.16 -5.05 -26.42
N GLY D 433 -12.36 -4.62 -26.02
CA GLY D 433 -12.62 -4.19 -24.66
C GLY D 433 -12.45 -5.34 -23.69
N LEU D 434 -12.81 -6.54 -24.12
CA LEU D 434 -12.73 -7.70 -23.25
C LEU D 434 -11.31 -8.21 -23.07
N GLY D 435 -10.49 -8.11 -24.11
CA GLY D 435 -9.08 -8.46 -24.01
C GLY D 435 -8.38 -7.52 -23.05
N GLN D 436 -8.62 -6.23 -23.23
CA GLN D 436 -8.11 -5.22 -22.29
C GLN D 436 -8.70 -5.38 -20.88
N SER D 437 -9.97 -5.75 -20.78
CA SER D 437 -10.58 -6.01 -19.48
C SER D 437 -9.78 -7.10 -18.76
N LEU D 438 -9.25 -8.04 -19.54
CA LEU D 438 -8.48 -9.13 -18.98
C LEU D 438 -7.16 -8.60 -18.49
N ILE D 439 -6.56 -7.74 -19.29
CA ILE D 439 -5.36 -7.06 -18.84
C ILE D 439 -5.63 -6.34 -17.50
N TYR D 440 -6.74 -5.61 -17.45
CA TYR D 440 -7.14 -4.96 -16.21
C TYR D 440 -7.26 -5.96 -15.05
N SER D 441 -7.94 -7.08 -15.30
CA SER D 441 -8.13 -8.11 -14.29
C SER D 441 -6.82 -8.67 -13.76
N ILE D 442 -5.89 -8.96 -14.67
CA ILE D 442 -4.59 -9.49 -14.30
C ILE D 442 -3.84 -8.47 -13.43
N GLU D 443 -3.83 -7.21 -13.84
CA GLU D 443 -3.19 -6.16 -13.08
C GLU D 443 -3.83 -5.94 -11.70
N ASN D 444 -5.17 -6.03 -11.64
CA ASN D 444 -5.89 -6.05 -10.37
C ASN D 444 -5.56 -7.27 -9.47
N SER D 445 -5.15 -8.37 -10.08
CA SER D 445 -4.97 -9.62 -9.31
C SER D 445 -3.85 -9.55 -8.28
N LYS D 446 -2.79 -8.81 -8.61
CA LYS D 446 -1.69 -8.54 -7.68
C LYS D 446 -0.88 -9.78 -7.24
N LEU D 447 -1.31 -10.98 -7.62
CA LEU D 447 -0.58 -12.20 -7.25
C LEU D 447 0.49 -12.59 -8.28
N PRO D 448 1.51 -13.34 -7.82
CA PRO D 448 2.52 -13.85 -8.74
C PRO D 448 1.88 -14.89 -9.66
N SER D 449 2.35 -14.91 -10.90
CA SER D 449 1.76 -15.74 -11.93
C SER D 449 2.85 -16.37 -12.79
N LEU D 450 2.61 -17.60 -13.24
CA LEU D 450 3.57 -18.26 -14.11
C LEU D 450 2.98 -18.36 -15.48
N GLU D 451 3.78 -18.06 -16.50
CA GLU D 451 3.33 -18.24 -17.87
C GLU D 451 4.17 -19.26 -18.59
N ILE D 452 3.48 -20.25 -19.13
CA ILE D 452 4.14 -21.31 -19.90
C ILE D 452 3.64 -21.28 -21.35
N THR D 453 4.58 -21.08 -22.28
CA THR D 453 4.23 -21.09 -23.68
C THR D 453 4.37 -22.52 -24.18
N ILE D 454 3.22 -23.16 -24.40
CA ILE D 454 3.19 -24.56 -24.85
C ILE D 454 3.64 -24.62 -26.30
N ARG D 455 3.03 -23.79 -27.15
CA ARG D 455 3.48 -23.62 -28.51
C ARG D 455 3.47 -22.15 -28.93
N LYS D 456 2.32 -21.67 -29.38
CA LYS D 456 2.27 -20.34 -30.00
C LYS D 456 2.06 -19.18 -29.03
N ALA D 457 3.03 -18.28 -29.00
CA ALA D 457 2.86 -17.01 -28.35
C ALA D 457 2.79 -15.95 -29.45
N SER D 458 1.58 -15.57 -29.83
CA SER D 458 1.40 -14.63 -30.92
C SER D 458 0.23 -13.70 -30.66
N ALA D 459 0.22 -12.58 -31.40
CA ALA D 459 -0.79 -11.54 -31.33
C ALA D 459 -0.90 -10.92 -29.92
N ALA D 460 -1.85 -10.00 -29.74
CA ALA D 460 -2.09 -9.39 -28.46
C ALA D 460 -2.58 -10.45 -27.47
N ALA D 461 -3.02 -11.58 -27.99
CA ALA D 461 -3.42 -12.70 -27.11
C ALA D 461 -2.29 -13.13 -26.19
N HIS D 462 -1.05 -13.14 -26.70
CA HIS D 462 0.11 -13.41 -25.88
C HIS D 462 0.18 -12.48 -24.66
N TYR D 463 -0.18 -11.22 -24.85
CA TYR D 463 -0.21 -10.25 -23.76
C TYR D 463 -1.31 -10.52 -22.77
N VAL D 464 -2.52 -10.74 -23.23
CA VAL D 464 -3.65 -10.80 -22.33
C VAL D 464 -3.72 -12.12 -21.57
N LEU D 465 -3.12 -13.17 -22.13
CA LEU D 465 -3.13 -14.49 -21.50
C LEU D 465 -2.05 -14.60 -20.42
N GLY D 466 -2.08 -13.66 -19.48
CA GLY D 466 -1.09 -13.60 -18.41
C GLY D 466 0.31 -13.51 -18.99
N GLY D 467 0.47 -12.71 -20.02
CA GLY D 467 1.76 -12.56 -20.67
C GLY D 467 2.79 -11.92 -19.75
N PRO D 468 4.07 -12.01 -20.13
CA PRO D 468 5.16 -11.41 -19.34
C PRO D 468 5.14 -9.89 -19.38
N GLN D 469 4.21 -9.33 -20.16
CA GLN D 469 4.05 -7.87 -20.24
C GLN D 469 3.37 -7.32 -18.99
N GLY D 470 2.86 -8.23 -18.16
CA GLY D 470 2.30 -7.87 -16.88
C GLY D 470 3.43 -7.91 -15.90
N ASN D 471 4.22 -6.84 -15.89
CA ASN D 471 5.43 -6.77 -15.06
C ASN D 471 5.19 -6.80 -13.54
N ASN D 472 3.94 -6.60 -13.11
CA ASN D 472 3.62 -6.71 -11.69
C ASN D 472 3.13 -8.09 -11.29
N THR D 473 2.82 -8.94 -12.26
CA THR D 473 2.23 -10.24 -11.94
C THR D 473 3.01 -11.43 -12.46
N ASN D 474 3.51 -11.35 -13.68
CA ASN D 474 4.26 -12.47 -14.24
C ASN D 474 5.66 -12.48 -13.64
N VAL D 475 5.97 -13.53 -12.91
CA VAL D 475 7.26 -13.64 -12.25
C VAL D 475 8.34 -13.88 -13.29
N PHE D 476 8.01 -14.76 -14.23
CA PHE D 476 8.81 -15.07 -15.40
C PHE D 476 7.98 -15.98 -16.30
N SER D 477 8.55 -16.36 -17.45
CA SER D 477 7.84 -17.20 -18.39
C SER D 477 8.78 -18.26 -18.93
N ILE D 478 8.24 -19.45 -19.15
CA ILE D 478 9.03 -20.54 -19.73
C ILE D 478 8.30 -21.12 -20.93
N GLY D 479 9.05 -21.79 -21.81
CA GLY D 479 8.47 -22.38 -23.02
C GLY D 479 8.99 -23.77 -23.27
N THR D 480 8.21 -24.59 -23.96
CA THR D 480 8.65 -25.91 -24.38
C THR D 480 9.42 -25.78 -25.69
N GLY D 481 9.99 -26.88 -26.17
CA GLY D 481 10.69 -26.90 -27.45
C GLY D 481 9.77 -26.72 -28.66
N ALA D 482 8.47 -26.89 -28.43
CA ALA D 482 7.45 -26.71 -29.46
C ALA D 482 6.96 -25.26 -29.54
N CYS D 483 7.61 -24.35 -28.81
CA CYS D 483 7.09 -23.00 -28.72
C CYS D 483 7.68 -22.11 -29.81
N GLU D 484 7.02 -20.99 -30.05
CA GLU D 484 7.47 -19.99 -31.02
C GLU D 484 6.77 -18.67 -30.76
N TYR D 485 7.50 -17.58 -30.97
CA TYR D 485 7.02 -16.24 -30.70
C TYR D 485 7.09 -15.40 -31.95
N TYR D 486 5.96 -14.80 -32.31
CA TYR D 486 5.90 -13.83 -33.41
C TYR D 486 4.63 -13.00 -33.27
N VAL D 487 4.64 -11.81 -33.87
CA VAL D 487 3.46 -10.97 -33.94
C VAL D 487 2.30 -11.75 -34.58
N MET D 488 2.60 -12.42 -35.71
CA MET D 488 1.68 -13.23 -36.50
C MET D 488 2.56 -14.06 -37.43
N PRO D 489 1.99 -15.10 -38.08
CA PRO D 489 2.85 -15.90 -38.96
C PRO D 489 3.43 -15.03 -40.07
N GLY D 490 4.68 -15.31 -40.45
CA GLY D 490 5.40 -14.60 -41.50
C GLY D 490 4.61 -14.37 -42.77
N GLU D 491 3.85 -15.39 -43.19
CA GLU D 491 3.02 -15.29 -44.40
C GLU D 491 1.89 -14.25 -44.25
N THR D 492 1.18 -14.31 -43.12
CA THR D 492 0.15 -13.31 -42.80
C THR D 492 0.76 -11.92 -42.71
N ALA D 493 1.94 -11.82 -42.10
CA ALA D 493 2.63 -10.53 -41.95
C ALA D 493 3.10 -9.98 -43.29
N ALA D 494 3.55 -10.87 -44.18
CA ALA D 494 3.98 -10.49 -45.51
C ALA D 494 2.86 -9.85 -46.30
N ASN D 495 1.68 -10.49 -46.29
CA ASN D 495 0.47 -9.91 -46.86
C ASN D 495 0.14 -8.57 -46.20
N ALA D 496 0.02 -8.56 -44.87
CA ALA D 496 -0.31 -7.34 -44.12
C ALA D 496 0.65 -6.18 -44.43
N MET D 497 1.94 -6.49 -44.56
CA MET D 497 2.97 -5.48 -44.83
C MET D 497 3.02 -4.97 -46.27
N TYR D 498 2.90 -5.89 -47.24
CA TYR D 498 3.23 -5.59 -48.63
C TYR D 498 2.08 -5.68 -49.65
N SER D 499 0.90 -6.12 -49.22
CA SER D 499 -0.23 -6.27 -50.14
C SER D 499 -0.59 -4.98 -50.88
N ARG D 500 -0.76 -3.89 -50.12
CA ARG D 500 -1.15 -2.59 -50.66
C ARG D 500 -0.07 -1.98 -51.56
N LYS D 501 1.19 -2.26 -51.23
CA LYS D 501 2.32 -1.82 -52.05
C LYS D 501 2.41 -2.61 -53.36
N LEU D 502 1.72 -3.75 -53.44
CA LEU D 502 1.64 -4.51 -54.69
C LEU D 502 0.65 -3.84 -55.63
N VAL D 503 -0.51 -3.49 -55.08
CA VAL D 503 -1.56 -2.78 -55.80
C VAL D 503 -1.03 -1.49 -56.42
N LYS D 504 -0.35 -0.67 -55.61
CA LYS D 504 0.25 0.57 -56.09
C LYS D 504 1.52 0.33 -56.92
N ALA D 505 1.40 -0.52 -57.96
CA ALA D 505 2.50 -0.86 -58.87
C ALA D 505 2.03 -1.75 -60.03
N GLN D 513 8.32 -7.35 -58.08
CA GLN D 513 9.37 -8.38 -57.94
C GLN D 513 10.39 -8.12 -56.84
N PRO D 514 10.92 -6.89 -56.73
CA PRO D 514 11.66 -6.54 -55.49
C PRO D 514 10.74 -6.55 -54.26
N ILE D 515 9.43 -6.41 -54.48
CA ILE D 515 8.44 -6.45 -53.41
C ILE D 515 8.10 -7.89 -52.99
N ILE D 516 8.11 -8.82 -53.94
CA ILE D 516 7.94 -10.23 -53.54
C ILE D 516 9.20 -10.83 -52.97
N GLY D 517 10.34 -10.24 -53.31
CA GLY D 517 11.61 -10.57 -52.65
C GLY D 517 11.45 -10.27 -51.17
N LYS D 518 11.13 -9.02 -50.86
CA LYS D 518 10.91 -8.58 -49.48
C LYS D 518 9.93 -9.46 -48.69
N MET D 519 8.90 -9.97 -49.35
CA MET D 519 7.90 -10.84 -48.72
C MET D 519 8.48 -12.19 -48.30
N ASN D 520 9.33 -12.76 -49.15
CA ASN D 520 10.02 -14.00 -48.80
C ASN D 520 11.12 -13.76 -47.78
N ASP D 521 11.78 -12.60 -47.86
CA ASP D 521 12.71 -12.16 -46.82
C ASP D 521 12.02 -12.17 -45.46
N MET D 522 10.77 -11.68 -45.44
CA MET D 522 9.99 -11.59 -44.23
C MET D 522 9.55 -12.96 -43.68
N ILE D 523 8.97 -13.80 -44.55
CA ILE D 523 8.54 -15.13 -44.15
C ILE D 523 9.72 -15.91 -43.54
N GLN D 524 10.88 -15.80 -44.17
CA GLN D 524 12.09 -16.44 -43.68
C GLN D 524 12.53 -15.84 -42.35
N MET D 525 12.56 -14.52 -42.29
CA MET D 525 13.04 -13.79 -41.11
C MET D 525 12.15 -14.05 -39.89
N TYR D 526 10.85 -14.21 -40.11
CA TYR D 526 9.92 -14.56 -39.05
C TYR D 526 10.14 -15.97 -38.53
N THR D 527 10.48 -16.89 -39.42
CA THR D 527 10.83 -18.25 -39.00
C THR D 527 12.11 -18.22 -38.15
N ASP D 528 13.16 -17.57 -38.66
CA ASP D 528 14.46 -17.49 -37.99
C ASP D 528 14.38 -16.90 -36.59
N LYS D 529 13.64 -15.81 -36.48
CA LYS D 529 13.57 -15.00 -35.26
C LYS D 529 12.42 -15.41 -34.36
N SER D 530 11.84 -16.59 -34.60
CA SER D 530 10.77 -17.13 -33.74
C SER D 530 11.05 -18.56 -33.23
N ARG D 531 12.29 -19.02 -33.40
CA ARG D 531 12.72 -20.35 -32.94
C ARG D 531 12.98 -20.28 -31.45
N PRO D 532 12.60 -21.32 -30.71
CA PRO D 532 12.73 -21.33 -29.26
C PRO D 532 14.05 -20.73 -28.75
N LYS D 533 15.18 -21.13 -29.34
CA LYS D 533 16.48 -20.68 -28.84
C LYS D 533 16.66 -19.16 -28.98
N TYR D 534 16.34 -18.65 -30.16
CA TYR D 534 16.39 -17.21 -30.42
C TYR D 534 15.51 -16.43 -29.44
N CYS D 535 14.29 -16.92 -29.26
CA CYS D 535 13.33 -16.34 -28.35
C CYS D 535 13.85 -16.17 -26.92
N THR D 536 14.47 -17.22 -26.38
CA THR D 536 15.02 -17.14 -25.04
C THR D 536 16.32 -16.35 -25.01
N GLU D 537 17.08 -16.40 -26.11
CA GLU D 537 18.29 -15.57 -26.26
C GLU D 537 17.93 -14.11 -26.12
N LYS D 538 16.81 -13.71 -26.72
CA LYS D 538 16.31 -12.33 -26.63
C LYS D 538 15.53 -12.10 -25.34
N GLY D 539 15.23 -13.19 -24.64
CA GLY D 539 14.46 -13.12 -23.41
C GLY D 539 12.95 -12.99 -23.57
N MET D 540 12.45 -13.24 -24.78
CA MET D 540 10.99 -13.21 -25.02
C MET D 540 10.32 -14.23 -24.13
N VAL D 541 11.04 -15.31 -23.89
CA VAL D 541 10.68 -16.33 -22.94
C VAL D 541 11.94 -16.51 -22.11
N ASP D 542 11.80 -16.73 -20.81
CA ASP D 542 12.98 -16.75 -19.94
C ASP D 542 13.80 -18.02 -20.05
N GLU D 543 13.13 -19.14 -20.30
CA GLU D 543 13.80 -20.42 -20.38
C GLU D 543 13.00 -21.39 -21.26
N ILE D 544 13.72 -22.06 -22.15
CA ILE D 544 13.19 -23.25 -22.79
C ILE D 544 13.48 -24.43 -21.87
N VAL D 545 12.39 -25.11 -21.46
CA VAL D 545 12.50 -26.24 -20.54
C VAL D 545 12.01 -27.50 -21.25
N ASP D 546 12.58 -28.64 -20.84
CA ASP D 546 12.20 -29.95 -21.37
C ASP D 546 10.77 -30.24 -21.00
N MET D 547 10.11 -31.06 -21.81
CA MET D 547 8.73 -31.41 -21.54
C MET D 547 8.60 -31.97 -20.14
N THR D 548 9.64 -32.66 -19.68
CA THR D 548 9.65 -33.33 -18.39
C THR D 548 10.11 -32.37 -17.29
N GLU D 549 10.42 -31.14 -17.67
CA GLU D 549 10.81 -30.10 -16.71
C GLU D 549 9.70 -29.09 -16.44
N VAL D 550 8.63 -29.13 -17.23
CA VAL D 550 7.53 -28.18 -17.08
C VAL D 550 6.92 -28.26 -15.67
N ARG D 551 6.52 -29.46 -15.26
CA ARG D 551 5.96 -29.65 -13.92
C ARG D 551 6.94 -29.24 -12.82
N PRO D 552 8.20 -29.76 -12.84
CA PRO D 552 9.18 -29.23 -11.90
C PRO D 552 9.16 -27.70 -11.74
N TYR D 553 9.05 -26.96 -12.85
CA TYR D 553 9.00 -25.47 -12.75
C TYR D 553 7.73 -24.97 -12.13
N ILE D 554 6.61 -25.57 -12.52
CA ILE D 554 5.33 -25.32 -11.89
C ILE D 554 5.45 -25.56 -10.40
N GLN D 555 6.08 -26.66 -10.02
CA GLN D 555 6.29 -27.03 -8.61
C GLN D 555 7.18 -26.03 -7.87
N ALA D 556 8.26 -25.60 -8.51
CA ALA D 556 9.13 -24.57 -7.97
C ALA D 556 8.37 -23.27 -7.79
N PHE D 557 7.65 -22.84 -8.84
CA PHE D 557 6.89 -21.61 -8.76
C PHE D 557 5.85 -21.65 -7.65
N THR D 558 5.00 -22.67 -7.66
CA THR D 558 3.86 -22.73 -6.73
C THR D 558 4.33 -22.74 -5.27
N GLU D 559 5.38 -23.53 -5.00
CA GLU D 559 5.89 -23.67 -3.64
C GLU D 559 6.61 -22.40 -3.19
N ALA D 560 7.26 -21.72 -4.13
CA ALA D 560 7.86 -20.42 -3.83
C ALA D 560 6.74 -19.39 -3.54
N ALA D 561 5.67 -19.43 -4.33
CA ALA D 561 4.54 -18.51 -4.18
C ALA D 561 3.77 -18.72 -2.87
N TYR D 562 3.78 -19.94 -2.35
CA TYR D 562 3.06 -20.25 -1.11
C TYR D 562 3.96 -20.27 0.10
N GLN D 563 5.23 -19.96 -0.11
CA GLN D 563 6.24 -20.02 0.95
C GLN D 563 6.02 -18.92 1.99
N ASN D 564 5.72 -17.73 1.49
CA ASN D 564 5.59 -16.58 2.34
C ASN D 564 4.64 -15.58 1.70
N PRO D 565 3.40 -16.01 1.40
CA PRO D 565 2.53 -15.13 0.64
C PRO D 565 2.14 -13.95 1.48
N GLN D 566 1.88 -12.83 0.82
CA GLN D 566 1.65 -11.58 1.52
C GLN D 566 0.19 -11.38 1.85
N SER D 567 -0.63 -12.33 1.41
CA SER D 567 -2.07 -12.28 1.59
C SER D 567 -2.65 -13.68 1.62
N ILE D 568 -3.68 -13.88 2.43
CA ILE D 568 -4.30 -15.19 2.60
C ILE D 568 -5.81 -15.15 2.38
N CYS D 569 -6.34 -16.14 1.67
CA CYS D 569 -7.78 -16.45 1.77
C CYS D 569 -8.01 -17.84 2.36
N PRO D 570 -8.60 -17.91 3.57
CA PRO D 570 -8.93 -19.20 4.18
C PRO D 570 -9.76 -20.03 3.22
N MET D 571 -9.51 -21.34 3.14
CA MET D 571 -10.17 -22.16 2.11
C MET D 571 -11.68 -22.05 2.19
N HIS D 572 -12.23 -22.07 3.41
CA HIS D 572 -13.68 -22.00 3.60
C HIS D 572 -14.29 -20.65 3.25
N GLN D 573 -13.42 -19.69 2.95
CA GLN D 573 -13.84 -18.35 2.52
C GLN D 573 -13.54 -18.09 1.04
N MET D 574 -13.10 -19.13 0.33
CA MET D 574 -12.75 -19.02 -1.09
C MET D 574 -14.00 -19.05 -1.96
N LEU D 575 -14.05 -18.15 -2.95
CA LEU D 575 -15.21 -18.05 -3.81
C LEU D 575 -15.13 -18.94 -5.07
N THR D 576 -13.95 -19.02 -5.67
CA THR D 576 -13.77 -19.81 -6.90
C THR D 576 -14.42 -21.19 -6.84
N PRO D 577 -14.15 -21.97 -5.78
CA PRO D 577 -14.76 -23.30 -5.74
C PRO D 577 -16.29 -23.24 -5.65
N ARG D 578 -16.83 -22.27 -4.92
CA ARG D 578 -18.26 -22.14 -4.76
C ARG D 578 -18.94 -21.76 -6.08
N SER D 579 -18.39 -20.77 -6.75
CA SER D 579 -18.94 -20.31 -8.02
C SER D 579 -18.84 -21.41 -9.08
N THR D 580 -17.75 -22.17 -9.04
CA THR D 580 -17.56 -23.32 -9.91
C THR D 580 -18.70 -24.33 -9.69
N ARG D 581 -18.84 -24.78 -8.45
CA ARG D 581 -19.92 -25.70 -8.06
C ARG D 581 -21.27 -25.24 -8.58
N GLU D 582 -21.62 -24.00 -8.31
CA GLU D 582 -22.92 -23.43 -8.67
C GLU D 582 -23.17 -23.44 -10.17
N PHE D 583 -22.15 -23.12 -10.96
CA PHE D 583 -22.28 -23.22 -12.42
C PHE D 583 -22.55 -24.67 -12.84
N GLU D 584 -21.96 -25.62 -12.13
CA GLU D 584 -22.17 -27.03 -12.44
C GLU D 584 -23.60 -27.46 -12.12
N THR D 585 -24.15 -26.99 -11.00
CA THR D 585 -25.44 -27.47 -10.53
C THR D 585 -26.65 -26.62 -10.97
N PHE D 586 -26.51 -25.29 -10.95
CA PHE D 586 -27.66 -24.40 -11.17
C PHE D 586 -28.16 -24.36 -12.62
CL CL E . 0.71 19.00 26.55
C13 COO F . -25.76 -22.67 26.23
C11 COO F . -24.53 -23.51 25.81
C14 COO F . -24.89 -24.75 24.99
C12 COO F . -23.74 -23.96 27.02
O6A COO F . -24.48 -24.97 27.71
P2A COO F . -23.79 -25.92 28.83
O4A COO F . -24.79 -27.00 29.16
O5A COO F . -22.40 -26.30 28.36
O3A COO F . -23.68 -24.99 30.17
P1A COO F . -22.43 -24.02 30.57
O2A COO F . -22.02 -24.25 32.01
O1A COO F . -21.37 -24.10 29.50
O5X COO F . -23.15 -22.57 30.51
C5X COO F . -24.56 -22.49 30.34
C4X COO F . -25.08 -21.31 31.14
O4X COO F . -24.34 -20.12 30.81
C3X COO F . -26.51 -21.02 30.74
O3X COO F . -27.51 -21.79 31.41
P3X COO F . -28.66 -22.50 30.51
O9A COO F . -29.58 -23.17 31.51
O7A COO F . -27.93 -23.49 29.60
O8A COO F . -29.29 -21.34 29.77
C2X COO F . -26.62 -19.53 30.96
O2X COO F . -26.78 -19.25 32.36
C1X COO F . -25.25 -19.04 30.52
N9A COO F . -25.25 -18.70 29.06
C8A COO F . -24.90 -19.50 28.03
N7A COO F . -25.03 -18.83 26.86
C5A COO F . -25.47 -17.59 27.14
C4A COO F . -25.61 -17.51 28.53
N3A COO F . -26.04 -16.34 29.08
C2A COO F . -26.33 -15.29 28.31
N1A COO F . -26.21 -15.35 26.98
C6A COO F . -25.78 -16.48 26.37
N6A COO F . -25.67 -16.51 25.02
O1 COO F . -26.50 -23.30 27.28
C1 COO F . -26.69 -22.31 25.09
O2 COO F . -27.22 -23.15 24.37
N1 COO F . -26.90 -21.01 24.96
C2 COO F . -27.71 -20.31 23.99
C3 COO F . -26.65 -19.52 23.22
C4 COO F . -27.20 -18.92 21.95
O3 COO F . -28.19 -19.36 21.39
N2 COO F . -26.54 -17.87 21.51
C5 COO F . -26.84 -17.09 20.32
C6 COO F . -26.74 -15.64 20.72
S1 COO F . -27.04 -14.71 19.25
C7 COO F . -25.59 -14.17 18.60
O4 COO F . -24.50 -14.58 19.01
C8 COO F . -25.68 -13.19 17.51
C9 COO F . -24.70 -13.01 16.63
C10 COO F . -24.88 -11.99 15.54
C15 COO F . -23.61 -22.59 25.01
CL CL G . 31.23 5.94 -6.47
C13 COO H . -1.60 1.32 -42.96
C11 COO H . -2.52 2.39 -42.35
C14 COO H . -4.00 2.20 -42.68
C12 COO H . -2.13 3.79 -42.83
O6A COO H . -2.44 3.93 -44.22
P2A COO H . -2.50 5.36 -44.93
O4A COO H . -3.15 5.14 -46.28
O5A COO H . -3.11 6.34 -43.95
O3A COO H . -0.96 5.75 -45.24
P1A COO H . 0.04 6.53 -44.23
O2A COO H . 0.77 7.64 -44.97
O1A COO H . -0.69 6.86 -42.95
O5X COO H . 1.14 5.39 -43.95
C5X COO H . 1.08 4.17 -44.68
C4X COO H . 2.50 3.70 -44.93
O4X COO H . 3.22 3.65 -43.70
C3X COO H . 2.47 2.26 -45.41
O3X COO H . 2.28 2.10 -46.82
P3X COO H . 1.16 1.02 -47.32
O9A COO H . 1.25 1.04 -48.83
O7A COO H . -0.17 1.51 -46.79
O8A COO H . 1.63 -0.29 -46.70
C2X COO H . 3.77 1.69 -44.90
O2X COO H . 4.86 2.15 -45.72
C1X COO H . 3.86 2.38 -43.55
N9A COO H . 3.24 1.52 -42.48
C8A COO H . 1.98 1.61 -42.02
N7A COO H . 1.77 0.68 -41.06
C5A COO H . 2.92 0.00 -40.91
C4A COO H . 3.85 0.53 -41.80
N3A COO H . 5.10 0.01 -41.83
C2A COO H . 5.45 -1.00 -41.03
N1A COO H . 4.58 -1.53 -40.16
C6A COO H . 3.31 -1.05 -40.08
N6A COO H . 2.46 -1.60 -39.20
O1 COO H . -1.44 1.47 -44.37
C1 COO H . -2.02 -0.10 -42.68
O2 COO H . -3.12 -0.53 -42.99
N1 COO H . -1.11 -0.84 -42.09
C2 COO H . -1.16 -2.23 -41.66
C3 COO H . -1.03 -2.06 -40.16
C4 COO H . -1.34 -3.35 -39.44
O3 COO H . -2.03 -4.21 -39.94
N2 COO H . -0.80 -3.47 -38.24
C5 COO H . -0.95 -4.62 -37.36
C6 COO H . 0.45 -4.87 -36.81
S1 COO H . 0.26 -6.16 -35.63
C7 COO H . 0.28 -5.55 -34.07
O4 COO H . 0.21 -4.34 -33.86
C8 COO H . 0.39 -6.53 -32.97
C9 COO H . -0.01 -6.25 -31.73
C10 COO H . 0.12 -7.29 -30.66
C15 COO H . -2.32 2.38 -40.85
CL CL I . -27.08 -14.75 10.61
C13 COO J . -13.46 29.04 28.93
C11 COO J . -13.38 29.64 27.52
C14 COO J . -12.35 30.77 27.40
C12 COO J . -14.73 30.21 27.08
O6A COO J . -15.05 31.37 27.85
P2A COO J . -16.21 32.40 27.41
O4A COO J . -16.07 33.63 28.29
O5A COO J . -16.16 32.55 25.90
O3A COO J . -17.60 31.69 27.86
P1A COO J . -18.48 30.65 26.99
O2A COO J . -19.95 31.04 26.99
O1A COO J . -17.83 30.45 25.64
O5X COO J . -18.34 29.30 27.85
C5X COO J . -17.73 29.34 29.14
C4X COO J . -18.44 28.37 30.06
O4X COO J . -18.53 27.06 29.46
C3X COO J . -17.62 28.18 31.32
O3X COO J . -17.83 29.15 32.35
P3X COO J . -16.52 29.83 33.04
O9A COO J . -17.09 30.75 34.10
O7A COO J . -15.79 30.57 31.93
O8A COO J . -15.76 28.64 33.58
C2X COO J . -17.95 26.76 31.72
O2X COO J . -19.23 26.72 32.37
C1X COO J . -18.06 26.05 30.37
N9A COO J . -16.72 25.50 29.96
C8A COO J . -15.80 26.09 29.19
N7A COO J . -14.72 25.28 29.04
C5A COO J . -14.98 24.15 29.73
C4A COO J . -16.24 24.29 30.30
N3A COO J . -16.73 23.28 31.06
C2A COO J . -16.03 22.15 31.25
N1A COO J . -14.81 22.00 30.71
C6A COO J . -14.27 22.96 29.95
N6A COO J . -13.04 22.77 29.40
O1 COO J . -14.10 29.93 29.84
C1 COO J . -12.13 28.60 29.50
O2 COO J . -11.19 29.38 29.63
N1 COO J . -12.08 27.32 29.85
C2 COO J . -10.97 26.56 30.40
C3 COO J . -10.68 25.58 29.28
C4 COO J . -9.38 24.84 29.49
O3 COO J . -8.47 25.31 30.16
N2 COO J . -9.30 23.67 28.90
C5 COO J . -8.17 22.76 28.91
C6 COO J . -8.75 21.38 29.16
S1 COO J . -7.37 20.27 29.11
C7 COO J . -7.31 19.47 27.66
O4 COO J . -8.02 19.82 26.72
C8 COO J . -6.37 18.34 27.55
C9 COO J . -5.88 17.94 26.38
C10 COO J . -4.93 16.79 26.35
C15 COO J . -13.05 28.51 26.54
CL CL K . -5.06 -10.45 -30.38
C13 COO L . 40.56 -7.85 -11.95
C11 COO L . 40.19 -8.71 -10.73
C14 COO L . 41.02 -8.41 -9.48
C12 COO L . 40.35 -10.20 -11.04
O6A COO L . 41.74 -10.54 -11.14
P2A COO L . 42.28 -12.05 -11.10
O4A COO L . 43.77 -11.97 -10.95
O5A COO L . 41.45 -12.78 -10.07
O3A COO L . 41.99 -12.64 -12.58
P1A COO L . 40.63 -13.37 -13.08
O2A COO L . 40.96 -14.64 -13.82
O1A COO L . 39.63 -13.40 -11.95
O5X COO L . 40.11 -12.33 -14.21
C5X COO L . 40.93 -11.22 -14.56
C4X COO L . 40.76 -10.93 -16.03
O4X COO L . 39.37 -10.78 -16.34
C3X COO L . 41.38 -9.58 -16.38
O3X COO L . 42.78 -9.62 -16.68
P3X COO L . 43.75 -8.51 -15.98
O9A COO L . 45.13 -8.79 -16.55
O7A COO L . 43.64 -8.77 -14.49
O8A COO L . 43.16 -7.20 -16.43
C2X COO L . 40.53 -9.11 -17.52
O2X COO L . 40.88 -9.81 -18.73
C1X COO L . 39.14 -9.58 -17.11
N9A COO L . 38.46 -8.52 -16.30
C8A COO L . 38.46 -8.39 -14.96
N7A COO L . 37.74 -7.30 -14.60
C5A COO L . 37.28 -6.73 -15.73
C4A COO L . 37.74 -7.50 -16.80
N3A COO L . 37.40 -7.13 -18.06
C2A COO L . 36.64 -6.05 -18.30
N1A COO L . 36.19 -5.30 -17.28
C6A COO L . 36.48 -5.61 -16.00
N6A COO L . 36.01 -4.83 -15.01
O1 COO L . 41.80 -8.24 -12.53
C1 COO L . 40.60 -6.37 -11.68
O2 COO L . 41.31 -5.87 -10.81
N1 COO L . 39.82 -5.65 -12.48
C2 COO L . 39.59 -4.22 -12.49
C3 COO L . 38.12 -4.16 -12.10
C4 COO L . 37.70 -2.74 -11.77
O3 COO L . 38.50 -1.90 -11.38
N2 COO L . 36.40 -2.51 -11.95
C5 COO L . 35.73 -1.24 -11.70
C6 COO L . 34.79 -1.06 -12.88
S1 COO L . 33.88 0.40 -12.51
C7 COO L . 32.34 0.05 -11.96
O4 COO L . 32.03 -1.09 -11.65
C8 COO L . 31.39 1.16 -11.86
C9 COO L . 30.35 1.14 -11.03
C10 COO L . 29.42 2.32 -10.98
C15 COO L . 38.71 -8.50 -10.44
#